data_6MOS
# 
_entry.id   6MOS 
# 
_audit_conform.dict_name       mmcif_pdbx.dic 
_audit_conform.dict_version    5.399 
_audit_conform.dict_location   http://mmcif.pdb.org/dictionaries/ascii/mmcif_pdbx.dic 
# 
loop_
_database_2.database_id 
_database_2.database_code 
_database_2.pdbx_database_accession 
_database_2.pdbx_DOI 
PDB   6MOS         pdb_00006mos 10.2210/pdb6mos/pdb 
WWPDB D_1000236149 ?            ?                   
# 
loop_
_pdbx_audit_revision_history.ordinal 
_pdbx_audit_revision_history.data_content_type 
_pdbx_audit_revision_history.major_revision 
_pdbx_audit_revision_history.minor_revision 
_pdbx_audit_revision_history.revision_date 
1 'Structure model' 1 0 2019-08-14 
2 'Structure model' 1 1 2024-03-06 
3 'Structure model' 1 2 2024-11-20 
# 
_pdbx_audit_revision_details.ordinal             1 
_pdbx_audit_revision_details.revision_ordinal    1 
_pdbx_audit_revision_details.data_content_type   'Structure model' 
_pdbx_audit_revision_details.provider            repository 
_pdbx_audit_revision_details.type                'Initial release' 
_pdbx_audit_revision_details.description         ? 
_pdbx_audit_revision_details.details             ? 
# 
loop_
_pdbx_audit_revision_group.ordinal 
_pdbx_audit_revision_group.revision_ordinal 
_pdbx_audit_revision_group.data_content_type 
_pdbx_audit_revision_group.group 
1 2 'Structure model' 'Data collection'        
2 2 'Structure model' 'Database references'    
3 2 'Structure model' 'Refinement description' 
4 3 'Structure model' 'Structure summary'      
# 
loop_
_pdbx_audit_revision_category.ordinal 
_pdbx_audit_revision_category.revision_ordinal 
_pdbx_audit_revision_category.data_content_type 
_pdbx_audit_revision_category.category 
1 2 'Structure model' chem_comp_atom            
2 2 'Structure model' chem_comp_bond            
3 2 'Structure model' database_2                
4 2 'Structure model' software                  
5 3 'Structure model' pdbx_entry_details        
6 3 'Structure model' pdbx_modification_feature 
# 
loop_
_pdbx_audit_revision_item.ordinal 
_pdbx_audit_revision_item.revision_ordinal 
_pdbx_audit_revision_item.data_content_type 
_pdbx_audit_revision_item.item 
1 2 'Structure model' '_database_2.pdbx_DOI'                
2 2 'Structure model' '_database_2.pdbx_database_accession' 
3 2 'Structure model' '_software.name'                      
# 
_pdbx_database_status.status_code                     REL 
_pdbx_database_status.status_code_sf                  REL 
_pdbx_database_status.status_code_mr                  ? 
_pdbx_database_status.entry_id                        6MOS 
_pdbx_database_status.recvd_initial_deposition_date   2018-10-04 
_pdbx_database_status.SG_entry                        N 
_pdbx_database_status.deposit_site                    RCSB 
_pdbx_database_status.process_site                    RCSB 
_pdbx_database_status.status_code_cs                  ? 
_pdbx_database_status.methods_development_category    ? 
_pdbx_database_status.pdb_format_compatible           Y 
_pdbx_database_status.status_code_nmr_data            ? 
# 
loop_
_audit_author.name 
_audit_author.pdbx_ordinal 
_audit_author.identifier_ORCID 
'Sahtout, N.'          1 ? 
'Kuttiyatveetil, J.R.' 2 ? 
'Sanders, D.A.R.'      3 ? 
# 
loop_
_citation.abstract 
_citation.abstract_id_CAS 
_citation.book_id_ISBN 
_citation.book_publisher 
_citation.book_publisher_city 
_citation.book_title 
_citation.coordinate_linkage 
_citation.country 
_citation.database_id_Medline 
_citation.details 
_citation.id 
_citation.journal_abbrev 
_citation.journal_id_ASTM 
_citation.journal_id_CSD 
_citation.journal_id_ISSN 
_citation.journal_full 
_citation.journal_issue 
_citation.journal_volume 
_citation.language 
_citation.page_first 
_citation.page_last 
_citation.title 
_citation.year 
_citation.database_id_CSD 
_citation.pdbx_database_id_DOI 
_citation.pdbx_database_id_PubMed 
_citation.unpublished_flag 
? ? ? ? ? ? ? ?  ? ? primary 'Biochim Biophys Acta Proteins Proteom' ?      ? 1878-1454 ? ? 1867 ? 426 433 
'Structure and function of the putative thioredoxin 1 from the thermophilic eubacterium Thermosipho africanus strain TCF52B.' 2019 
? 10.1016/j.bbapap.2019.01.011 30716506 ? 
? ? ? ? ? ? ? US ? ? 1       'Acta Crystallogr F Struct Biol Commun' ACSFEN ? 2053-230X ? ? 72   ? 443 447 
;Putative thioredoxin Trx1 from Thermosipho africanus strain TCF52B: expression, purification and structural determination using S-SAD.
;
2016 ? 10.1107/S2053230X16007214    27303896 ? 
# 
loop_
_citation_author.citation_id 
_citation_author.name 
_citation_author.ordinal 
_citation_author.identifier_ORCID 
primary 'Sahtout, N.'            1 ? 
primary 'Kuttiyatveetil, J.R.A.' 2 ? 
primary 'Sanders, D.A.R.'        3 ? 
1       'Sahtout, N.'            4 ? 
1       'Kuttiyatveetil, J.R.'   5 ? 
1       'Fodje, M.'              6 ? 
1       'Sanders, D.A.'          7 ? 
# 
loop_
_entity.id 
_entity.type 
_entity.src_method 
_entity.pdbx_description 
_entity.formula_weight 
_entity.pdbx_number_of_molecules 
_entity.pdbx_ec 
_entity.pdbx_mutation 
_entity.pdbx_fragment 
_entity.details 
1 polymer     man Thioredoxin                      13848.891 1  ? ? ? ? 
2 non-polymer syn 'TRIS(HYDROXYETHYL)AMINOMETHANE' 163.215   1  ? ? ? ? 
3 water       nat water                            18.015    21 ? ? ? ? 
# 
_entity_poly.entity_id                      1 
_entity_poly.type                           'polypeptide(L)' 
_entity_poly.nstd_linkage                   no 
_entity_poly.nstd_monomer                   no 
_entity_poly.pdbx_seq_one_letter_code       
;MSYYHHHHHHDYDIPTTENLYFQGAMAMKIEYFKNDKCSVCKAMLPKIQTIAKNFDIDIEVIDVIENPSYPAQKLVFTVP
TVIILDKEFEIKRFARNFSISEVINTIERYLEISNKE
;
_entity_poly.pdbx_seq_one_letter_code_can   
;MSYYHHHHHHDYDIPTTENLYFQGAMAMKIEYFKNDKCSVCKAMLPKIQTIAKNFDIDIEVIDVIENPSYPAQKLVFTVP
TVIILDKEFEIKRFARNFSISEVINTIERYLEISNKE
;
_entity_poly.pdbx_strand_id                 A 
_entity_poly.pdbx_target_identifier         ? 
# 
loop_
_pdbx_entity_nonpoly.entity_id 
_pdbx_entity_nonpoly.name 
_pdbx_entity_nonpoly.comp_id 
2 'TRIS(HYDROXYETHYL)AMINOMETHANE' TAM 
3 water                            HOH 
# 
loop_
_entity_poly_seq.entity_id 
_entity_poly_seq.num 
_entity_poly_seq.mon_id 
_entity_poly_seq.hetero 
1 1   MET n 
1 2   SER n 
1 3   TYR n 
1 4   TYR n 
1 5   HIS n 
1 6   HIS n 
1 7   HIS n 
1 8   HIS n 
1 9   HIS n 
1 10  HIS n 
1 11  ASP n 
1 12  TYR n 
1 13  ASP n 
1 14  ILE n 
1 15  PRO n 
1 16  THR n 
1 17  THR n 
1 18  GLU n 
1 19  ASN n 
1 20  LEU n 
1 21  TYR n 
1 22  PHE n 
1 23  GLN n 
1 24  GLY n 
1 25  ALA n 
1 26  MET n 
1 27  ALA n 
1 28  MET n 
1 29  LYS n 
1 30  ILE n 
1 31  GLU n 
1 32  TYR n 
1 33  PHE n 
1 34  LYS n 
1 35  ASN n 
1 36  ASP n 
1 37  LYS n 
1 38  CYS n 
1 39  SER n 
1 40  VAL n 
1 41  CYS n 
1 42  LYS n 
1 43  ALA n 
1 44  MET n 
1 45  LEU n 
1 46  PRO n 
1 47  LYS n 
1 48  ILE n 
1 49  GLN n 
1 50  THR n 
1 51  ILE n 
1 52  ALA n 
1 53  LYS n 
1 54  ASN n 
1 55  PHE n 
1 56  ASP n 
1 57  ILE n 
1 58  ASP n 
1 59  ILE n 
1 60  GLU n 
1 61  VAL n 
1 62  ILE n 
1 63  ASP n 
1 64  VAL n 
1 65  ILE n 
1 66  GLU n 
1 67  ASN n 
1 68  PRO n 
1 69  SER n 
1 70  TYR n 
1 71  PRO n 
1 72  ALA n 
1 73  GLN n 
1 74  LYS n 
1 75  LEU n 
1 76  VAL n 
1 77  PHE n 
1 78  THR n 
1 79  VAL n 
1 80  PRO n 
1 81  THR n 
1 82  VAL n 
1 83  ILE n 
1 84  ILE n 
1 85  LEU n 
1 86  ASP n 
1 87  LYS n 
1 88  GLU n 
1 89  PHE n 
1 90  GLU n 
1 91  ILE n 
1 92  LYS n 
1 93  ARG n 
1 94  PHE n 
1 95  ALA n 
1 96  ARG n 
1 97  ASN n 
1 98  PHE n 
1 99  SER n 
1 100 ILE n 
1 101 SER n 
1 102 GLU n 
1 103 VAL n 
1 104 ILE n 
1 105 ASN n 
1 106 THR n 
1 107 ILE n 
1 108 GLU n 
1 109 ARG n 
1 110 TYR n 
1 111 LEU n 
1 112 GLU n 
1 113 ILE n 
1 114 SER n 
1 115 ASN n 
1 116 LYS n 
1 117 GLU n 
# 
_entity_src_gen.entity_id                          1 
_entity_src_gen.pdbx_src_id                        1 
_entity_src_gen.pdbx_alt_source_flag               sample 
_entity_src_gen.pdbx_seq_type                      'Biological sequence' 
_entity_src_gen.pdbx_beg_seq_num                   1 
_entity_src_gen.pdbx_end_seq_num                   117 
_entity_src_gen.gene_src_common_name               ? 
_entity_src_gen.gene_src_genus                     ? 
_entity_src_gen.pdbx_gene_src_gene                 THA_37 
_entity_src_gen.gene_src_species                   ? 
_entity_src_gen.gene_src_strain                    TCF52B 
_entity_src_gen.gene_src_tissue                    ? 
_entity_src_gen.gene_src_tissue_fraction           ? 
_entity_src_gen.gene_src_details                   ? 
_entity_src_gen.pdbx_gene_src_fragment             ? 
_entity_src_gen.pdbx_gene_src_scientific_name      'Thermosipho africanus (strain TCF52B)' 
_entity_src_gen.pdbx_gene_src_ncbi_taxonomy_id     484019 
_entity_src_gen.pdbx_gene_src_variant              ? 
_entity_src_gen.pdbx_gene_src_cell_line            ? 
_entity_src_gen.pdbx_gene_src_atcc                 ? 
_entity_src_gen.pdbx_gene_src_organ                ? 
_entity_src_gen.pdbx_gene_src_organelle            ? 
_entity_src_gen.pdbx_gene_src_cell                 ? 
_entity_src_gen.pdbx_gene_src_cellular_location    ? 
_entity_src_gen.host_org_common_name               ? 
_entity_src_gen.pdbx_host_org_scientific_name      'Escherichia coli' 
_entity_src_gen.pdbx_host_org_ncbi_taxonomy_id     562 
_entity_src_gen.host_org_genus                     ? 
_entity_src_gen.pdbx_host_org_gene                 ? 
_entity_src_gen.pdbx_host_org_organ                ? 
_entity_src_gen.host_org_species                   ? 
_entity_src_gen.pdbx_host_org_tissue               ? 
_entity_src_gen.pdbx_host_org_tissue_fraction      ? 
_entity_src_gen.pdbx_host_org_strain               ? 
_entity_src_gen.pdbx_host_org_variant              ? 
_entity_src_gen.pdbx_host_org_cell_line            BL21-CodonPlus-RIL 
_entity_src_gen.pdbx_host_org_atcc                 ? 
_entity_src_gen.pdbx_host_org_culture_collection   ? 
_entity_src_gen.pdbx_host_org_cell                 ? 
_entity_src_gen.pdbx_host_org_organelle            ? 
_entity_src_gen.pdbx_host_org_cellular_location    ? 
_entity_src_gen.pdbx_host_org_vector_type          ? 
_entity_src_gen.pdbx_host_org_vector               ? 
_entity_src_gen.host_org_details                   ? 
_entity_src_gen.expression_system_id               ? 
_entity_src_gen.plasmid_name                       ? 
_entity_src_gen.plasmid_details                    ? 
_entity_src_gen.pdbx_description                   ? 
# 
loop_
_chem_comp.id 
_chem_comp.type 
_chem_comp.mon_nstd_flag 
_chem_comp.name 
_chem_comp.pdbx_synonyms 
_chem_comp.formula 
_chem_comp.formula_weight 
ALA 'L-peptide linking' y ALANINE                          ? 'C3 H7 N O2'     89.093  
ARG 'L-peptide linking' y ARGININE                         ? 'C6 H15 N4 O2 1' 175.209 
ASN 'L-peptide linking' y ASPARAGINE                       ? 'C4 H8 N2 O3'    132.118 
ASP 'L-peptide linking' y 'ASPARTIC ACID'                  ? 'C4 H7 N O4'     133.103 
CYS 'L-peptide linking' y CYSTEINE                         ? 'C3 H7 N O2 S'   121.158 
GLN 'L-peptide linking' y GLUTAMINE                        ? 'C5 H10 N2 O3'   146.144 
GLU 'L-peptide linking' y 'GLUTAMIC ACID'                  ? 'C5 H9 N O4'     147.129 
GLY 'peptide linking'   y GLYCINE                          ? 'C2 H5 N O2'     75.067  
HIS 'L-peptide linking' y HISTIDINE                        ? 'C6 H10 N3 O2 1' 156.162 
HOH non-polymer         . WATER                            ? 'H2 O'           18.015  
ILE 'L-peptide linking' y ISOLEUCINE                       ? 'C6 H13 N O2'    131.173 
LEU 'L-peptide linking' y LEUCINE                          ? 'C6 H13 N O2'    131.173 
LYS 'L-peptide linking' y LYSINE                           ? 'C6 H15 N2 O2 1' 147.195 
MET 'L-peptide linking' y METHIONINE                       ? 'C5 H11 N O2 S'  149.211 
PHE 'L-peptide linking' y PHENYLALANINE                    ? 'C9 H11 N O2'    165.189 
PRO 'L-peptide linking' y PROLINE                          ? 'C5 H9 N O2'     115.130 
SER 'L-peptide linking' y SERINE                           ? 'C3 H7 N O3'     105.093 
TAM non-polymer         . 'TRIS(HYDROXYETHYL)AMINOMETHANE' ? 'C7 H17 N O3'    163.215 
THR 'L-peptide linking' y THREONINE                        ? 'C4 H9 N O3'     119.119 
TYR 'L-peptide linking' y TYROSINE                         ? 'C9 H11 N O3'    181.189 
VAL 'L-peptide linking' y VALINE                           ? 'C5 H11 N O2'    117.146 
# 
loop_
_pdbx_poly_seq_scheme.asym_id 
_pdbx_poly_seq_scheme.entity_id 
_pdbx_poly_seq_scheme.seq_id 
_pdbx_poly_seq_scheme.mon_id 
_pdbx_poly_seq_scheme.ndb_seq_num 
_pdbx_poly_seq_scheme.pdb_seq_num 
_pdbx_poly_seq_scheme.auth_seq_num 
_pdbx_poly_seq_scheme.pdb_mon_id 
_pdbx_poly_seq_scheme.auth_mon_id 
_pdbx_poly_seq_scheme.pdb_strand_id 
_pdbx_poly_seq_scheme.pdb_ins_code 
_pdbx_poly_seq_scheme.hetero 
A 1 1   MET 1   1   ?   ?   ?   A . n 
A 1 2   SER 2   2   ?   ?   ?   A . n 
A 1 3   TYR 3   3   ?   ?   ?   A . n 
A 1 4   TYR 4   4   ?   ?   ?   A . n 
A 1 5   HIS 5   5   ?   ?   ?   A . n 
A 1 6   HIS 6   6   ?   ?   ?   A . n 
A 1 7   HIS 7   7   ?   ?   ?   A . n 
A 1 8   HIS 8   8   ?   ?   ?   A . n 
A 1 9   HIS 9   9   ?   ?   ?   A . n 
A 1 10  HIS 10  10  ?   ?   ?   A . n 
A 1 11  ASP 11  11  ?   ?   ?   A . n 
A 1 12  TYR 12  12  ?   ?   ?   A . n 
A 1 13  ASP 13  13  ?   ?   ?   A . n 
A 1 14  ILE 14  14  ?   ?   ?   A . n 
A 1 15  PRO 15  15  ?   ?   ?   A . n 
A 1 16  THR 16  16  ?   ?   ?   A . n 
A 1 17  THR 17  17  ?   ?   ?   A . n 
A 1 18  GLU 18  18  ?   ?   ?   A . n 
A 1 19  ASN 19  19  ?   ?   ?   A . n 
A 1 20  LEU 20  20  ?   ?   ?   A . n 
A 1 21  TYR 21  21  ?   ?   ?   A . n 
A 1 22  PHE 22  22  ?   ?   ?   A . n 
A 1 23  GLN 23  23  ?   ?   ?   A . n 
A 1 24  GLY 24  24  ?   ?   ?   A . n 
A 1 25  ALA 25  25  ?   ?   ?   A . n 
A 1 26  MET 26  26  ?   ?   ?   A . n 
A 1 27  ALA 27  27  ?   ?   ?   A . n 
A 1 28  MET 28  28  28  MET MET A . n 
A 1 29  LYS 29  29  29  LYS LYS A . n 
A 1 30  ILE 30  30  30  ILE ILE A . n 
A 1 31  GLU 31  31  31  GLU GLU A . n 
A 1 32  TYR 32  32  32  TYR TYR A . n 
A 1 33  PHE 33  33  33  PHE PHE A . n 
A 1 34  LYS 34  34  34  LYS LYS A . n 
A 1 35  ASN 35  35  35  ASN ASN A . n 
A 1 36  ASP 36  36  36  ASP ASP A . n 
A 1 37  LYS 37  37  37  LYS LYS A . n 
A 1 38  CYS 38  38  38  CYS CYS A . n 
A 1 39  SER 39  39  39  SER SER A . n 
A 1 40  VAL 40  40  40  VAL VAL A . n 
A 1 41  CYS 41  41  41  CYS CYS A . n 
A 1 42  LYS 42  42  42  LYS LYS A . n 
A 1 43  ALA 43  43  43  ALA ALA A . n 
A 1 44  MET 44  44  44  MET MET A . n 
A 1 45  LEU 45  45  45  LEU LEU A . n 
A 1 46  PRO 46  46  46  PRO PRO A . n 
A 1 47  LYS 47  47  47  LYS LYS A . n 
A 1 48  ILE 48  48  48  ILE ILE A . n 
A 1 49  GLN 49  49  49  GLN GLN A . n 
A 1 50  THR 50  50  50  THR THR A . n 
A 1 51  ILE 51  51  51  ILE ILE A . n 
A 1 52  ALA 52  52  52  ALA ALA A . n 
A 1 53  LYS 53  53  53  LYS LYS A . n 
A 1 54  ASN 54  54  54  ASN ASN A . n 
A 1 55  PHE 55  55  55  PHE PHE A . n 
A 1 56  ASP 56  56  56  ASP ASP A . n 
A 1 57  ILE 57  57  57  ILE ILE A . n 
A 1 58  ASP 58  58  58  ASP ASP A . n 
A 1 59  ILE 59  59  59  ILE ILE A . n 
A 1 60  GLU 60  60  60  GLU GLU A . n 
A 1 61  VAL 61  61  61  VAL VAL A . n 
A 1 62  ILE 62  62  62  ILE ILE A . n 
A 1 63  ASP 63  63  63  ASP ASP A . n 
A 1 64  VAL 64  64  64  VAL VAL A . n 
A 1 65  ILE 65  65  65  ILE ILE A . n 
A 1 66  GLU 66  66  66  GLU GLU A . n 
A 1 67  ASN 67  67  67  ASN ASN A . n 
A 1 68  PRO 68  68  68  PRO PRO A . n 
A 1 69  SER 69  69  69  SER SER A . n 
A 1 70  TYR 70  70  70  TYR TYR A . n 
A 1 71  PRO 71  71  71  PRO PRO A . n 
A 1 72  ALA 72  72  72  ALA ALA A . n 
A 1 73  GLN 73  73  73  GLN GLN A . n 
A 1 74  LYS 74  74  74  LYS LYS A . n 
A 1 75  LEU 75  75  75  LEU LEU A . n 
A 1 76  VAL 76  76  76  VAL VAL A . n 
A 1 77  PHE 77  77  77  PHE PHE A . n 
A 1 78  THR 78  78  78  THR THR A . n 
A 1 79  VAL 79  79  79  VAL VAL A . n 
A 1 80  PRO 80  80  80  PRO PRO A . n 
A 1 81  THR 81  81  81  THR THR A . n 
A 1 82  VAL 82  82  82  VAL VAL A . n 
A 1 83  ILE 83  83  83  ILE ILE A . n 
A 1 84  ILE 84  84  84  ILE ILE A . n 
A 1 85  LEU 85  85  85  LEU LEU A . n 
A 1 86  ASP 86  86  86  ASP ASP A . n 
A 1 87  LYS 87  87  87  LYS LYS A . n 
A 1 88  GLU 88  88  88  GLU GLU A . n 
A 1 89  PHE 89  89  89  PHE PHE A . n 
A 1 90  GLU 90  90  90  GLU GLU A . n 
A 1 91  ILE 91  91  91  ILE ILE A . n 
A 1 92  LYS 92  92  92  LYS LYS A . n 
A 1 93  ARG 93  93  93  ARG ARG A . n 
A 1 94  PHE 94  94  94  PHE PHE A . n 
A 1 95  ALA 95  95  95  ALA ALA A . n 
A 1 96  ARG 96  96  96  ARG ARG A . n 
A 1 97  ASN 97  97  97  ASN ASN A . n 
A 1 98  PHE 98  98  98  PHE PHE A . n 
A 1 99  SER 99  99  99  SER SER A . n 
A 1 100 ILE 100 100 100 ILE ILE A . n 
A 1 101 SER 101 101 101 SER SER A . n 
A 1 102 GLU 102 102 102 GLU GLU A . n 
A 1 103 VAL 103 103 103 VAL VAL A . n 
A 1 104 ILE 104 104 104 ILE ILE A . n 
A 1 105 ASN 105 105 105 ASN ASN A . n 
A 1 106 THR 106 106 106 THR THR A . n 
A 1 107 ILE 107 107 107 ILE ILE A . n 
A 1 108 GLU 108 108 108 GLU GLU A . n 
A 1 109 ARG 109 109 109 ARG ARG A . n 
A 1 110 TYR 110 110 110 TYR TYR A . n 
A 1 111 LEU 111 111 111 LEU LEU A . n 
A 1 112 GLU 112 112 112 GLU GLU A . n 
A 1 113 ILE 113 113 113 ILE ILE A . n 
A 1 114 SER 114 114 114 SER SER A . n 
A 1 115 ASN 115 115 115 ASN ASN A . n 
A 1 116 LYS 116 116 116 LYS LYS A . n 
A 1 117 GLU 117 117 ?   ?   ?   A . n 
# 
loop_
_pdbx_nonpoly_scheme.asym_id 
_pdbx_nonpoly_scheme.entity_id 
_pdbx_nonpoly_scheme.mon_id 
_pdbx_nonpoly_scheme.ndb_seq_num 
_pdbx_nonpoly_scheme.pdb_seq_num 
_pdbx_nonpoly_scheme.auth_seq_num 
_pdbx_nonpoly_scheme.pdb_mon_id 
_pdbx_nonpoly_scheme.auth_mon_id 
_pdbx_nonpoly_scheme.pdb_strand_id 
_pdbx_nonpoly_scheme.pdb_ins_code 
B 2 TAM 1  201 1  TAM TAM A . 
C 3 HOH 1  301 41 HOH HOH A . 
C 3 HOH 2  302 7  HOH HOH A . 
C 3 HOH 3  303 10 HOH HOH A . 
C 3 HOH 4  304 15 HOH HOH A . 
C 3 HOH 5  305 13 HOH HOH A . 
C 3 HOH 6  306 44 HOH HOH A . 
C 3 HOH 7  307 2  HOH HOH A . 
C 3 HOH 8  308 17 HOH HOH A . 
C 3 HOH 9  309 6  HOH HOH A . 
C 3 HOH 10 310 8  HOH HOH A . 
C 3 HOH 11 311 16 HOH HOH A . 
C 3 HOH 12 312 14 HOH HOH A . 
C 3 HOH 13 313 9  HOH HOH A . 
C 3 HOH 14 314 11 HOH HOH A . 
C 3 HOH 15 315 3  HOH HOH A . 
C 3 HOH 16 316 4  HOH HOH A . 
C 3 HOH 17 317 12 HOH HOH A . 
C 3 HOH 18 318 5  HOH HOH A . 
C 3 HOH 19 319 18 HOH HOH A . 
C 3 HOH 20 320 32 HOH HOH A . 
C 3 HOH 21 321 1  HOH HOH A . 
# 
loop_
_software.citation_id 
_software.classification 
_software.compiler_name 
_software.compiler_version 
_software.contact_author 
_software.contact_author_email 
_software.date 
_software.description 
_software.dependencies 
_software.hardware 
_software.language 
_software.location 
_software.mods 
_software.name 
_software.os 
_software.os_version 
_software.type 
_software.version 
_software.pdbx_ordinal 
? 'data collection' ? ? ? ? ? ? ? ? ? ? ? autoPROC ? ? ? . 1 
? 'data scaling'    ? ? ? ? ? ? ? ? ? ? ? SCALA    ? ? ? . 2 
? refinement        ? ? ? ? ? ? ? ? ? ? ? PHENIX   ? ? ? . 3 
# 
_cell.angle_alpha                  90.000 
_cell.angle_alpha_esd              ? 
_cell.angle_beta                   90.000 
_cell.angle_beta_esd               ? 
_cell.angle_gamma                  90.000 
_cell.angle_gamma_esd              ? 
_cell.entry_id                     6MOS 
_cell.details                      ? 
_cell.formula_units_Z              ? 
_cell.length_a                     40.454 
_cell.length_a_esd                 ? 
_cell.length_b                     41.023 
_cell.length_b_esd                 ? 
_cell.length_c                     55.822 
_cell.length_c_esd                 ? 
_cell.volume                       92639.090 
_cell.volume_esd                   ? 
_cell.Z_PDB                        4 
_cell.reciprocal_angle_alpha       ? 
_cell.reciprocal_angle_beta        ? 
_cell.reciprocal_angle_gamma       ? 
_cell.reciprocal_angle_alpha_esd   ? 
_cell.reciprocal_angle_beta_esd    ? 
_cell.reciprocal_angle_gamma_esd   ? 
_cell.reciprocal_length_a          ? 
_cell.reciprocal_length_b          ? 
_cell.reciprocal_length_c          ? 
_cell.reciprocal_length_a_esd      ? 
_cell.reciprocal_length_b_esd      ? 
_cell.reciprocal_length_c_esd      ? 
_cell.pdbx_unique_axis             ? 
# 
_symmetry.entry_id                         6MOS 
_symmetry.cell_setting                     ? 
_symmetry.Int_Tables_number                19 
_symmetry.space_group_name_Hall            'P 2ac 2ab' 
_symmetry.space_group_name_H-M             'P 21 21 21' 
_symmetry.pdbx_full_space_group_name_H-M   ? 
# 
_exptl.absorpt_coefficient_mu     ? 
_exptl.absorpt_correction_T_max   ? 
_exptl.absorpt_correction_T_min   ? 
_exptl.absorpt_correction_type    ? 
_exptl.absorpt_process_details    ? 
_exptl.entry_id                   6MOS 
_exptl.crystals_number            1 
_exptl.details                    ? 
_exptl.method                     'X-RAY DIFFRACTION' 
_exptl.method_details             ? 
# 
_exptl_crystal.colour                      ? 
_exptl_crystal.density_diffrn              ? 
_exptl_crystal.density_Matthews            1.67 
_exptl_crystal.density_method              ? 
_exptl_crystal.density_percent_sol         26.55 
_exptl_crystal.description                 'large irregular-shaped trapezoid crystals' 
_exptl_crystal.F_000                       ? 
_exptl_crystal.id                          1 
_exptl_crystal.preparation                 ? 
_exptl_crystal.size_max                    ? 
_exptl_crystal.size_mid                    ? 
_exptl_crystal.size_min                    ? 
_exptl_crystal.size_rad                    ? 
_exptl_crystal.colour_lustre               ? 
_exptl_crystal.colour_modifier             ? 
_exptl_crystal.colour_primary              ? 
_exptl_crystal.density_meas                ? 
_exptl_crystal.density_meas_esd            ? 
_exptl_crystal.density_meas_gt             ? 
_exptl_crystal.density_meas_lt             ? 
_exptl_crystal.density_meas_temp           ? 
_exptl_crystal.density_meas_temp_esd       ? 
_exptl_crystal.density_meas_temp_gt        ? 
_exptl_crystal.density_meas_temp_lt        ? 
_exptl_crystal.pdbx_crystal_image_url      ? 
_exptl_crystal.pdbx_crystal_image_format   ? 
_exptl_crystal.pdbx_mosaicity              ? 
_exptl_crystal.pdbx_mosaicity_esd          ? 
# 
_exptl_crystal_grow.apparatus       ? 
_exptl_crystal_grow.atmosphere      ? 
_exptl_crystal_grow.crystal_id      1 
_exptl_crystal_grow.details         ? 
_exptl_crystal_grow.method          MICROBATCH 
_exptl_crystal_grow.method_ref      ? 
_exptl_crystal_grow.pH              ? 
_exptl_crystal_grow.pressure        ? 
_exptl_crystal_grow.pressure_esd    ? 
_exptl_crystal_grow.seeding         ? 
_exptl_crystal_grow.seeding_ref     ? 
_exptl_crystal_grow.temp            289 
_exptl_crystal_grow.temp_details    ? 
_exptl_crystal_grow.temp_esd        ? 
_exptl_crystal_grow.time            ? 
_exptl_crystal_grow.pdbx_details    '0.2 M MgCl2 , 0.1 M bis-tris pH 6.5, 25%(w/v) PEG 3350' 
_exptl_crystal_grow.pdbx_pH_range   ? 
# 
_diffrn.ambient_environment              ? 
_diffrn.ambient_temp                     100 
_diffrn.ambient_temp_details             ? 
_diffrn.ambient_temp_esd                 ? 
_diffrn.crystal_id                       1 
_diffrn.crystal_support                  ? 
_diffrn.crystal_treatment                ? 
_diffrn.details                          ? 
_diffrn.id                               1 
_diffrn.ambient_pressure                 ? 
_diffrn.ambient_pressure_esd             ? 
_diffrn.ambient_pressure_gt              ? 
_diffrn.ambient_pressure_lt              ? 
_diffrn.ambient_temp_gt                  ? 
_diffrn.ambient_temp_lt                  ? 
_diffrn.pdbx_serial_crystal_experiment   N 
# 
_diffrn_detector.details                      ? 
_diffrn_detector.detector                     PIXEL 
_diffrn_detector.diffrn_id                    1 
_diffrn_detector.type                         'DECTRIS PILATUS3 S 6M' 
_diffrn_detector.area_resol_mean              ? 
_diffrn_detector.dtime                        ? 
_diffrn_detector.pdbx_frames_total            ? 
_diffrn_detector.pdbx_collection_time_total   ? 
_diffrn_detector.pdbx_collection_date         2015-12-04 
_diffrn_detector.pdbx_frequency               ? 
# 
_diffrn_radiation.collimation                      ? 
_diffrn_radiation.diffrn_id                        1 
_diffrn_radiation.filter_edge                      ? 
_diffrn_radiation.inhomogeneity                    ? 
_diffrn_radiation.monochromator                    ? 
_diffrn_radiation.polarisn_norm                    ? 
_diffrn_radiation.polarisn_ratio                   ? 
_diffrn_radiation.probe                            ? 
_diffrn_radiation.type                             ? 
_diffrn_radiation.xray_symbol                      ? 
_diffrn_radiation.wavelength_id                    1 
_diffrn_radiation.pdbx_monochromatic_or_laue_m_l   M 
_diffrn_radiation.pdbx_wavelength_list             ? 
_diffrn_radiation.pdbx_wavelength                  ? 
_diffrn_radiation.pdbx_diffrn_protocol             'SINGLE WAVELENGTH' 
_diffrn_radiation.pdbx_analyzer                    ? 
_diffrn_radiation.pdbx_scattering_type             x-ray 
# 
_diffrn_radiation_wavelength.id           1 
_diffrn_radiation_wavelength.wavelength   0.9795 
_diffrn_radiation_wavelength.wt           1.0 
# 
_diffrn_source.current                     ? 
_diffrn_source.details                     ? 
_diffrn_source.diffrn_id                   1 
_diffrn_source.power                       ? 
_diffrn_source.size                        ? 
_diffrn_source.source                      SYNCHROTRON 
_diffrn_source.target                      ? 
_diffrn_source.type                        'CLSI BEAMLINE 08ID-1' 
_diffrn_source.voltage                     ? 
_diffrn_source.take-off_angle              ? 
_diffrn_source.pdbx_wavelength_list        0.9795 
_diffrn_source.pdbx_wavelength             ? 
_diffrn_source.pdbx_synchrotron_beamline   08ID-1 
_diffrn_source.pdbx_synchrotron_site       CLSI 
# 
_reflns.B_iso_Wilson_estimate            25.4388546055 
_reflns.entry_id                         6MOS 
_reflns.data_reduction_details           ? 
_reflns.data_reduction_method            ? 
_reflns.d_resolution_high                1.80 
_reflns.d_resolution_low                 41.02 
_reflns.details                          ? 
_reflns.limit_h_max                      ? 
_reflns.limit_h_min                      ? 
_reflns.limit_k_max                      ? 
_reflns.limit_k_min                      ? 
_reflns.limit_l_max                      ? 
_reflns.limit_l_min                      ? 
_reflns.number_all                       ? 
_reflns.number_obs                       8989 
_reflns.observed_criterion               ? 
_reflns.observed_criterion_F_max         ? 
_reflns.observed_criterion_F_min         ? 
_reflns.observed_criterion_I_max         ? 
_reflns.observed_criterion_I_min         ? 
_reflns.observed_criterion_sigma_F       ? 
_reflns.observed_criterion_sigma_I       ? 
_reflns.percent_possible_obs             99.1 
_reflns.R_free_details                   ? 
_reflns.Rmerge_F_all                     ? 
_reflns.Rmerge_F_obs                     ? 
_reflns.Friedel_coverage                 ? 
_reflns.number_gt                        ? 
_reflns.threshold_expression             ? 
_reflns.pdbx_redundancy                  6.1 
_reflns.pdbx_Rmerge_I_obs                ? 
_reflns.pdbx_Rmerge_I_all                ? 
_reflns.pdbx_Rsym_value                  ? 
_reflns.pdbx_netI_over_av_sigmaI         ? 
_reflns.pdbx_netI_over_sigmaI            28.2 
_reflns.pdbx_res_netI_over_av_sigmaI_2   ? 
_reflns.pdbx_res_netI_over_sigmaI_2      ? 
_reflns.pdbx_chi_squared                 ? 
_reflns.pdbx_scaling_rejects             ? 
_reflns.pdbx_d_res_high_opt              ? 
_reflns.pdbx_d_res_low_opt               ? 
_reflns.pdbx_d_res_opt_method            ? 
_reflns.phase_calculation_details        ? 
_reflns.pdbx_Rrim_I_all                  ? 
_reflns.pdbx_Rpim_I_all                  ? 
_reflns.pdbx_d_opt                       ? 
_reflns.pdbx_number_measured_all         ? 
_reflns.pdbx_diffrn_id                   1 
_reflns.pdbx_ordinal                     1 
_reflns.pdbx_CC_half                     ? 
_reflns.pdbx_R_split                     ? 
# 
_reflns_shell.d_res_high                  1.80 
_reflns_shell.d_res_low                   1.90 
_reflns_shell.meanI_over_sigI_all         ? 
_reflns_shell.meanI_over_sigI_obs         7.3 
_reflns_shell.number_measured_all         ? 
_reflns_shell.number_measured_obs         ? 
_reflns_shell.number_possible             ? 
_reflns_shell.number_unique_all           ? 
_reflns_shell.number_unique_obs           1198 
_reflns_shell.percent_possible_all        95.0 
_reflns_shell.percent_possible_obs        ? 
_reflns_shell.Rmerge_F_all                ? 
_reflns_shell.Rmerge_F_obs                ? 
_reflns_shell.Rmerge_I_all                ? 
_reflns_shell.Rmerge_I_obs                ? 
_reflns_shell.meanI_over_sigI_gt          ? 
_reflns_shell.meanI_over_uI_all           ? 
_reflns_shell.meanI_over_uI_gt            ? 
_reflns_shell.number_measured_gt          ? 
_reflns_shell.number_unique_gt            ? 
_reflns_shell.percent_possible_gt         ? 
_reflns_shell.Rmerge_F_gt                 ? 
_reflns_shell.Rmerge_I_gt                 ? 
_reflns_shell.pdbx_redundancy             3.3 
_reflns_shell.pdbx_Rsym_value             ? 
_reflns_shell.pdbx_chi_squared            ? 
_reflns_shell.pdbx_netI_over_sigmaI_all   ? 
_reflns_shell.pdbx_netI_over_sigmaI_obs   ? 
_reflns_shell.pdbx_Rrim_I_all             ? 
_reflns_shell.pdbx_Rpim_I_all             ? 
_reflns_shell.pdbx_rejects                ? 
_reflns_shell.pdbx_ordinal                1 
_reflns_shell.pdbx_diffrn_id              1 
_reflns_shell.pdbx_CC_half                ? 
_reflns_shell.pdbx_R_split                ? 
# 
_refine.aniso_B[1][1]                            ? 
_refine.aniso_B[1][2]                            ? 
_refine.aniso_B[1][3]                            ? 
_refine.aniso_B[2][2]                            ? 
_refine.aniso_B[2][3]                            ? 
_refine.aniso_B[3][3]                            ? 
_refine.B_iso_max                                ? 
_refine.B_iso_mean                               32.5232942362 
_refine.B_iso_min                                ? 
_refine.correlation_coeff_Fo_to_Fc               ? 
_refine.correlation_coeff_Fo_to_Fc_free          ? 
_refine.details                                  ? 
_refine.diff_density_max                         ? 
_refine.diff_density_max_esd                     ? 
_refine.diff_density_min                         ? 
_refine.diff_density_min_esd                     ? 
_refine.diff_density_rms                         ? 
_refine.diff_density_rms_esd                     ? 
_refine.entry_id                                 6MOS 
_refine.pdbx_refine_id                           'X-RAY DIFFRACTION' 
_refine.ls_abs_structure_details                 ? 
_refine.ls_abs_structure_Flack                   ? 
_refine.ls_abs_structure_Flack_esd               ? 
_refine.ls_abs_structure_Rogers                  ? 
_refine.ls_abs_structure_Rogers_esd              ? 
_refine.ls_d_res_high                            1.80013732031 
_refine.ls_d_res_low                             33.0566043115 
_refine.ls_extinction_coef                       ? 
_refine.ls_extinction_coef_esd                   ? 
_refine.ls_extinction_expression                 ? 
_refine.ls_extinction_method                     ? 
_refine.ls_goodness_of_fit_all                   ? 
_refine.ls_goodness_of_fit_all_esd               ? 
_refine.ls_goodness_of_fit_obs                   ? 
_refine.ls_goodness_of_fit_obs_esd               ? 
_refine.ls_hydrogen_treatment                    ? 
_refine.ls_matrix_type                           ? 
_refine.ls_number_constraints                    ? 
_refine.ls_number_parameters                     ? 
_refine.ls_number_reflns_all                     ? 
_refine.ls_number_reflns_obs                     8944 
_refine.ls_number_reflns_R_free                  433 
_refine.ls_number_reflns_R_work                  ? 
_refine.ls_number_restraints                     ? 
_refine.ls_percent_reflns_obs                    98.8396507901 
_refine.ls_percent_reflns_R_free                 4.84123434705 
_refine.ls_R_factor_all                          ? 
_refine.ls_R_factor_obs                          0.212317242433 
_refine.ls_R_factor_R_free                       0.24563185947 
_refine.ls_R_factor_R_free_error                 ? 
_refine.ls_R_factor_R_free_error_details         ? 
_refine.ls_R_factor_R_work                       0.210661817761 
_refine.ls_R_Fsqd_factor_obs                     ? 
_refine.ls_R_I_factor_obs                        ? 
_refine.ls_redundancy_reflns_all                 ? 
_refine.ls_redundancy_reflns_obs                 ? 
_refine.ls_restrained_S_all                      ? 
_refine.ls_restrained_S_obs                      ? 
_refine.ls_shift_over_esd_max                    ? 
_refine.ls_shift_over_esd_mean                   ? 
_refine.ls_structure_factor_coef                 ? 
_refine.ls_weighting_details                     ? 
_refine.ls_weighting_scheme                      ? 
_refine.ls_wR_factor_all                         ? 
_refine.ls_wR_factor_obs                         ? 
_refine.ls_wR_factor_R_free                      ? 
_refine.ls_wR_factor_R_work                      ? 
_refine.occupancy_max                            ? 
_refine.occupancy_min                            ? 
_refine.solvent_model_details                    ? 
_refine.solvent_model_param_bsol                 ? 
_refine.solvent_model_param_ksol                 ? 
_refine.ls_R_factor_gt                           ? 
_refine.ls_goodness_of_fit_gt                    ? 
_refine.ls_goodness_of_fit_ref                   ? 
_refine.ls_shift_over_su_max                     ? 
_refine.ls_shift_over_su_max_lt                  ? 
_refine.ls_shift_over_su_mean                    ? 
_refine.ls_shift_over_su_mean_lt                 ? 
_refine.pdbx_ls_sigma_I                          ? 
_refine.pdbx_ls_sigma_F                          1.33595773055 
_refine.pdbx_ls_sigma_Fsqd                       ? 
_refine.pdbx_data_cutoff_high_absF               ? 
_refine.pdbx_data_cutoff_high_rms_absF           ? 
_refine.pdbx_data_cutoff_low_absF                ? 
_refine.pdbx_isotropic_thermal_model             ? 
_refine.pdbx_ls_cross_valid_method               NONE 
_refine.pdbx_method_to_determine_struct          'MOLECULAR REPLACEMENT' 
_refine.pdbx_starting_model                      ? 
_refine.pdbx_stereochemistry_target_values       ? 
_refine.pdbx_R_Free_selection_details            ? 
_refine.pdbx_stereochem_target_val_spec_case     ? 
_refine.pdbx_overall_ESU_R                       ? 
_refine.pdbx_overall_ESU_R_Free                  ? 
_refine.pdbx_solvent_vdw_probe_radii             1.11 
_refine.pdbx_solvent_ion_probe_radii             ? 
_refine.pdbx_solvent_shrinkage_radii             0.9 
_refine.pdbx_real_space_R                        ? 
_refine.pdbx_density_correlation                 ? 
_refine.pdbx_pd_number_of_powder_patterns        ? 
_refine.pdbx_pd_number_of_points                 ? 
_refine.pdbx_pd_meas_number_of_points            ? 
_refine.pdbx_pd_proc_ls_prof_R_factor            ? 
_refine.pdbx_pd_proc_ls_prof_wR_factor           ? 
_refine.pdbx_pd_Marquardt_correlation_coeff      ? 
_refine.pdbx_pd_Fsqrd_R_factor                   ? 
_refine.pdbx_pd_ls_matrix_band_width             ? 
_refine.pdbx_overall_phase_error                 30.8445965544 
_refine.pdbx_overall_SU_R_free_Cruickshank_DPI   ? 
_refine.pdbx_overall_SU_R_free_Blow_DPI          ? 
_refine.pdbx_overall_SU_R_Blow_DPI               ? 
_refine.pdbx_TLS_residual_ADP_flag               ? 
_refine.pdbx_diffrn_id                           1 
_refine.overall_SU_B                             ? 
_refine.overall_SU_ML                            0.154539013252 
_refine.overall_SU_R_Cruickshank_DPI             ? 
_refine.overall_SU_R_free                        ? 
_refine.overall_FOM_free_R_set                   ? 
_refine.overall_FOM_work_R_set                   ? 
_refine.pdbx_average_fsc_overall                 ? 
_refine.pdbx_average_fsc_work                    ? 
_refine.pdbx_average_fsc_free                    ? 
# 
_refine_hist.pdbx_refine_id                   'X-RAY DIFFRACTION' 
_refine_hist.cycle_id                         LAST 
_refine_hist.pdbx_number_atoms_protein        730 
_refine_hist.pdbx_number_atoms_nucleic_acid   0 
_refine_hist.pdbx_number_atoms_ligand         11 
_refine_hist.number_atoms_solvent             21 
_refine_hist.number_atoms_total               762 
_refine_hist.d_res_high                       1.80013732031 
_refine_hist.d_res_low                        33.0566043115 
# 
loop_
_refine_ls_restr.pdbx_refine_id 
_refine_ls_restr.criterion 
_refine_ls_restr.dev_ideal 
_refine_ls_restr.dev_ideal_target 
_refine_ls_restr.number 
_refine_ls_restr.rejects 
_refine_ls_restr.type 
_refine_ls_restr.weight 
_refine_ls_restr.pdbx_restraint_function 
'X-RAY DIFFRACTION' ? 0.00623932333739 ? 761  ? f_bond_d           ? ? 
'X-RAY DIFFRACTION' ? 0.84307574714    ? 1028 ? f_angle_d          ? ? 
'X-RAY DIFFRACTION' ? 0.0544356261178  ? 120  ? f_chiral_restr     ? ? 
'X-RAY DIFFRACTION' ? 0.00405494837583 ? 127  ? f_plane_restr      ? ? 
'X-RAY DIFFRACTION' ? 11.2951731028    ? 485  ? f_dihedral_angle_d ? ? 
# 
loop_
_refine_ls_shell.pdbx_refine_id 
_refine_ls_shell.d_res_high 
_refine_ls_shell.d_res_low 
_refine_ls_shell.number_reflns_all 
_refine_ls_shell.number_reflns_obs 
_refine_ls_shell.number_reflns_R_free 
_refine_ls_shell.number_reflns_R_work 
_refine_ls_shell.percent_reflns_obs 
_refine_ls_shell.percent_reflns_R_free 
_refine_ls_shell.R_factor_all 
_refine_ls_shell.R_factor_obs 
_refine_ls_shell.R_factor_R_free 
_refine_ls_shell.R_factor_R_free_error 
_refine_ls_shell.R_factor_R_work 
_refine_ls_shell.redundancy_reflns_all 
_refine_ls_shell.redundancy_reflns_obs 
_refine_ls_shell.wR_factor_all 
_refine_ls_shell.wR_factor_obs 
_refine_ls_shell.wR_factor_R_free 
_refine_ls_shell.wR_factor_R_work 
_refine_ls_shell.pdbx_total_number_of_bins_used 
_refine_ls_shell.pdbx_phase_error 
_refine_ls_shell.pdbx_fsc_work 
_refine_ls_shell.pdbx_fsc_free 
'X-RAY DIFFRACTION' 1.8001 2.0606  . . 135 2728 96.722972973  . . . 0.275331976872 . 0.190539822959 . . . . . . . . . . 
'X-RAY DIFFRACTION' 2.0606 2.596   . . 142 2819 99.7977755308 . . . 0.278180336873 . 0.236981543593 . . . . . . . . . . 
'X-RAY DIFFRACTION' 2.596  33.0622 . . 156 2964 99.935938501  . . . 0.23047843337  . 0.205098159402 . . . . . . . . . . 
# 
_struct.entry_id                     6MOS 
_struct.title                        'Structure of thioredoxin 1 from the thermophilic eubacterium Thermosipho africanus TCF52B' 
_struct.pdbx_model_details           ? 
_struct.pdbx_formula_weight          ? 
_struct.pdbx_formula_weight_method   ? 
_struct.pdbx_model_type_details      ? 
_struct.pdbx_CASP_flag               N 
# 
_struct_keywords.entry_id        6MOS 
_struct_keywords.text            'thioredoxin, thermophile, Thermosipho africanus, protein stability, catalysis, OXIDOREDUCTASE' 
_struct_keywords.pdbx_keywords   OXIDOREDUCTASE 
# 
loop_
_struct_asym.id 
_struct_asym.pdbx_blank_PDB_chainid_flag 
_struct_asym.pdbx_modified 
_struct_asym.entity_id 
_struct_asym.details 
A N N 1 ? 
B N N 2 ? 
C N N 3 ? 
# 
_struct_ref.id                         1 
_struct_ref.db_name                    UNP 
_struct_ref.db_code                    B7IEN1_THEAB 
_struct_ref.pdbx_db_accession          B7IEN1 
_struct_ref.pdbx_db_isoform            ? 
_struct_ref.entity_id                  1 
_struct_ref.pdbx_seq_one_letter_code   
;MKIEYFKNDKCSVCKAMLPKIQTIAKNFDIDIEVIDVIENPSYPAQKLVFTVPTVIILDKEFEIKRFARNFSISEVINTI
ERYLEISNKE
;
_struct_ref.pdbx_align_begin           1 
# 
_struct_ref_seq.align_id                      1 
_struct_ref_seq.ref_id                        1 
_struct_ref_seq.pdbx_PDB_id_code              6MOS 
_struct_ref_seq.pdbx_strand_id                A 
_struct_ref_seq.seq_align_beg                 28 
_struct_ref_seq.pdbx_seq_align_beg_ins_code   ? 
_struct_ref_seq.seq_align_end                 117 
_struct_ref_seq.pdbx_seq_align_end_ins_code   ? 
_struct_ref_seq.pdbx_db_accession             B7IEN1 
_struct_ref_seq.db_align_beg                  1 
_struct_ref_seq.pdbx_db_align_beg_ins_code    ? 
_struct_ref_seq.db_align_end                  90 
_struct_ref_seq.pdbx_db_align_end_ins_code    ? 
_struct_ref_seq.pdbx_auth_seq_align_beg       28 
_struct_ref_seq.pdbx_auth_seq_align_end       117 
# 
loop_
_struct_ref_seq_dif.align_id 
_struct_ref_seq_dif.pdbx_pdb_id_code 
_struct_ref_seq_dif.mon_id 
_struct_ref_seq_dif.pdbx_pdb_strand_id 
_struct_ref_seq_dif.seq_num 
_struct_ref_seq_dif.pdbx_pdb_ins_code 
_struct_ref_seq_dif.pdbx_seq_db_name 
_struct_ref_seq_dif.pdbx_seq_db_accession_code 
_struct_ref_seq_dif.db_mon_id 
_struct_ref_seq_dif.pdbx_seq_db_seq_num 
_struct_ref_seq_dif.details 
_struct_ref_seq_dif.pdbx_auth_seq_num 
_struct_ref_seq_dif.pdbx_ordinal 
1 6MOS MET A 1  ? UNP B7IEN1 ? ? 'initiating methionine' 1  1  
1 6MOS SER A 2  ? UNP B7IEN1 ? ? 'expression tag'        2  2  
1 6MOS TYR A 3  ? UNP B7IEN1 ? ? 'expression tag'        3  3  
1 6MOS TYR A 4  ? UNP B7IEN1 ? ? 'expression tag'        4  4  
1 6MOS HIS A 5  ? UNP B7IEN1 ? ? 'expression tag'        5  5  
1 6MOS HIS A 6  ? UNP B7IEN1 ? ? 'expression tag'        6  6  
1 6MOS HIS A 7  ? UNP B7IEN1 ? ? 'expression tag'        7  7  
1 6MOS HIS A 8  ? UNP B7IEN1 ? ? 'expression tag'        8  8  
1 6MOS HIS A 9  ? UNP B7IEN1 ? ? 'expression tag'        9  9  
1 6MOS HIS A 10 ? UNP B7IEN1 ? ? 'expression tag'        10 10 
1 6MOS ASP A 11 ? UNP B7IEN1 ? ? 'expression tag'        11 11 
1 6MOS TYR A 12 ? UNP B7IEN1 ? ? 'expression tag'        12 12 
1 6MOS ASP A 13 ? UNP B7IEN1 ? ? 'expression tag'        13 13 
1 6MOS ILE A 14 ? UNP B7IEN1 ? ? 'expression tag'        14 14 
1 6MOS PRO A 15 ? UNP B7IEN1 ? ? 'expression tag'        15 15 
1 6MOS THR A 16 ? UNP B7IEN1 ? ? 'expression tag'        16 16 
1 6MOS THR A 17 ? UNP B7IEN1 ? ? 'expression tag'        17 17 
1 6MOS GLU A 18 ? UNP B7IEN1 ? ? 'expression tag'        18 18 
1 6MOS ASN A 19 ? UNP B7IEN1 ? ? 'expression tag'        19 19 
1 6MOS LEU A 20 ? UNP B7IEN1 ? ? 'expression tag'        20 20 
1 6MOS TYR A 21 ? UNP B7IEN1 ? ? 'expression tag'        21 21 
1 6MOS PHE A 22 ? UNP B7IEN1 ? ? 'expression tag'        22 22 
1 6MOS GLN A 23 ? UNP B7IEN1 ? ? 'expression tag'        23 23 
1 6MOS GLY A 24 ? UNP B7IEN1 ? ? 'expression tag'        24 24 
1 6MOS ALA A 25 ? UNP B7IEN1 ? ? 'expression tag'        25 25 
1 6MOS MET A 26 ? UNP B7IEN1 ? ? 'expression tag'        26 26 
1 6MOS ALA A 27 ? UNP B7IEN1 ? ? 'expression tag'        27 27 
# 
_pdbx_struct_assembly.id                   1 
_pdbx_struct_assembly.details              author_defined_assembly 
_pdbx_struct_assembly.method_details       ? 
_pdbx_struct_assembly.oligomeric_details   monomeric 
_pdbx_struct_assembly.oligomeric_count     1 
# 
loop_
_pdbx_struct_assembly_prop.biol_id 
_pdbx_struct_assembly_prop.type 
_pdbx_struct_assembly_prop.value 
_pdbx_struct_assembly_prop.details 
1 'ABSA (A^2)' 210  ? 
1 MORE         -1   ? 
1 'SSA (A^2)'  5800 ? 
# 
_pdbx_struct_assembly_gen.assembly_id       1 
_pdbx_struct_assembly_gen.oper_expression   1 
_pdbx_struct_assembly_gen.asym_id_list      A,B,C 
# 
_pdbx_struct_assembly_auth_evidence.id                     1 
_pdbx_struct_assembly_auth_evidence.assembly_id            1 
_pdbx_struct_assembly_auth_evidence.experimental_support   none 
_pdbx_struct_assembly_auth_evidence.details                ? 
# 
_pdbx_struct_oper_list.id                   1 
_pdbx_struct_oper_list.type                 'identity operation' 
_pdbx_struct_oper_list.name                 1_555 
_pdbx_struct_oper_list.symmetry_operation   x,y,z 
_pdbx_struct_oper_list.matrix[1][1]         1.0000000000 
_pdbx_struct_oper_list.matrix[1][2]         0.0000000000 
_pdbx_struct_oper_list.matrix[1][3]         0.0000000000 
_pdbx_struct_oper_list.vector[1]            0.0000000000 
_pdbx_struct_oper_list.matrix[2][1]         0.0000000000 
_pdbx_struct_oper_list.matrix[2][2]         1.0000000000 
_pdbx_struct_oper_list.matrix[2][3]         0.0000000000 
_pdbx_struct_oper_list.vector[2]            0.0000000000 
_pdbx_struct_oper_list.matrix[3][1]         0.0000000000 
_pdbx_struct_oper_list.matrix[3][2]         0.0000000000 
_pdbx_struct_oper_list.matrix[3][3]         1.0000000000 
_pdbx_struct_oper_list.vector[3]            0.0000000000 
# 
loop_
_struct_conf.conf_type_id 
_struct_conf.id 
_struct_conf.pdbx_PDB_helix_id 
_struct_conf.beg_label_comp_id 
_struct_conf.beg_label_asym_id 
_struct_conf.beg_label_seq_id 
_struct_conf.pdbx_beg_PDB_ins_code 
_struct_conf.end_label_comp_id 
_struct_conf.end_label_asym_id 
_struct_conf.end_label_seq_id 
_struct_conf.pdbx_end_PDB_ins_code 
_struct_conf.beg_auth_comp_id 
_struct_conf.beg_auth_asym_id 
_struct_conf.beg_auth_seq_id 
_struct_conf.end_auth_comp_id 
_struct_conf.end_auth_asym_id 
_struct_conf.end_auth_seq_id 
_struct_conf.pdbx_PDB_helix_class 
_struct_conf.details 
_struct_conf.pdbx_PDB_helix_length 
HELX_P HELX_P1 AA1 CYS A 38 ? ASP A 56  ? CYS A 38 ASP A 56  1 ? 19 
HELX_P HELX_P2 AA2 PRO A 68 ? LYS A 74  ? PRO A 68 LYS A 74  1 ? 7  
HELX_P HELX_P3 AA3 SER A 99 ? LYS A 116 ? SER A 99 LYS A 116 1 ? 18 
# 
_struct_conf_type.id          HELX_P 
_struct_conf_type.criteria    ? 
_struct_conf_type.reference   ? 
# 
_struct_conn.id                            disulf1 
_struct_conn.conn_type_id                  disulf 
_struct_conn.pdbx_leaving_atom_flag        ? 
_struct_conn.pdbx_PDB_id                   ? 
_struct_conn.ptnr1_label_asym_id           A 
_struct_conn.ptnr1_label_comp_id           CYS 
_struct_conn.ptnr1_label_seq_id            38 
_struct_conn.ptnr1_label_atom_id           SG 
_struct_conn.pdbx_ptnr1_label_alt_id       ? 
_struct_conn.pdbx_ptnr1_PDB_ins_code       ? 
_struct_conn.pdbx_ptnr1_standard_comp_id   ? 
_struct_conn.ptnr1_symmetry                1_555 
_struct_conn.ptnr2_label_asym_id           A 
_struct_conn.ptnr2_label_comp_id           CYS 
_struct_conn.ptnr2_label_seq_id            41 
_struct_conn.ptnr2_label_atom_id           SG 
_struct_conn.pdbx_ptnr2_label_alt_id       ? 
_struct_conn.pdbx_ptnr2_PDB_ins_code       ? 
_struct_conn.ptnr1_auth_asym_id            A 
_struct_conn.ptnr1_auth_comp_id            CYS 
_struct_conn.ptnr1_auth_seq_id             38 
_struct_conn.ptnr2_auth_asym_id            A 
_struct_conn.ptnr2_auth_comp_id            CYS 
_struct_conn.ptnr2_auth_seq_id             41 
_struct_conn.ptnr2_symmetry                1_555 
_struct_conn.pdbx_ptnr3_label_atom_id      ? 
_struct_conn.pdbx_ptnr3_label_seq_id       ? 
_struct_conn.pdbx_ptnr3_label_comp_id      ? 
_struct_conn.pdbx_ptnr3_label_asym_id      ? 
_struct_conn.pdbx_ptnr3_label_alt_id       ? 
_struct_conn.pdbx_ptnr3_PDB_ins_code       ? 
_struct_conn.details                       ? 
_struct_conn.pdbx_dist_value               2.089 
_struct_conn.pdbx_value_order              ? 
_struct_conn.pdbx_role                     ? 
# 
_struct_conn_type.id          disulf 
_struct_conn_type.criteria    ? 
_struct_conn_type.reference   ? 
# 
_pdbx_modification_feature.ordinal                            1 
_pdbx_modification_feature.label_comp_id                      CYS 
_pdbx_modification_feature.label_asym_id                      A 
_pdbx_modification_feature.label_seq_id                       38 
_pdbx_modification_feature.label_alt_id                       ? 
_pdbx_modification_feature.modified_residue_label_comp_id     CYS 
_pdbx_modification_feature.modified_residue_label_asym_id     A 
_pdbx_modification_feature.modified_residue_label_seq_id      41 
_pdbx_modification_feature.modified_residue_label_alt_id      ? 
_pdbx_modification_feature.auth_comp_id                       CYS 
_pdbx_modification_feature.auth_asym_id                       A 
_pdbx_modification_feature.auth_seq_id                        38 
_pdbx_modification_feature.PDB_ins_code                       ? 
_pdbx_modification_feature.symmetry                           1_555 
_pdbx_modification_feature.modified_residue_auth_comp_id      CYS 
_pdbx_modification_feature.modified_residue_auth_asym_id      A 
_pdbx_modification_feature.modified_residue_auth_seq_id       41 
_pdbx_modification_feature.modified_residue_PDB_ins_code      ? 
_pdbx_modification_feature.modified_residue_symmetry          1_555 
_pdbx_modification_feature.comp_id_linking_atom               SG 
_pdbx_modification_feature.modified_residue_id_linking_atom   SG 
_pdbx_modification_feature.modified_residue_id                . 
_pdbx_modification_feature.ref_pcm_id                         . 
_pdbx_modification_feature.ref_comp_id                        . 
_pdbx_modification_feature.type                               None 
_pdbx_modification_feature.category                           'Disulfide bridge' 
# 
_struct_mon_prot_cis.pdbx_id                1 
_struct_mon_prot_cis.label_comp_id          VAL 
_struct_mon_prot_cis.label_seq_id           79 
_struct_mon_prot_cis.label_asym_id          A 
_struct_mon_prot_cis.label_alt_id           . 
_struct_mon_prot_cis.pdbx_PDB_ins_code      ? 
_struct_mon_prot_cis.auth_comp_id           VAL 
_struct_mon_prot_cis.auth_seq_id            79 
_struct_mon_prot_cis.auth_asym_id           A 
_struct_mon_prot_cis.pdbx_label_comp_id_2   PRO 
_struct_mon_prot_cis.pdbx_label_seq_id_2    80 
_struct_mon_prot_cis.pdbx_label_asym_id_2   A 
_struct_mon_prot_cis.pdbx_PDB_ins_code_2    ? 
_struct_mon_prot_cis.pdbx_auth_comp_id_2    PRO 
_struct_mon_prot_cis.pdbx_auth_seq_id_2     80 
_struct_mon_prot_cis.pdbx_auth_asym_id_2    A 
_struct_mon_prot_cis.pdbx_PDB_model_num     1 
_struct_mon_prot_cis.pdbx_omega_angle       -1.98 
# 
_struct_sheet.id               AA1 
_struct_sheet.type             ? 
_struct_sheet.number_strands   4 
_struct_sheet.details          ? 
# 
loop_
_struct_sheet_order.sheet_id 
_struct_sheet_order.range_id_1 
_struct_sheet_order.range_id_2 
_struct_sheet_order.offset 
_struct_sheet_order.sense 
AA1 1 2 ? parallel      
AA1 2 3 ? anti-parallel 
AA1 3 4 ? anti-parallel 
# 
loop_
_struct_sheet_range.sheet_id 
_struct_sheet_range.id 
_struct_sheet_range.beg_label_comp_id 
_struct_sheet_range.beg_label_asym_id 
_struct_sheet_range.beg_label_seq_id 
_struct_sheet_range.pdbx_beg_PDB_ins_code 
_struct_sheet_range.end_label_comp_id 
_struct_sheet_range.end_label_asym_id 
_struct_sheet_range.end_label_seq_id 
_struct_sheet_range.pdbx_end_PDB_ins_code 
_struct_sheet_range.beg_auth_comp_id 
_struct_sheet_range.beg_auth_asym_id 
_struct_sheet_range.beg_auth_seq_id 
_struct_sheet_range.end_auth_comp_id 
_struct_sheet_range.end_auth_asym_id 
_struct_sheet_range.end_auth_seq_id 
AA1 1 ASP A 58 ? ASP A 63 ? ASP A 58 ASP A 63 
AA1 2 LYS A 29 ? LYS A 34 ? LYS A 29 LYS A 34 
AA1 3 THR A 81 ? ASP A 86 ? THR A 81 ASP A 86 
AA1 4 PHE A 89 ? ALA A 95 ? PHE A 89 ALA A 95 
# 
loop_
_pdbx_struct_sheet_hbond.sheet_id 
_pdbx_struct_sheet_hbond.range_id_1 
_pdbx_struct_sheet_hbond.range_id_2 
_pdbx_struct_sheet_hbond.range_1_label_atom_id 
_pdbx_struct_sheet_hbond.range_1_label_comp_id 
_pdbx_struct_sheet_hbond.range_1_label_asym_id 
_pdbx_struct_sheet_hbond.range_1_label_seq_id 
_pdbx_struct_sheet_hbond.range_1_PDB_ins_code 
_pdbx_struct_sheet_hbond.range_1_auth_atom_id 
_pdbx_struct_sheet_hbond.range_1_auth_comp_id 
_pdbx_struct_sheet_hbond.range_1_auth_asym_id 
_pdbx_struct_sheet_hbond.range_1_auth_seq_id 
_pdbx_struct_sheet_hbond.range_2_label_atom_id 
_pdbx_struct_sheet_hbond.range_2_label_comp_id 
_pdbx_struct_sheet_hbond.range_2_label_asym_id 
_pdbx_struct_sheet_hbond.range_2_label_seq_id 
_pdbx_struct_sheet_hbond.range_2_PDB_ins_code 
_pdbx_struct_sheet_hbond.range_2_auth_atom_id 
_pdbx_struct_sheet_hbond.range_2_auth_comp_id 
_pdbx_struct_sheet_hbond.range_2_auth_asym_id 
_pdbx_struct_sheet_hbond.range_2_auth_seq_id 
AA1 1 2 O ILE A 62 ? O ILE A 62 N TYR A 32 ? N TYR A 32 
AA1 2 3 N LYS A 29 ? N LYS A 29 O LEU A 85 ? O LEU A 85 
AA1 3 4 N VAL A 82 ? N VAL A 82 O PHE A 94 ? O PHE A 94 
# 
_struct_site.id                   AC1 
_struct_site.pdbx_evidence_code   Software 
_struct_site.pdbx_auth_asym_id    A 
_struct_site.pdbx_auth_comp_id    TAM 
_struct_site.pdbx_auth_seq_id     201 
_struct_site.pdbx_auth_ins_code   ? 
_struct_site.pdbx_num_residues    7 
_struct_site.details              'binding site for residue TAM A 201' 
# 
loop_
_struct_site_gen.id 
_struct_site_gen.site_id 
_struct_site_gen.pdbx_num_res 
_struct_site_gen.label_comp_id 
_struct_site_gen.label_asym_id 
_struct_site_gen.label_seq_id 
_struct_site_gen.pdbx_auth_ins_code 
_struct_site_gen.auth_comp_id 
_struct_site_gen.auth_asym_id 
_struct_site_gen.auth_seq_id 
_struct_site_gen.label_atom_id 
_struct_site_gen.label_alt_id 
_struct_site_gen.symmetry 
_struct_site_gen.details 
1 AC1 7 ASN A 35 ? ASN A 35  . ? 4_545 ? 
2 AC1 7 ILE A 59 ? ILE A 59  . ? 1_555 ? 
3 AC1 7 GLU A 60 ? GLU A 60  . ? 1_555 ? 
4 AC1 7 VAL A 61 ? VAL A 61  . ? 1_555 ? 
5 AC1 7 THR A 78 ? THR A 78  . ? 4_545 ? 
6 AC1 7 VAL A 79 ? VAL A 79  . ? 4_545 ? 
7 AC1 7 HOH C .  ? HOH A 301 . ? 1_555 ? 
# 
_pdbx_entry_details.entry_id                   6MOS 
_pdbx_entry_details.compound_details           ? 
_pdbx_entry_details.source_details             ? 
_pdbx_entry_details.nonpolymer_details         ? 
_pdbx_entry_details.sequence_details           ? 
_pdbx_entry_details.has_ligand_of_interest     ? 
_pdbx_entry_details.has_protein_modification   Y 
# 
_pdbx_validate_torsion.id              1 
_pdbx_validate_torsion.PDB_model_num   1 
_pdbx_validate_torsion.auth_comp_id    ARG 
_pdbx_validate_torsion.auth_asym_id    A 
_pdbx_validate_torsion.auth_seq_id     96 
_pdbx_validate_torsion.PDB_ins_code    ? 
_pdbx_validate_torsion.label_alt_id    ? 
_pdbx_validate_torsion.phi             72.25 
_pdbx_validate_torsion.psi             -66.91 
# 
loop_
_space_group_symop.id 
_space_group_symop.operation_xyz 
1 x,y,z           
2 x+1/2,-y+1/2,-z 
3 -x,y+1/2,-z+1/2 
4 -x+1/2,-y,z+1/2 
# 
loop_
_pdbx_unobs_or_zero_occ_residues.id 
_pdbx_unobs_or_zero_occ_residues.PDB_model_num 
_pdbx_unobs_or_zero_occ_residues.polymer_flag 
_pdbx_unobs_or_zero_occ_residues.occupancy_flag 
_pdbx_unobs_or_zero_occ_residues.auth_asym_id 
_pdbx_unobs_or_zero_occ_residues.auth_comp_id 
_pdbx_unobs_or_zero_occ_residues.auth_seq_id 
_pdbx_unobs_or_zero_occ_residues.PDB_ins_code 
_pdbx_unobs_or_zero_occ_residues.label_asym_id 
_pdbx_unobs_or_zero_occ_residues.label_comp_id 
_pdbx_unobs_or_zero_occ_residues.label_seq_id 
1  1 Y 1 A MET 1   ? A MET 1   
2  1 Y 1 A SER 2   ? A SER 2   
3  1 Y 1 A TYR 3   ? A TYR 3   
4  1 Y 1 A TYR 4   ? A TYR 4   
5  1 Y 1 A HIS 5   ? A HIS 5   
6  1 Y 1 A HIS 6   ? A HIS 6   
7  1 Y 1 A HIS 7   ? A HIS 7   
8  1 Y 1 A HIS 8   ? A HIS 8   
9  1 Y 1 A HIS 9   ? A HIS 9   
10 1 Y 1 A HIS 10  ? A HIS 10  
11 1 Y 1 A ASP 11  ? A ASP 11  
12 1 Y 1 A TYR 12  ? A TYR 12  
13 1 Y 1 A ASP 13  ? A ASP 13  
14 1 Y 1 A ILE 14  ? A ILE 14  
15 1 Y 1 A PRO 15  ? A PRO 15  
16 1 Y 1 A THR 16  ? A THR 16  
17 1 Y 1 A THR 17  ? A THR 17  
18 1 Y 1 A GLU 18  ? A GLU 18  
19 1 Y 1 A ASN 19  ? A ASN 19  
20 1 Y 1 A LEU 20  ? A LEU 20  
21 1 Y 1 A TYR 21  ? A TYR 21  
22 1 Y 1 A PHE 22  ? A PHE 22  
23 1 Y 1 A GLN 23  ? A GLN 23  
24 1 Y 1 A GLY 24  ? A GLY 24  
25 1 Y 1 A ALA 25  ? A ALA 25  
26 1 Y 1 A MET 26  ? A MET 26  
27 1 Y 1 A ALA 27  ? A ALA 27  
28 1 Y 1 A GLU 117 ? A GLU 117 
# 
loop_
_chem_comp_atom.comp_id 
_chem_comp_atom.atom_id 
_chem_comp_atom.type_symbol 
_chem_comp_atom.pdbx_aromatic_flag 
_chem_comp_atom.pdbx_stereo_config 
_chem_comp_atom.pdbx_ordinal 
ALA N    N N N 1   
ALA CA   C N S 2   
ALA C    C N N 3   
ALA O    O N N 4   
ALA CB   C N N 5   
ALA OXT  O N N 6   
ALA H    H N N 7   
ALA H2   H N N 8   
ALA HA   H N N 9   
ALA HB1  H N N 10  
ALA HB2  H N N 11  
ALA HB3  H N N 12  
ALA HXT  H N N 13  
ARG N    N N N 14  
ARG CA   C N S 15  
ARG C    C N N 16  
ARG O    O N N 17  
ARG CB   C N N 18  
ARG CG   C N N 19  
ARG CD   C N N 20  
ARG NE   N N N 21  
ARG CZ   C N N 22  
ARG NH1  N N N 23  
ARG NH2  N N N 24  
ARG OXT  O N N 25  
ARG H    H N N 26  
ARG H2   H N N 27  
ARG HA   H N N 28  
ARG HB2  H N N 29  
ARG HB3  H N N 30  
ARG HG2  H N N 31  
ARG HG3  H N N 32  
ARG HD2  H N N 33  
ARG HD3  H N N 34  
ARG HE   H N N 35  
ARG HH11 H N N 36  
ARG HH12 H N N 37  
ARG HH21 H N N 38  
ARG HH22 H N N 39  
ARG HXT  H N N 40  
ASN N    N N N 41  
ASN CA   C N S 42  
ASN C    C N N 43  
ASN O    O N N 44  
ASN CB   C N N 45  
ASN CG   C N N 46  
ASN OD1  O N N 47  
ASN ND2  N N N 48  
ASN OXT  O N N 49  
ASN H    H N N 50  
ASN H2   H N N 51  
ASN HA   H N N 52  
ASN HB2  H N N 53  
ASN HB3  H N N 54  
ASN HD21 H N N 55  
ASN HD22 H N N 56  
ASN HXT  H N N 57  
ASP N    N N N 58  
ASP CA   C N S 59  
ASP C    C N N 60  
ASP O    O N N 61  
ASP CB   C N N 62  
ASP CG   C N N 63  
ASP OD1  O N N 64  
ASP OD2  O N N 65  
ASP OXT  O N N 66  
ASP H    H N N 67  
ASP H2   H N N 68  
ASP HA   H N N 69  
ASP HB2  H N N 70  
ASP HB3  H N N 71  
ASP HD2  H N N 72  
ASP HXT  H N N 73  
CYS N    N N N 74  
CYS CA   C N R 75  
CYS C    C N N 76  
CYS O    O N N 77  
CYS CB   C N N 78  
CYS SG   S N N 79  
CYS OXT  O N N 80  
CYS H    H N N 81  
CYS H2   H N N 82  
CYS HA   H N N 83  
CYS HB2  H N N 84  
CYS HB3  H N N 85  
CYS HG   H N N 86  
CYS HXT  H N N 87  
GLN N    N N N 88  
GLN CA   C N S 89  
GLN C    C N N 90  
GLN O    O N N 91  
GLN CB   C N N 92  
GLN CG   C N N 93  
GLN CD   C N N 94  
GLN OE1  O N N 95  
GLN NE2  N N N 96  
GLN OXT  O N N 97  
GLN H    H N N 98  
GLN H2   H N N 99  
GLN HA   H N N 100 
GLN HB2  H N N 101 
GLN HB3  H N N 102 
GLN HG2  H N N 103 
GLN HG3  H N N 104 
GLN HE21 H N N 105 
GLN HE22 H N N 106 
GLN HXT  H N N 107 
GLU N    N N N 108 
GLU CA   C N S 109 
GLU C    C N N 110 
GLU O    O N N 111 
GLU CB   C N N 112 
GLU CG   C N N 113 
GLU CD   C N N 114 
GLU OE1  O N N 115 
GLU OE2  O N N 116 
GLU OXT  O N N 117 
GLU H    H N N 118 
GLU H2   H N N 119 
GLU HA   H N N 120 
GLU HB2  H N N 121 
GLU HB3  H N N 122 
GLU HG2  H N N 123 
GLU HG3  H N N 124 
GLU HE2  H N N 125 
GLU HXT  H N N 126 
GLY N    N N N 127 
GLY CA   C N N 128 
GLY C    C N N 129 
GLY O    O N N 130 
GLY OXT  O N N 131 
GLY H    H N N 132 
GLY H2   H N N 133 
GLY HA2  H N N 134 
GLY HA3  H N N 135 
GLY HXT  H N N 136 
HIS N    N N N 137 
HIS CA   C N S 138 
HIS C    C N N 139 
HIS O    O N N 140 
HIS CB   C N N 141 
HIS CG   C Y N 142 
HIS ND1  N Y N 143 
HIS CD2  C Y N 144 
HIS CE1  C Y N 145 
HIS NE2  N Y N 146 
HIS OXT  O N N 147 
HIS H    H N N 148 
HIS H2   H N N 149 
HIS HA   H N N 150 
HIS HB2  H N N 151 
HIS HB3  H N N 152 
HIS HD1  H N N 153 
HIS HD2  H N N 154 
HIS HE1  H N N 155 
HIS HE2  H N N 156 
HIS HXT  H N N 157 
HOH O    O N N 158 
HOH H1   H N N 159 
HOH H2   H N N 160 
ILE N    N N N 161 
ILE CA   C N S 162 
ILE C    C N N 163 
ILE O    O N N 164 
ILE CB   C N S 165 
ILE CG1  C N N 166 
ILE CG2  C N N 167 
ILE CD1  C N N 168 
ILE OXT  O N N 169 
ILE H    H N N 170 
ILE H2   H N N 171 
ILE HA   H N N 172 
ILE HB   H N N 173 
ILE HG12 H N N 174 
ILE HG13 H N N 175 
ILE HG21 H N N 176 
ILE HG22 H N N 177 
ILE HG23 H N N 178 
ILE HD11 H N N 179 
ILE HD12 H N N 180 
ILE HD13 H N N 181 
ILE HXT  H N N 182 
LEU N    N N N 183 
LEU CA   C N S 184 
LEU C    C N N 185 
LEU O    O N N 186 
LEU CB   C N N 187 
LEU CG   C N N 188 
LEU CD1  C N N 189 
LEU CD2  C N N 190 
LEU OXT  O N N 191 
LEU H    H N N 192 
LEU H2   H N N 193 
LEU HA   H N N 194 
LEU HB2  H N N 195 
LEU HB3  H N N 196 
LEU HG   H N N 197 
LEU HD11 H N N 198 
LEU HD12 H N N 199 
LEU HD13 H N N 200 
LEU HD21 H N N 201 
LEU HD22 H N N 202 
LEU HD23 H N N 203 
LEU HXT  H N N 204 
LYS N    N N N 205 
LYS CA   C N S 206 
LYS C    C N N 207 
LYS O    O N N 208 
LYS CB   C N N 209 
LYS CG   C N N 210 
LYS CD   C N N 211 
LYS CE   C N N 212 
LYS NZ   N N N 213 
LYS OXT  O N N 214 
LYS H    H N N 215 
LYS H2   H N N 216 
LYS HA   H N N 217 
LYS HB2  H N N 218 
LYS HB3  H N N 219 
LYS HG2  H N N 220 
LYS HG3  H N N 221 
LYS HD2  H N N 222 
LYS HD3  H N N 223 
LYS HE2  H N N 224 
LYS HE3  H N N 225 
LYS HZ1  H N N 226 
LYS HZ2  H N N 227 
LYS HZ3  H N N 228 
LYS HXT  H N N 229 
MET N    N N N 230 
MET CA   C N S 231 
MET C    C N N 232 
MET O    O N N 233 
MET CB   C N N 234 
MET CG   C N N 235 
MET SD   S N N 236 
MET CE   C N N 237 
MET OXT  O N N 238 
MET H    H N N 239 
MET H2   H N N 240 
MET HA   H N N 241 
MET HB2  H N N 242 
MET HB3  H N N 243 
MET HG2  H N N 244 
MET HG3  H N N 245 
MET HE1  H N N 246 
MET HE2  H N N 247 
MET HE3  H N N 248 
MET HXT  H N N 249 
PHE N    N N N 250 
PHE CA   C N S 251 
PHE C    C N N 252 
PHE O    O N N 253 
PHE CB   C N N 254 
PHE CG   C Y N 255 
PHE CD1  C Y N 256 
PHE CD2  C Y N 257 
PHE CE1  C Y N 258 
PHE CE2  C Y N 259 
PHE CZ   C Y N 260 
PHE OXT  O N N 261 
PHE H    H N N 262 
PHE H2   H N N 263 
PHE HA   H N N 264 
PHE HB2  H N N 265 
PHE HB3  H N N 266 
PHE HD1  H N N 267 
PHE HD2  H N N 268 
PHE HE1  H N N 269 
PHE HE2  H N N 270 
PHE HZ   H N N 271 
PHE HXT  H N N 272 
PRO N    N N N 273 
PRO CA   C N S 274 
PRO C    C N N 275 
PRO O    O N N 276 
PRO CB   C N N 277 
PRO CG   C N N 278 
PRO CD   C N N 279 
PRO OXT  O N N 280 
PRO H    H N N 281 
PRO HA   H N N 282 
PRO HB2  H N N 283 
PRO HB3  H N N 284 
PRO HG2  H N N 285 
PRO HG3  H N N 286 
PRO HD2  H N N 287 
PRO HD3  H N N 288 
PRO HXT  H N N 289 
SER N    N N N 290 
SER CA   C N S 291 
SER C    C N N 292 
SER O    O N N 293 
SER CB   C N N 294 
SER OG   O N N 295 
SER OXT  O N N 296 
SER H    H N N 297 
SER H2   H N N 298 
SER HA   H N N 299 
SER HB2  H N N 300 
SER HB3  H N N 301 
SER HG   H N N 302 
SER HXT  H N N 303 
TAM C    C N N 304 
TAM C1   C N N 305 
TAM C2   C N N 306 
TAM C3   C N N 307 
TAM C4   C N N 308 
TAM C5   C N N 309 
TAM C6   C N N 310 
TAM N    N N N 311 
TAM O4   O N N 312 
TAM O5   O N N 313 
TAM O6   O N N 314 
TAM H11  H N N 315 
TAM H12  H N N 316 
TAM H21  H N N 317 
TAM H22  H N N 318 
TAM H31  H N N 319 
TAM H32  H N N 320 
TAM H41  H N N 321 
TAM H42  H N N 322 
TAM H51  H N N 323 
TAM H52  H N N 324 
TAM H61  H N N 325 
TAM H62  H N N 326 
TAM HN1  H N N 327 
TAM HN2  H N N 328 
TAM HO4  H N N 329 
TAM HO5  H N N 330 
TAM HO6  H N N 331 
THR N    N N N 332 
THR CA   C N S 333 
THR C    C N N 334 
THR O    O N N 335 
THR CB   C N R 336 
THR OG1  O N N 337 
THR CG2  C N N 338 
THR OXT  O N N 339 
THR H    H N N 340 
THR H2   H N N 341 
THR HA   H N N 342 
THR HB   H N N 343 
THR HG1  H N N 344 
THR HG21 H N N 345 
THR HG22 H N N 346 
THR HG23 H N N 347 
THR HXT  H N N 348 
TYR N    N N N 349 
TYR CA   C N S 350 
TYR C    C N N 351 
TYR O    O N N 352 
TYR CB   C N N 353 
TYR CG   C Y N 354 
TYR CD1  C Y N 355 
TYR CD2  C Y N 356 
TYR CE1  C Y N 357 
TYR CE2  C Y N 358 
TYR CZ   C Y N 359 
TYR OH   O N N 360 
TYR OXT  O N N 361 
TYR H    H N N 362 
TYR H2   H N N 363 
TYR HA   H N N 364 
TYR HB2  H N N 365 
TYR HB3  H N N 366 
TYR HD1  H N N 367 
TYR HD2  H N N 368 
TYR HE1  H N N 369 
TYR HE2  H N N 370 
TYR HH   H N N 371 
TYR HXT  H N N 372 
VAL N    N N N 373 
VAL CA   C N S 374 
VAL C    C N N 375 
VAL O    O N N 376 
VAL CB   C N N 377 
VAL CG1  C N N 378 
VAL CG2  C N N 379 
VAL OXT  O N N 380 
VAL H    H N N 381 
VAL H2   H N N 382 
VAL HA   H N N 383 
VAL HB   H N N 384 
VAL HG11 H N N 385 
VAL HG12 H N N 386 
VAL HG13 H N N 387 
VAL HG21 H N N 388 
VAL HG22 H N N 389 
VAL HG23 H N N 390 
VAL HXT  H N N 391 
# 
loop_
_chem_comp_bond.comp_id 
_chem_comp_bond.atom_id_1 
_chem_comp_bond.atom_id_2 
_chem_comp_bond.value_order 
_chem_comp_bond.pdbx_aromatic_flag 
_chem_comp_bond.pdbx_stereo_config 
_chem_comp_bond.pdbx_ordinal 
ALA N   CA   sing N N 1   
ALA N   H    sing N N 2   
ALA N   H2   sing N N 3   
ALA CA  C    sing N N 4   
ALA CA  CB   sing N N 5   
ALA CA  HA   sing N N 6   
ALA C   O    doub N N 7   
ALA C   OXT  sing N N 8   
ALA CB  HB1  sing N N 9   
ALA CB  HB2  sing N N 10  
ALA CB  HB3  sing N N 11  
ALA OXT HXT  sing N N 12  
ARG N   CA   sing N N 13  
ARG N   H    sing N N 14  
ARG N   H2   sing N N 15  
ARG CA  C    sing N N 16  
ARG CA  CB   sing N N 17  
ARG CA  HA   sing N N 18  
ARG C   O    doub N N 19  
ARG C   OXT  sing N N 20  
ARG CB  CG   sing N N 21  
ARG CB  HB2  sing N N 22  
ARG CB  HB3  sing N N 23  
ARG CG  CD   sing N N 24  
ARG CG  HG2  sing N N 25  
ARG CG  HG3  sing N N 26  
ARG CD  NE   sing N N 27  
ARG CD  HD2  sing N N 28  
ARG CD  HD3  sing N N 29  
ARG NE  CZ   sing N N 30  
ARG NE  HE   sing N N 31  
ARG CZ  NH1  sing N N 32  
ARG CZ  NH2  doub N N 33  
ARG NH1 HH11 sing N N 34  
ARG NH1 HH12 sing N N 35  
ARG NH2 HH21 sing N N 36  
ARG NH2 HH22 sing N N 37  
ARG OXT HXT  sing N N 38  
ASN N   CA   sing N N 39  
ASN N   H    sing N N 40  
ASN N   H2   sing N N 41  
ASN CA  C    sing N N 42  
ASN CA  CB   sing N N 43  
ASN CA  HA   sing N N 44  
ASN C   O    doub N N 45  
ASN C   OXT  sing N N 46  
ASN CB  CG   sing N N 47  
ASN CB  HB2  sing N N 48  
ASN CB  HB3  sing N N 49  
ASN CG  OD1  doub N N 50  
ASN CG  ND2  sing N N 51  
ASN ND2 HD21 sing N N 52  
ASN ND2 HD22 sing N N 53  
ASN OXT HXT  sing N N 54  
ASP N   CA   sing N N 55  
ASP N   H    sing N N 56  
ASP N   H2   sing N N 57  
ASP CA  C    sing N N 58  
ASP CA  CB   sing N N 59  
ASP CA  HA   sing N N 60  
ASP C   O    doub N N 61  
ASP C   OXT  sing N N 62  
ASP CB  CG   sing N N 63  
ASP CB  HB2  sing N N 64  
ASP CB  HB3  sing N N 65  
ASP CG  OD1  doub N N 66  
ASP CG  OD2  sing N N 67  
ASP OD2 HD2  sing N N 68  
ASP OXT HXT  sing N N 69  
CYS N   CA   sing N N 70  
CYS N   H    sing N N 71  
CYS N   H2   sing N N 72  
CYS CA  C    sing N N 73  
CYS CA  CB   sing N N 74  
CYS CA  HA   sing N N 75  
CYS C   O    doub N N 76  
CYS C   OXT  sing N N 77  
CYS CB  SG   sing N N 78  
CYS CB  HB2  sing N N 79  
CYS CB  HB3  sing N N 80  
CYS SG  HG   sing N N 81  
CYS OXT HXT  sing N N 82  
GLN N   CA   sing N N 83  
GLN N   H    sing N N 84  
GLN N   H2   sing N N 85  
GLN CA  C    sing N N 86  
GLN CA  CB   sing N N 87  
GLN CA  HA   sing N N 88  
GLN C   O    doub N N 89  
GLN C   OXT  sing N N 90  
GLN CB  CG   sing N N 91  
GLN CB  HB2  sing N N 92  
GLN CB  HB3  sing N N 93  
GLN CG  CD   sing N N 94  
GLN CG  HG2  sing N N 95  
GLN CG  HG3  sing N N 96  
GLN CD  OE1  doub N N 97  
GLN CD  NE2  sing N N 98  
GLN NE2 HE21 sing N N 99  
GLN NE2 HE22 sing N N 100 
GLN OXT HXT  sing N N 101 
GLU N   CA   sing N N 102 
GLU N   H    sing N N 103 
GLU N   H2   sing N N 104 
GLU CA  C    sing N N 105 
GLU CA  CB   sing N N 106 
GLU CA  HA   sing N N 107 
GLU C   O    doub N N 108 
GLU C   OXT  sing N N 109 
GLU CB  CG   sing N N 110 
GLU CB  HB2  sing N N 111 
GLU CB  HB3  sing N N 112 
GLU CG  CD   sing N N 113 
GLU CG  HG2  sing N N 114 
GLU CG  HG3  sing N N 115 
GLU CD  OE1  doub N N 116 
GLU CD  OE2  sing N N 117 
GLU OE2 HE2  sing N N 118 
GLU OXT HXT  sing N N 119 
GLY N   CA   sing N N 120 
GLY N   H    sing N N 121 
GLY N   H2   sing N N 122 
GLY CA  C    sing N N 123 
GLY CA  HA2  sing N N 124 
GLY CA  HA3  sing N N 125 
GLY C   O    doub N N 126 
GLY C   OXT  sing N N 127 
GLY OXT HXT  sing N N 128 
HIS N   CA   sing N N 129 
HIS N   H    sing N N 130 
HIS N   H2   sing N N 131 
HIS CA  C    sing N N 132 
HIS CA  CB   sing N N 133 
HIS CA  HA   sing N N 134 
HIS C   O    doub N N 135 
HIS C   OXT  sing N N 136 
HIS CB  CG   sing N N 137 
HIS CB  HB2  sing N N 138 
HIS CB  HB3  sing N N 139 
HIS CG  ND1  sing Y N 140 
HIS CG  CD2  doub Y N 141 
HIS ND1 CE1  doub Y N 142 
HIS ND1 HD1  sing N N 143 
HIS CD2 NE2  sing Y N 144 
HIS CD2 HD2  sing N N 145 
HIS CE1 NE2  sing Y N 146 
HIS CE1 HE1  sing N N 147 
HIS NE2 HE2  sing N N 148 
HIS OXT HXT  sing N N 149 
HOH O   H1   sing N N 150 
HOH O   H2   sing N N 151 
ILE N   CA   sing N N 152 
ILE N   H    sing N N 153 
ILE N   H2   sing N N 154 
ILE CA  C    sing N N 155 
ILE CA  CB   sing N N 156 
ILE CA  HA   sing N N 157 
ILE C   O    doub N N 158 
ILE C   OXT  sing N N 159 
ILE CB  CG1  sing N N 160 
ILE CB  CG2  sing N N 161 
ILE CB  HB   sing N N 162 
ILE CG1 CD1  sing N N 163 
ILE CG1 HG12 sing N N 164 
ILE CG1 HG13 sing N N 165 
ILE CG2 HG21 sing N N 166 
ILE CG2 HG22 sing N N 167 
ILE CG2 HG23 sing N N 168 
ILE CD1 HD11 sing N N 169 
ILE CD1 HD12 sing N N 170 
ILE CD1 HD13 sing N N 171 
ILE OXT HXT  sing N N 172 
LEU N   CA   sing N N 173 
LEU N   H    sing N N 174 
LEU N   H2   sing N N 175 
LEU CA  C    sing N N 176 
LEU CA  CB   sing N N 177 
LEU CA  HA   sing N N 178 
LEU C   O    doub N N 179 
LEU C   OXT  sing N N 180 
LEU CB  CG   sing N N 181 
LEU CB  HB2  sing N N 182 
LEU CB  HB3  sing N N 183 
LEU CG  CD1  sing N N 184 
LEU CG  CD2  sing N N 185 
LEU CG  HG   sing N N 186 
LEU CD1 HD11 sing N N 187 
LEU CD1 HD12 sing N N 188 
LEU CD1 HD13 sing N N 189 
LEU CD2 HD21 sing N N 190 
LEU CD2 HD22 sing N N 191 
LEU CD2 HD23 sing N N 192 
LEU OXT HXT  sing N N 193 
LYS N   CA   sing N N 194 
LYS N   H    sing N N 195 
LYS N   H2   sing N N 196 
LYS CA  C    sing N N 197 
LYS CA  CB   sing N N 198 
LYS CA  HA   sing N N 199 
LYS C   O    doub N N 200 
LYS C   OXT  sing N N 201 
LYS CB  CG   sing N N 202 
LYS CB  HB2  sing N N 203 
LYS CB  HB3  sing N N 204 
LYS CG  CD   sing N N 205 
LYS CG  HG2  sing N N 206 
LYS CG  HG3  sing N N 207 
LYS CD  CE   sing N N 208 
LYS CD  HD2  sing N N 209 
LYS CD  HD3  sing N N 210 
LYS CE  NZ   sing N N 211 
LYS CE  HE2  sing N N 212 
LYS CE  HE3  sing N N 213 
LYS NZ  HZ1  sing N N 214 
LYS NZ  HZ2  sing N N 215 
LYS NZ  HZ3  sing N N 216 
LYS OXT HXT  sing N N 217 
MET N   CA   sing N N 218 
MET N   H    sing N N 219 
MET N   H2   sing N N 220 
MET CA  C    sing N N 221 
MET CA  CB   sing N N 222 
MET CA  HA   sing N N 223 
MET C   O    doub N N 224 
MET C   OXT  sing N N 225 
MET CB  CG   sing N N 226 
MET CB  HB2  sing N N 227 
MET CB  HB3  sing N N 228 
MET CG  SD   sing N N 229 
MET CG  HG2  sing N N 230 
MET CG  HG3  sing N N 231 
MET SD  CE   sing N N 232 
MET CE  HE1  sing N N 233 
MET CE  HE2  sing N N 234 
MET CE  HE3  sing N N 235 
MET OXT HXT  sing N N 236 
PHE N   CA   sing N N 237 
PHE N   H    sing N N 238 
PHE N   H2   sing N N 239 
PHE CA  C    sing N N 240 
PHE CA  CB   sing N N 241 
PHE CA  HA   sing N N 242 
PHE C   O    doub N N 243 
PHE C   OXT  sing N N 244 
PHE CB  CG   sing N N 245 
PHE CB  HB2  sing N N 246 
PHE CB  HB3  sing N N 247 
PHE CG  CD1  doub Y N 248 
PHE CG  CD2  sing Y N 249 
PHE CD1 CE1  sing Y N 250 
PHE CD1 HD1  sing N N 251 
PHE CD2 CE2  doub Y N 252 
PHE CD2 HD2  sing N N 253 
PHE CE1 CZ   doub Y N 254 
PHE CE1 HE1  sing N N 255 
PHE CE2 CZ   sing Y N 256 
PHE CE2 HE2  sing N N 257 
PHE CZ  HZ   sing N N 258 
PHE OXT HXT  sing N N 259 
PRO N   CA   sing N N 260 
PRO N   CD   sing N N 261 
PRO N   H    sing N N 262 
PRO CA  C    sing N N 263 
PRO CA  CB   sing N N 264 
PRO CA  HA   sing N N 265 
PRO C   O    doub N N 266 
PRO C   OXT  sing N N 267 
PRO CB  CG   sing N N 268 
PRO CB  HB2  sing N N 269 
PRO CB  HB3  sing N N 270 
PRO CG  CD   sing N N 271 
PRO CG  HG2  sing N N 272 
PRO CG  HG3  sing N N 273 
PRO CD  HD2  sing N N 274 
PRO CD  HD3  sing N N 275 
PRO OXT HXT  sing N N 276 
SER N   CA   sing N N 277 
SER N   H    sing N N 278 
SER N   H2   sing N N 279 
SER CA  C    sing N N 280 
SER CA  CB   sing N N 281 
SER CA  HA   sing N N 282 
SER C   O    doub N N 283 
SER C   OXT  sing N N 284 
SER CB  OG   sing N N 285 
SER CB  HB2  sing N N 286 
SER CB  HB3  sing N N 287 
SER OG  HG   sing N N 288 
SER OXT HXT  sing N N 289 
TAM C   C1   sing N N 290 
TAM C   C2   sing N N 291 
TAM C   C3   sing N N 292 
TAM C   N    sing N N 293 
TAM C1  C4   sing N N 294 
TAM C1  H11  sing N N 295 
TAM C1  H12  sing N N 296 
TAM C2  C5   sing N N 297 
TAM C2  H21  sing N N 298 
TAM C2  H22  sing N N 299 
TAM C3  C6   sing N N 300 
TAM C3  H31  sing N N 301 
TAM C3  H32  sing N N 302 
TAM C4  O4   sing N N 303 
TAM C4  H41  sing N N 304 
TAM C4  H42  sing N N 305 
TAM C5  O5   sing N N 306 
TAM C5  H51  sing N N 307 
TAM C5  H52  sing N N 308 
TAM C6  O6   sing N N 309 
TAM C6  H61  sing N N 310 
TAM C6  H62  sing N N 311 
TAM N   HN1  sing N N 312 
TAM N   HN2  sing N N 313 
TAM O4  HO4  sing N N 314 
TAM O5  HO5  sing N N 315 
TAM O6  HO6  sing N N 316 
THR N   CA   sing N N 317 
THR N   H    sing N N 318 
THR N   H2   sing N N 319 
THR CA  C    sing N N 320 
THR CA  CB   sing N N 321 
THR CA  HA   sing N N 322 
THR C   O    doub N N 323 
THR C   OXT  sing N N 324 
THR CB  OG1  sing N N 325 
THR CB  CG2  sing N N 326 
THR CB  HB   sing N N 327 
THR OG1 HG1  sing N N 328 
THR CG2 HG21 sing N N 329 
THR CG2 HG22 sing N N 330 
THR CG2 HG23 sing N N 331 
THR OXT HXT  sing N N 332 
TYR N   CA   sing N N 333 
TYR N   H    sing N N 334 
TYR N   H2   sing N N 335 
TYR CA  C    sing N N 336 
TYR CA  CB   sing N N 337 
TYR CA  HA   sing N N 338 
TYR C   O    doub N N 339 
TYR C   OXT  sing N N 340 
TYR CB  CG   sing N N 341 
TYR CB  HB2  sing N N 342 
TYR CB  HB3  sing N N 343 
TYR CG  CD1  doub Y N 344 
TYR CG  CD2  sing Y N 345 
TYR CD1 CE1  sing Y N 346 
TYR CD1 HD1  sing N N 347 
TYR CD2 CE2  doub Y N 348 
TYR CD2 HD2  sing N N 349 
TYR CE1 CZ   doub Y N 350 
TYR CE1 HE1  sing N N 351 
TYR CE2 CZ   sing Y N 352 
TYR CE2 HE2  sing N N 353 
TYR CZ  OH   sing N N 354 
TYR OH  HH   sing N N 355 
TYR OXT HXT  sing N N 356 
VAL N   CA   sing N N 357 
VAL N   H    sing N N 358 
VAL N   H2   sing N N 359 
VAL CA  C    sing N N 360 
VAL CA  CB   sing N N 361 
VAL CA  HA   sing N N 362 
VAL C   O    doub N N 363 
VAL C   OXT  sing N N 364 
VAL CB  CG1  sing N N 365 
VAL CB  CG2  sing N N 366 
VAL CB  HB   sing N N 367 
VAL CG1 HG11 sing N N 368 
VAL CG1 HG12 sing N N 369 
VAL CG1 HG13 sing N N 370 
VAL CG2 HG21 sing N N 371 
VAL CG2 HG22 sing N N 372 
VAL CG2 HG23 sing N N 373 
VAL OXT HXT  sing N N 374 
# 
_space_group.name_H-M_alt     'P 21 21 21' 
_space_group.name_Hall        'P 2ac 2ab' 
_space_group.IT_number        19 
_space_group.crystal_system   orthorhombic 
_space_group.id               1 
# 
_atom_sites.entry_id                    6MOS 
_atom_sites.fract_transf_matrix[1][1]   -0.01884410 
_atom_sites.fract_transf_matrix[1][2]   0.01329082 
_atom_sites.fract_transf_matrix[1][3]   -0.00890410 
_atom_sites.fract_transf_matrix[2][1]   -0.01012129 
_atom_sites.fract_transf_matrix[2][2]   0.00050294 
_atom_sites.fract_transf_matrix[2][3]   0.02217081 
_atom_sites.fract_transf_matrix[3][1]   0.00889335 
_atom_sites.fract_transf_matrix[3][2]   0.01509969 
_atom_sites.fract_transf_matrix[3][3]   0.00371741 
_atom_sites.fract_transf_vector[1]      0.026259 
_atom_sites.fract_transf_vector[2]      -0.439899 
_atom_sites.fract_transf_vector[3]      -0.057570 
# 
loop_
_atom_type.symbol 
_atom_type.scat_dispersion_real 
_atom_type.scat_dispersion_imag 
_atom_type.scat_Cromer_Mann_a1 
_atom_type.scat_Cromer_Mann_a2 
_atom_type.scat_Cromer_Mann_b1 
_atom_type.scat_Cromer_Mann_b2 
_atom_type.scat_Cromer_Mann_c 
_atom_type.scat_source 
_atom_type.scat_dispersion_source 
C ? ? 3.54356 2.42580 25.62398 1.50364  0.0 
;2-Gaussian fit: Grosse-Kunstleve RW, Sauter NK, Adams PD: Newsletter of the IUCr Commission on Crystallographic Computing 2004, 3, 22-31.
;
? 
N ? ? 4.01032 2.96436 19.97189 1.75589  0.0 
;2-Gaussian fit: Grosse-Kunstleve RW, Sauter NK, Adams PD: Newsletter of the IUCr Commission on Crystallographic Computing 2004, 3, 22-31.
;
? 
O ? ? 4.49882 3.47563 15.80542 1.70748  0.0 
;2-Gaussian fit: Grosse-Kunstleve RW, Sauter NK, Adams PD: Newsletter of the IUCr Commission on Crystallographic Computing 2004, 3, 22-31.
;
? 
S ? ? 9.55732 6.39887 1.23737  29.19336 0.0 
;2-Gaussian fit: Grosse-Kunstleve RW, Sauter NK, Adams PD: Newsletter of the IUCr Commission on Crystallographic Computing 2004, 3, 22-31.
;
? 
# 
loop_
_atom_site.group_PDB 
_atom_site.id 
_atom_site.type_symbol 
_atom_site.label_atom_id 
_atom_site.label_alt_id 
_atom_site.label_comp_id 
_atom_site.label_asym_id 
_atom_site.label_entity_id 
_atom_site.label_seq_id 
_atom_site.pdbx_PDB_ins_code 
_atom_site.Cartn_x 
_atom_site.Cartn_y 
_atom_site.Cartn_z 
_atom_site.occupancy 
_atom_site.B_iso_or_equiv 
_atom_site.pdbx_formal_charge 
_atom_site.auth_seq_id 
_atom_site.auth_comp_id 
_atom_site.auth_asym_id 
_atom_site.auth_atom_id 
_atom_site.pdbx_PDB_model_num 
ATOM   1   N N   . MET A 1 28  ? -5.01773  2.93434   -11.04867 1.000 32.13749 ? 28  MET A N   1 
ATOM   2   C CA  . MET A 1 28  ? -4.44817  2.17024   -9.92631  1.000 29.57260 ? 28  MET A CA  1 
ATOM   3   C C   . MET A 1 28  ? -4.57342  2.92898   -8.61720  1.000 38.34223 ? 28  MET A C   1 
ATOM   4   O O   . MET A 1 28  ? -4.95929  4.09862   -8.58972  1.000 39.54480 ? 28  MET A O   1 
ATOM   5   C CB  . MET A 1 28  ? -2.98559  1.82949   -10.18045 1.000 32.06315 ? 28  MET A CB  1 
ATOM   6   C CG  . MET A 1 28  ? -2.77138  0.81482   -11.28451 1.000 39.33933 ? 28  MET A CG  1 
ATOM   7   S SD  . MET A 1 28  ? -1.01259  0.57765   -11.56084 1.000 47.38025 ? 28  MET A SD  1 
ATOM   8   C CE  . MET A 1 28  ? -0.54584  -0.38095  -10.11889 1.000 34.21924 ? 28  MET A CE  1 
ATOM   9   N N   . LYS A 1 29  ? -4.23795  2.25501   -7.52248  1.000 31.24602 ? 29  LYS A N   1 
ATOM   10  C CA  . LYS A 1 29  ? -4.36541  2.86477   -6.21287  1.000 25.74925 ? 29  LYS A CA  1 
ATOM   11  C C   . LYS A 1 29  ? -3.46958  2.10299   -5.25882  1.000 21.93035 ? 29  LYS A C   1 
ATOM   12  O O   . LYS A 1 29  ? -3.38461  0.87336   -5.33484  1.000 29.52886 ? 29  LYS A O   1 
ATOM   13  C CB  . LYS A 1 29  ? -5.80556  2.82639   -5.69875  1.000 24.36281 ? 29  LYS A CB  1 
ATOM   14  C CG  . LYS A 1 29  ? -6.01853  3.69834   -4.48408  1.000 28.02495 ? 29  LYS A CG  1 
ATOM   15  C CD  . LYS A 1 29  ? -7.21313  3.24359   -3.67142  1.000 33.62173 ? 29  LYS A CD  1 
ATOM   16  C CE  . LYS A 1 29  ? -7.42351  4.16895   -2.49316  1.000 33.83770 ? 29  LYS A CE  1 
ATOM   17  N NZ  . LYS A 1 29  ? -8.64853  3.83183   -1.71196  1.000 29.31039 ? 29  LYS A NZ  1 
ATOM   18  N N   . ILE A 1 30  ? -2.79239  2.83922   -4.38415  1.000 24.41284 ? 30  ILE A N   1 
ATOM   19  C CA  . ILE A 1 30  ? -2.06563  2.26725   -3.25866  1.000 19.25254 ? 30  ILE A CA  1 
ATOM   20  C C   . ILE A 1 30  ? -2.84439  2.55650   -1.98689  1.000 21.65169 ? 30  ILE A C   1 
ATOM   21  O O   . ILE A 1 30  ? -3.23465  3.70199   -1.73944  1.000 24.84807 ? 30  ILE A O   1 
ATOM   22  C CB  . ILE A 1 30  ? -0.64305  2.83549   -3.15423  1.000 26.00893 ? 30  ILE A CB  1 
ATOM   23  C CG1 . ILE A 1 30  ? 0.14265   2.51512   -4.43363  1.000 34.06311 ? 30  ILE A CG1 1 
ATOM   24  C CG2 . ILE A 1 30  ? 0.04121   2.32394   -1.87024  1.000 26.36479 ? 30  ILE A CG2 1 
ATOM   25  C CD1 . ILE A 1 30  ? 1.48959   3.20699   -4.51573  1.000 34.29460 ? 30  ILE A CD1 1 
ATOM   26  N N   . GLU A 1 31  ? -3.06597  1.52363   -1.17872  1.000 22.48127 ? 31  GLU A N   1 
ATOM   27  C CA  . GLU A 1 31  ? -3.64852  1.67343   0.14803   1.000 18.46046 ? 31  GLU A CA  1 
ATOM   28  C C   . GLU A 1 31  ? -2.57624  1.31197   1.16523   1.000 22.23629 ? 31  GLU A C   1 
ATOM   29  O O   . GLU A 1 31  ? -2.01263  0.21713   1.10279   1.000 24.35270 ? 31  GLU A O   1 
ATOM   30  C CB  . GLU A 1 31  ? -4.89108  0.79920   0.30592   1.000 16.58010 ? 31  GLU A CB  1 
ATOM   31  C CG  . GLU A 1 31  ? -6.08532  1.42022   -0.47921  1.000 21.43932 ? 31  GLU A CG  1 
ATOM   32  C CD  . GLU A 1 31  ? -7.39612  0.66023   -0.35032  1.000 26.75816 ? 31  GLU A CD  1 
ATOM   33  O OE1 . GLU A 1 31  ? -7.38769  -0.45996  0.16380   1.000 28.44561 ? 31  GLU A OE1 1 
ATOM   34  O OE2 . GLU A 1 31  ? -8.45927  1.18392   -0.79931  1.000 28.36341 ? 31  GLU A OE2 1 
ATOM   35  N N   . TYR A 1 32  ? -2.28335  2.24158   2.07335   1.000 17.60620 ? 32  TYR A N   1 
ATOM   36  C CA  . TYR A 1 32  ? -1.20755  2.09454   3.05327   1.000 20.29966 ? 32  TYR A CA  1 
ATOM   37  C C   . TYR A 1 32  ? -1.84847  2.07270   4.43191   1.000 21.87549 ? 32  TYR A C   1 
ATOM   38  O O   . TYR A 1 32  ? -2.40840  3.08140   4.86265   1.000 22.45262 ? 32  TYR A O   1 
ATOM   39  C CB  . TYR A 1 32  ? -0.22049  3.24939   2.93061   1.000 21.73297 ? 32  TYR A CB  1 
ATOM   40  C CG  . TYR A 1 32  ? 0.96447   3.14503   3.85429   1.000 21.68677 ? 32  TYR A CG  1 
ATOM   41  C CD1 . TYR A 1 32  ? 1.98274   2.25669   3.58320   1.000 22.72378 ? 32  TYR A CD1 1 
ATOM   42  C CD2 . TYR A 1 32  ? 1.06768   3.94948   4.98113   1.000 20.16127 ? 32  TYR A CD2 1 
ATOM   43  C CE1 . TYR A 1 32  ? 3.06887   2.14636   4.42951   1.000 26.05031 ? 32  TYR A CE1 1 
ATOM   44  C CE2 . TYR A 1 32  ? 2.15789   3.84942   5.84220   1.000 28.44331 ? 32  TYR A CE2 1 
ATOM   45  C CZ  . TYR A 1 32  ? 3.15176   2.94387   5.55510   1.000 26.55614 ? 32  TYR A CZ  1 
ATOM   46  O OH  . TYR A 1 32  ? 4.25316   2.83180   6.38816   1.000 31.45699 ? 32  TYR A OH  1 
ATOM   47  N N   . PHE A 1 33  ? -1.76683  0.93829   5.12192   1.000 21.52796 ? 33  PHE A N   1 
ATOM   48  C CA  . PHE A 1 33  ? -2.39092  0.76862   6.43127   1.000 20.28666 ? 33  PHE A CA  1 
ATOM   49  C C   . PHE A 1 33  ? -1.34407  0.95623   7.51755   1.000 25.49152 ? 33  PHE A C   1 
ATOM   50  O O   . PHE A 1 33  ? -0.28282  0.32668   7.47669   1.000 19.92177 ? 33  PHE A O   1 
ATOM   51  C CB  . PHE A 1 33  ? -3.05049  -0.60445  6.56447   1.000 18.73848 ? 33  PHE A CB  1 
ATOM   52  C CG  . PHE A 1 33  ? -4.14448  -0.85183  5.55394   1.000 21.24730 ? 33  PHE A CG  1 
ATOM   53  C CD1 . PHE A 1 33  ? -3.84179  -1.34526  4.29036   1.000 23.23071 ? 33  PHE A CD1 1 
ATOM   54  C CD2 . PHE A 1 33  ? -5.46972  -0.59482  5.87178   1.000 26.53618 ? 33  PHE A CD2 1 
ATOM   55  C CE1 . PHE A 1 33  ? -4.84771  -1.57855  3.35149   1.000 23.47948 ? 33  PHE A CE1 1 
ATOM   56  C CE2 . PHE A 1 33  ? -6.48604  -0.82213  4.94079   1.000 23.79921 ? 33  PHE A CE2 1 
ATOM   57  C CZ  . PHE A 1 33  ? -6.17578  -1.30958  3.68331   1.000 23.08328 ? 33  PHE A CZ  1 
ATOM   58  N N   . LYS A 1 34  ? -1.64172  1.82197   8.48478   1.000 21.33466 ? 34  LYS A N   1 
ATOM   59  C CA  . LYS A 1 34  ? -0.64879  2.18826   9.48438   1.000 27.35998 ? 34  LYS A CA  1 
ATOM   60  C C   . LYS A 1 34  ? -1.34244  2.44394   10.81462  1.000 22.85604 ? 34  LYS A C   1 
ATOM   61  O O   . LYS A 1 34  ? -2.56978  2.45809   10.91432  1.000 21.90322 ? 34  LYS A O   1 
ATOM   62  C CB  . LYS A 1 34  ? 0.15900   3.42076   9.03157   1.000 25.24862 ? 34  LYS A CB  1 
ATOM   63  C CG  . LYS A 1 34  ? -0.67947  4.68613   8.70399   1.000 27.71825 ? 34  LYS A CG  1 
ATOM   64  C CD  . LYS A 1 34  ? -0.95949  5.52544   9.96739   1.000 26.32220 ? 34  LYS A CD  1 
ATOM   65  C CE  . LYS A 1 34  ? -1.68780  6.82402   9.65033   1.000 30.89376 ? 34  LYS A CE  1 
ATOM   66  N NZ  . LYS A 1 34  ? -1.70431  7.70068   10.86374  1.000 28.00556 ? 34  LYS A NZ  1 
ATOM   67  N N   . ASN A 1 35  ? -0.53368  2.63507   11.85118  1.000 22.92877 ? 35  ASN A N   1 
ATOM   68  C CA  . ASN A 1 35  ? -0.99997  3.35562   13.02248  1.000 26.66081 ? 35  ASN A CA  1 
ATOM   69  C C   . ASN A 1 35  ? 0.13789   4.24737   13.49196  1.000 27.54753 ? 35  ASN A C   1 
ATOM   70  O O   . ASN A 1 35  ? 1.27327   4.15113   13.00817  1.000 28.10282 ? 35  ASN A O   1 
ATOM   71  C CB  . ASN A 1 35  ? -1.53457  2.40570   14.09775  1.000 23.93038 ? 35  ASN A CB  1 
ATOM   72  C CG  . ASN A 1 35  ? -0.45996  1.61359   14.77509  1.000 24.76007 ? 35  ASN A CG  1 
ATOM   73  O OD1 . ASN A 1 35  ? 0.54486   2.15369   15.22748  1.000 31.18112 ? 35  ASN A OD1 1 
ATOM   74  N ND2 . ASN A 1 35  ? -0.67857  0.31133   14.86260  1.000 26.99212 ? 35  ASN A ND2 1 
ATOM   75  N N   . ASP A 1 36  ? -0.16615  5.16281   14.40124  1.000 24.88122 ? 36  ASP A N   1 
ATOM   76  C CA  . ASP A 1 36  ? 0.83886   6.16466   14.71267  1.000 29.23076 ? 36  ASP A CA  1 
ATOM   77  C C   . ASP A 1 36  ? 1.80928   5.69740   15.78975  1.000 30.07906 ? 36  ASP A C   1 
ATOM   78  O O   . ASP A 1 36  ? 2.71720   6.45131   16.15243  1.000 38.33024 ? 36  ASP A O   1 
ATOM   79  C CB  . ASP A 1 36  ? 0.17306   7.48760   15.09784  1.000 34.94474 ? 36  ASP A CB  1 
ATOM   80  C CG  . ASP A 1 36  ? -0.25347  8.29418   13.87575  1.000 41.80729 ? 36  ASP A CG  1 
ATOM   81  O OD1 . ASP A 1 36  ? 0.28250   8.04204   12.76960  1.000 40.23917 ? 36  ASP A OD1 1 
ATOM   82  O OD2 . ASP A 1 36  ? -1.11863  9.18269   14.00988  1.000 51.85780 ? 36  ASP A OD2 1 
ATOM   83  N N   . LYS A 1 37  ? 1.65386   4.47335   16.28793  0.867 26.82709 ? 37  LYS A N   1 
ATOM   84  C CA  . LYS A 1 37  ? 2.60758   3.87905   17.21936  0.867 25.67674 ? 37  LYS A CA  1 
ATOM   85  C C   . LYS A 1 37  ? 3.57934   2.92574   16.53716  0.867 33.23514 ? 37  LYS A C   1 
ATOM   86  O O   . LYS A 1 37  ? 4.43061   2.32211   17.21283  0.867 34.61787 ? 37  LYS A O   1 
ATOM   87  C CB  . LYS A 1 37  ? 1.86162   3.14787   18.33052  0.867 33.01580 ? 37  LYS A CB  1 
ATOM   88  C CG  . LYS A 1 37  ? 1.15806   4.09803   19.27932  0.867 35.99996 ? 37  LYS A CG  1 
ATOM   89  C CD  . LYS A 1 37  ? 0.33394   3.35666   20.32099  0.867 45.89917 ? 37  LYS A CD  1 
ATOM   90  C CE  . LYS A 1 37  ? -0.98115  2.87644   19.73594  0.867 52.34942 ? 37  LYS A CE  1 
ATOM   91  N NZ  . LYS A 1 37  ? -2.01466  2.68385   20.78627  0.867 47.97081 ? 37  LYS A NZ  1 
ATOM   92  N N   . CYS A 1 38  ? 3.48301   2.79041   15.22158  1.000 25.06069 ? 38  CYS A N   1 
ATOM   93  C CA  . CYS A 1 38  ? 4.28568   1.84712   14.43971  1.000 22.45165 ? 38  CYS A CA  1 
ATOM   94  C C   . CYS A 1 38  ? 5.47412   2.58464   13.82542  1.000 28.42250 ? 38  CYS A C   1 
ATOM   95  O O   . CYS A 1 38  ? 5.30657   3.44914   12.95431  1.000 28.06910 ? 38  CYS A O   1 
ATOM   96  C CB  . CYS A 1 38  ? 3.40870   1.18524   13.37659  1.000 33.05603 ? 38  CYS A CB  1 
ATOM   97  S SG  . CYS A 1 38  ? 4.23638   0.32240   11.99172  1.000 32.84197 ? 38  CYS A SG  1 
ATOM   98  N N   . SER A 1 39  ? 6.68425   2.21880   14.25887  1.000 26.09114 ? 39  SER A N   1 
ATOM   99  C CA  . SER A 1 39  ? 7.86467   2.95543   13.83174  1.000 20.54271 ? 39  SER A CA  1 
ATOM   100 C C   . SER A 1 39  ? 8.26901   2.60738   12.40646  1.000 24.41028 ? 39  SER A C   1 
ATOM   101 O O   . SER A 1 39  ? 8.70791   3.48716   11.65348  1.000 27.48060 ? 39  SER A O   1 
ATOM   102 C CB  . SER A 1 39  ? 9.02127   2.68212   14.79965  1.000 22.32345 ? 39  SER A CB  1 
ATOM   103 O OG  . SER A 1 39  ? 8.66161   3.05031   16.11888  1.000 26.26155 ? 39  SER A OG  1 
ATOM   104 N N   . VAL A 1 40  ? 8.16273   1.33284   12.02086  1.000 21.61169 ? 40  VAL A N   1 
ATOM   105 C CA  . VAL A 1 40  ? 8.41139   0.98273   10.62616  1.000 22.28710 ? 40  VAL A CA  1 
ATOM   106 C C   . VAL A 1 40  ? 7.43184   1.72017   9.71808   1.000 22.23202 ? 40  VAL A C   1 
ATOM   107 O O   . VAL A 1 40  ? 7.79541   2.15436   8.61962   1.000 25.80239 ? 40  VAL A O   1 
ATOM   108 C CB  . VAL A 1 40  ? 8.33283   -0.54174  10.43248  1.000 23.49687 ? 40  VAL A CB  1 
ATOM   109 C CG1 . VAL A 1 40  ? 8.43812   -0.90972  8.96823   1.000 24.69682 ? 40  VAL A CG1 1 
ATOM   110 C CG2 . VAL A 1 40  ? 9.44936   -1.23636  11.24099  1.000 23.09654 ? 40  VAL A CG2 1 
ATOM   111 N N   . CYS A 1 41  ? 6.18663   1.90400   10.17671  1.000 22.60952 ? 41  CYS A N   1 
ATOM   112 C CA  . CYS A 1 41  ? 5.19579   2.62896   9.36357   1.000 20.93770 ? 41  CYS A CA  1 
ATOM   113 C C   . CYS A 1 41  ? 5.59861   4.07842   9.13730   1.000 29.55691 ? 41  CYS A C   1 
ATOM   114 O O   . CYS A 1 41  ? 5.44693   4.60757   8.02532   1.000 29.69701 ? 41  CYS A O   1 
ATOM   115 C CB  . CYS A 1 41  ? 3.81284   2.60847   10.01856  1.000 24.14603 ? 41  CYS A CB  1 
ATOM   116 S SG  . CYS A 1 41  ? 3.10793   1.00448   10.37082  1.000 35.88252 ? 41  CYS A SG  1 
ATOM   117 N N   . LYS A 1 42  ? 6.05723   4.75726   10.19173  0.883 25.78465 ? 42  LYS A N   1 
ATOM   118 C CA  . LYS A 1 42  ? 6.45521   6.15699   10.05697  0.883 27.63671 ? 42  LYS A CA  1 
ATOM   119 C C   . LYS A 1 42  ? 7.61601   6.31682   9.08264   0.883 31.23448 ? 42  LYS A C   1 
ATOM   120 O O   . LYS A 1 42  ? 7.62755   7.24511   8.26471   0.883 28.33749 ? 42  LYS A O   1 
ATOM   121 C CB  . LYS A 1 42  ? 6.83761   6.72598   11.42073  0.883 29.79222 ? 42  LYS A CB  1 
ATOM   122 C CG  . LYS A 1 42  ? 5.72833   6.70982   12.44116  0.883 35.67399 ? 42  LYS A CG  1 
ATOM   123 C CD  . LYS A 1 42  ? 6.20155   7.39817   13.70472  0.883 41.94654 ? 42  LYS A CD  1 
ATOM   124 C CE  . LYS A 1 42  ? 5.32617   7.04598   14.87323  0.883 43.97054 ? 42  LYS A CE  1 
ATOM   125 N NZ  . LYS A 1 42  ? 6.10041   6.56766   16.04817  0.883 50.54709 ? 42  LYS A NZ  1 
ATOM   126 N N   . ALA A 1 43  ? 8.60713   5.42746   9.16721   1.000 24.89616 ? 43  ALA A N   1 
ATOM   127 C CA  . ALA A 1 43  ? 9.76927   5.49601   8.28752   1.000 28.37571 ? 43  ALA A CA  1 
ATOM   128 C C   . ALA A 1 43  ? 9.39655   5.17358   6.84791   1.000 29.61318 ? 43  ALA A C   1 
ATOM   129 O O   . ALA A 1 43  ? 9.97458   5.73483   5.90696   1.000 31.96677 ? 43  ALA A O   1 
ATOM   130 C CB  . ALA A 1 43  ? 10.86268  4.53532   8.77975   1.000 30.34093 ? 43  ALA A CB  1 
ATOM   131 N N   . MET A 1 44  ? 8.44304   4.26474   6.64976   1.000 26.66361 ? 44  MET A N   1 
ATOM   132 C CA  . MET A 1 44  ? 8.10330   3.84559   5.29326   1.000 26.21848 ? 44  MET A CA  1 
ATOM   133 C C   . MET A 1 44  ? 7.13779   4.81160   4.62132   1.000 28.32348 ? 44  MET A C   1 
ATOM   134 O O   . MET A 1 44  ? 7.11920   4.89234   3.38481   1.000 27.22414 ? 44  MET A O   1 
ATOM   135 C CB  . MET A 1 44  ? 7.50674   2.43167   5.32852   1.000 28.30405 ? 44  MET A CB  1 
ATOM   136 C CG  . MET A 1 44  ? 7.26096   1.78960   3.97596   1.000 29.01529 ? 44  MET A CG  1 
ATOM   137 S SD  . MET A 1 44  ? 6.46000   0.17947   4.12399   1.000 29.90621 ? 44  MET A SD  1 
ATOM   138 C CE  . MET A 1 44  ? 7.76164   -0.77954  4.91428   1.000 28.27826 ? 44  MET A CE  1 
ATOM   139 N N   . LEU A 1 45  ? 6.36146   5.55698   5.41574   1.000 25.69324 ? 45  LEU A N   1 
ATOM   140 C CA  . LEU A 1 45  ? 5.31390   6.41904   4.87046   1.000 27.73108 ? 45  LEU A CA  1 
ATOM   141 C C   . LEU A 1 45  ? 5.83272   7.42635   3.84936   1.000 30.90099 ? 45  LEU A C   1 
ATOM   142 O O   . LEU A 1 45  ? 5.23523   7.53205   2.76751   1.000 34.17176 ? 45  LEU A O   1 
ATOM   143 C CB  . LEU A 1 45  ? 4.58664   7.11582   6.02124   1.000 24.74834 ? 45  LEU A CB  1 
ATOM   144 C CG  . LEU A 1 45  ? 3.50475   8.10125   5.56636   1.000 29.10308 ? 45  LEU A CG  1 
ATOM   145 C CD1 . LEU A 1 45  ? 2.47508   7.36660   4.73917   1.000 29.82086 ? 45  LEU A CD1 1 
ATOM   146 C CD2 . LEU A 1 45  ? 2.87359   8.76284   6.76694   1.000 34.98043 ? 45  LEU A CD2 1 
ATOM   147 N N   . PRO A 1 46  ? 6.89705   8.19397   4.11126   1.000 31.60222 ? 46  PRO A N   1 
ATOM   148 C CA  . PRO A 1 46  ? 7.35452   9.12760   3.06942   1.000 34.67505 ? 46  PRO A CA  1 
ATOM   149 C C   . PRO A 1 46  ? 7.87351   8.42584   1.82755   1.000 33.78785 ? 46  PRO A C   1 
ATOM   150 O O   . PRO A 1 46  ? 7.72373   8.95724   0.71871   1.000 37.28943 ? 46  PRO A O   1 
ATOM   151 C CB  . PRO A 1 46  ? 8.44988   9.93754   3.77692   1.000 38.65798 ? 46  PRO A CB  1 
ATOM   152 C CG  . PRO A 1 46  ? 8.89059   9.08901   4.89218   1.000 31.99757 ? 46  PRO A CG  1 
ATOM   153 C CD  . PRO A 1 46  ? 7.68895   8.33509   5.34665   1.000 31.49670 ? 46  PRO A CD  1 
ATOM   154 N N   . LYS A 1 47  ? 8.46365   7.23986   1.97334   1.000 33.22566 ? 47  LYS A N   1 
ATOM   155 C CA  . LYS A 1 47  ? 8.89177   6.48757   0.80309   1.000 28.63314 ? 47  LYS A CA  1 
ATOM   156 C C   . LYS A 1 47  ? 7.69629   6.08163   -0.04156  1.000 31.76971 ? 47  LYS A C   1 
ATOM   157 O O   . LYS A 1 47  ? 7.69240   6.27207   -1.26251  1.000 32.44678 ? 47  LYS A O   1 
ATOM   158 C CB  . LYS A 1 47  ? 9.67891   5.24951   1.22748   1.000 29.75515 ? 47  LYS A CB  1 
ATOM   159 C CG  . LYS A 1 47  ? 10.82320  5.49728   2.20482   1.000 34.31577 ? 47  LYS A CG  1 
ATOM   160 C CD  . LYS A 1 47  ? 11.49346  4.17240   2.56090   1.000 39.51464 ? 47  LYS A CD  1 
ATOM   161 C CE  . LYS A 1 47  ? 12.59485  4.32541   3.60925   1.000 39.77535 ? 47  LYS A CE  1 
ATOM   162 N NZ  . LYS A 1 47  ? 13.82557  4.94025   3.03634   1.000 54.27781 ? 47  LYS A NZ  1 
ATOM   163 N N   . ILE A 1 48  ? 6.67185   5.50479   0.59332   1.000 30.46070 ? 48  ILE A N   1 
ATOM   164 C CA  . ILE A 1 48  ? 5.53415   5.01992   -0.17968  1.000 33.59181 ? 48  ILE A CA  1 
ATOM   165 C C   . ILE A 1 48  ? 4.80065   6.18937   -0.81964  1.000 35.15298 ? 48  ILE A C   1 
ATOM   166 O O   . ILE A 1 48  ? 4.30480   6.07695   -1.94490  1.000 30.39254 ? 48  ILE A O   1 
ATOM   167 C CB  . ILE A 1 48  ? 4.60973   4.14378   0.69320   1.000 28.41030 ? 48  ILE A CB  1 
ATOM   168 C CG1 . ILE A 1 48  ? 3.58041   3.41181   -0.17435  1.000 30.29758 ? 48  ILE A CG1 1 
ATOM   169 C CG2 . ILE A 1 48  ? 3.90049   4.94616   1.77077   1.000 31.96927 ? 48  ILE A CG2 1 
ATOM   170 C CD1 . ILE A 1 48  ? 4.19449   2.32739   -1.05228  1.000 37.86433 ? 48  ILE A CD1 1 
ATOM   171 N N   . GLN A 1 49  ? 4.76330   7.33847   -0.14400  1.000 32.60126 ? 49  GLN A N   1 
ATOM   172 C CA  . GLN A 1 49  ? 4.15142   8.52386   -0.73650  1.000 35.52413 ? 49  GLN A CA  1 
ATOM   173 C C   . GLN A 1 49  ? 4.92874   8.99455   -1.95588  1.000 37.83531 ? 49  GLN A C   1 
ATOM   174 O O   . GLN A 1 49  ? 4.33598   9.37930   -2.97226  1.000 42.12358 ? 49  GLN A O   1 
ATOM   175 C CB  . GLN A 1 49  ? 4.06782   9.63386   0.30343   1.000 37.58708 ? 49  GLN A CB  1 
ATOM   176 C CG  . GLN A 1 49  ? 3.04759   9.35852   1.37138   1.000 40.24863 ? 49  GLN A CG  1 
ATOM   177 C CD  . GLN A 1 49  ? 2.80599   10.55441  2.25978   1.000 51.91681 ? 49  GLN A CD  1 
ATOM   178 O OE1 . GLN A 1 49  ? 1.66655   10.84904  2.61795   1.000 53.53363 ? 49  GLN A OE1 1 
ATOM   179 N NE2 . GLN A 1 49  ? 3.88094   11.25324  2.62509   1.000 50.87588 ? 49  GLN A NE2 1 
ATOM   180 N N   . THR A 1 50  ? 6.25661   8.96979   -1.87253  1.000 35.10621 ? 50  THR A N   1 
ATOM   181 C CA  . THR A 1 50  ? 7.07172   9.37517   -3.00708  1.000 37.33699 ? 50  THR A CA  1 
ATOM   182 C C   . THR A 1 50  ? 6.89509   8.41341   -4.17202  1.000 39.46516 ? 50  THR A C   1 
ATOM   183 O O   . THR A 1 50  ? 6.75366   8.84543   -5.32124  1.000 40.13166 ? 50  THR A O   1 
ATOM   184 C CB  . THR A 1 50  ? 8.53228   9.46428   -2.57268  1.000 45.73015 ? 50  THR A CB  1 
ATOM   185 O OG1 . THR A 1 50  ? 8.71014   10.63804  -1.76607  1.000 53.89388 ? 50  THR A OG1 1 
ATOM   186 C CG2 . THR A 1 50  ? 9.45906   9.51712   -3.78141  1.000 47.40159 ? 50  THR A CG2 1 
ATOM   187 N N   . ILE A 1 51  ? 6.88029   7.10745   -3.88498  1.000 37.15917 ? 51  ILE A N   1 
ATOM   188 C CA  . ILE A 1 51  ? 6.60705   6.09887   -4.90847  1.000 35.83085 ? 51  ILE A CA  1 
ATOM   189 C C   . ILE A 1 51  ? 5.31207   6.42206   -5.64174  1.000 36.64152 ? 51  ILE A C   1 
ATOM   190 O O   . ILE A 1 51  ? 5.24358   6.37017   -6.87632  1.000 40.39162 ? 51  ILE A O   1 
ATOM   191 C CB  . ILE A 1 51  ? 6.54900   4.69948   -4.27211  1.000 31.58354 ? 51  ILE A CB  1 
ATOM   192 C CG1 . ILE A 1 51  ? 7.92670   4.28771   -3.76035  1.000 37.96463 ? 51  ILE A CG1 1 
ATOM   193 C CG2 . ILE A 1 51  ? 6.02266   3.66771   -5.25821  1.000 36.58644 ? 51  ILE A CG2 1 
ATOM   194 C CD1 . ILE A 1 51  ? 7.86335   3.20064   -2.70622  1.000 42.38702 ? 51  ILE A CD1 1 
ATOM   195 N N   . ALA A 1 52  ? 4.26259   6.75797   -4.88672  1.000 40.61258 ? 52  ALA A N   1 
ATOM   196 C CA  . ALA A 1 52  ? 2.96440   7.03711   -5.49535  1.000 39.92830 ? 52  ALA A CA  1 
ATOM   197 C C   . ALA A 1 52  ? 3.02878   8.27889   -6.37525  1.000 32.75956 ? 52  ALA A C   1 
ATOM   198 O O   . ALA A 1 52  ? 2.52436   8.28402   -7.50563  1.000 40.59800 ? 52  ALA A O   1 
ATOM   199 C CB  . ALA A 1 52  ? 1.90226   7.19610   -4.40756  1.000 30.86831 ? 52  ALA A CB  1 
ATOM   200 N N   . LYS A 1 53  ? 3.65450   9.34305   -5.86896  0.860 38.54632 ? 53  LYS A N   1 
ATOM   201 C CA  . LYS A 1 53  ? 3.85906   10.54399  -6.67067  0.860 37.84099 ? 53  LYS A CA  1 
ATOM   202 C C   . LYS A 1 53  ? 4.70310   10.24092  -7.90294  0.860 38.54749 ? 53  LYS A C   1 
ATOM   203 O O   . LYS A 1 53  ? 4.45225   10.77886  -8.98712  0.860 47.81383 ? 53  LYS A O   1 
ATOM   204 C CB  . LYS A 1 53  ? 4.51914   11.62545  -5.81247  0.860 40.18506 ? 53  LYS A CB  1 
ATOM   205 C CG  . LYS A 1 53  ? 4.79739   12.92892  -6.53982  0.860 47.91159 ? 53  LYS A CG  1 
ATOM   206 C CD  . LYS A 1 53  ? 6.20471   13.44458  -6.24798  0.860 48.67240 ? 53  LYS A CD  1 
ATOM   207 C CE  . LYS A 1 53  ? 6.38682   14.89784  -6.70201  0.860 64.88859 ? 53  LYS A CE  1 
ATOM   208 N NZ  . LYS A 1 53  ? 5.79521   15.20351  -8.04371  0.860 58.74757 ? 53  LYS A NZ  1 
ATOM   209 N N   . ASN A 1 54  ? 5.70062   9.36503   -7.75597  0.969 46.03597 ? 54  ASN A N   1 
ATOM   210 C CA  . ASN A 1 54  ? 6.59534   9.03659   -8.86075  0.969 42.26511 ? 54  ASN A CA  1 
ATOM   211 C C   . ASN A 1 54  ? 5.86963   8.32549   -9.99509  0.969 47.73737 ? 54  ASN A C   1 
ATOM   212 O O   . ASN A 1 54  ? 6.25723   8.46839   -11.16037 0.969 45.39248 ? 54  ASN A O   1 
ATOM   213 C CB  . ASN A 1 54  ? 7.73665   8.16753   -8.35427  0.969 46.39196 ? 54  ASN A CB  1 
ATOM   214 C CG  . ASN A 1 54  ? 9.05066   8.52227   -8.98445  0.969 59.55195 ? 54  ASN A CG  1 
ATOM   215 O OD1 . ASN A 1 54  ? 9.74639   9.42976   -8.52335  0.969 63.30591 ? 54  ASN A OD1 1 
ATOM   216 N ND2 . ASN A 1 54  ? 9.40632   7.81192   -10.04982 0.969 60.22590 ? 54  ASN A ND2 1 
ATOM   217 N N   . PHE A 1 55  ? 4.83237   7.54898   -9.68036  1.000 42.77075 ? 55  PHE A N   1 
ATOM   218 C CA  . PHE A 1 55  ? 4.06526   6.82073   -10.68236 1.000 36.67153 ? 55  PHE A CA  1 
ATOM   219 C C   . PHE A 1 55  ? 2.70326   7.44356   -10.94950 1.000 41.44938 ? 55  PHE A C   1 
ATOM   220 O O   . PHE A 1 55  ? 1.90821   6.86106   -11.69667 1.000 40.79293 ? 55  PHE A O   1 
ATOM   221 C CB  . PHE A 1 55  ? 3.88282   5.35908   -10.26319 1.000 40.50936 ? 55  PHE A CB  1 
ATOM   222 C CG  . PHE A 1 55  ? 5.14947   4.55826   -10.26100 1.000 37.94194 ? 55  PHE A CG  1 
ATOM   223 C CD1 . PHE A 1 55  ? 5.62562   3.98780   -11.42747 1.000 38.77535 ? 55  PHE A CD1 1 
ATOM   224 C CD2 . PHE A 1 55  ? 5.85662   4.35300   -9.08505  1.000 42.55854 ? 55  PHE A CD2 1 
ATOM   225 C CE1 . PHE A 1 55  ? 6.78550   3.23972   -11.42575 1.000 37.87898 ? 55  PHE A CE1 1 
ATOM   226 C CE2 . PHE A 1 55  ? 7.02358   3.60457   -9.07370  1.000 41.94810 ? 55  PHE A CE2 1 
ATOM   227 C CZ  . PHE A 1 55  ? 7.48938   3.04694   -10.24687 1.000 48.55748 ? 55  PHE A CZ  1 
ATOM   228 N N   . ASP A 1 56  ? 2.41143   8.60215   -10.35577 0.647 28.26243 ? 56  ASP A N   1 
ATOM   229 C CA  . ASP A 1 56  ? 1.11423   9.25653   -10.49390 0.647 34.01146 ? 56  ASP A CA  1 
ATOM   230 C C   . ASP A 1 56  ? -0.02442  8.30378   -10.14282 0.647 36.74519 ? 56  ASP A C   1 
ATOM   231 O O   . ASP A 1 56  ? -1.00787  8.17751   -10.87240 0.647 34.48896 ? 56  ASP A O   1 
ATOM   232 C CB  . ASP A 1 56  ? 0.93563   9.82116   -11.90133 0.647 41.15736 ? 56  ASP A CB  1 
ATOM   233 C CG  . ASP A 1 56  ? 1.97925   10.84796  -12.24142 0.647 42.09762 ? 56  ASP A CG  1 
ATOM   234 O OD1 . ASP A 1 56  ? 1.86565   11.98205  -11.73222 0.647 52.27848 ? 56  ASP A OD1 1 
ATOM   235 O OD2 . ASP A 1 56  ? 2.91171   10.52493  -13.01097 0.647 42.70639 ? 56  ASP A OD2 1 
ATOM   236 N N   . ILE A 1 57  ? 0.12224   7.61123   -9.01443  0.868 28.49212 ? 57  ILE A N   1 
ATOM   237 C CA  . ILE A 1 57  ? -0.89702  6.69529   -8.51440  0.868 33.26111 ? 57  ILE A CA  1 
ATOM   238 C C   . ILE A 1 57  ? -1.48957  7.29077   -7.24399  0.868 32.10217 ? 57  ILE A C   1 
ATOM   239 O O   . ILE A 1 57  ? -0.74739  7.76989   -6.37743  0.868 32.26066 ? 57  ILE A O   1 
ATOM   240 C CB  . ILE A 1 57  ? -0.31101  5.29654   -8.25399  0.868 35.63923 ? 57  ILE A CB  1 
ATOM   241 C CG1 . ILE A 1 57  ? 0.06968   4.62061   -9.57412  0.868 35.15441 ? 57  ILE A CG1 1 
ATOM   242 C CG2 . ILE A 1 57  ? -1.29264  4.42718   -7.46616  0.868 36.06578 ? 57  ILE A CG2 1 
ATOM   243 C CD1 . ILE A 1 57  ? 0.77298   3.28360   -9.37110  0.868 30.59533 ? 57  ILE A CD1 1 
ATOM   244 N N   . ASP A 1 58  ? -2.82265  7.28319   -7.14531  1.000 28.90628 ? 58  ASP A N   1 
ATOM   245 C CA  . ASP A 1 58  ? -3.48584  7.71513   -5.91916  1.000 28.47355 ? 58  ASP A CA  1 
ATOM   246 C C   . ASP A 1 58  ? -3.02298  6.85459   -4.75692  1.000 26.54231 ? 58  ASP A C   1 
ATOM   247 O O   . ASP A 1 58  ? -2.77183  5.66021   -4.92053  1.000 34.64573 ? 58  ASP A O   1 
ATOM   248 C CB  . ASP A 1 58  ? -5.00503  7.60005   -6.04267  1.000 28.99651 ? 58  ASP A CB  1 
ATOM   249 C CG  . ASP A 1 58  ? -5.60866  8.65774   -6.93187  1.000 43.52857 ? 58  ASP A CG  1 
ATOM   250 O OD1 . ASP A 1 58  ? -4.92356  9.65934   -7.23541  1.000 43.43627 ? 58  ASP A OD1 1 
ATOM   251 O OD2 . ASP A 1 58  ? -6.77944  8.47970   -7.31288  1.000 43.91228 ? 58  ASP A OD2 1 
ATOM   252 N N   . ILE A 1 59  ? -2.90956  7.45656   -3.57500  1.000 26.42102 ? 59  ILE A N   1 
ATOM   253 C CA  . ILE A 1 59  ? -2.54151  6.71126   -2.37960  1.000 19.79689 ? 59  ILE A CA  1 
ATOM   254 C C   . ILE A 1 59  ? -3.45554  7.13286   -1.24523  1.000 28.57747 ? 59  ILE A C   1 
ATOM   255 O O   . ILE A 1 59  ? -3.65141  8.32952   -1.00644  1.000 33.78433 ? 59  ILE A O   1 
ATOM   256 C CB  . ILE A 1 59  ? -1.06434  6.90677   -1.98231  1.000 32.19739 ? 59  ILE A CB  1 
ATOM   257 C CG1 . ILE A 1 59  ? -0.76538  6.10088   -0.71982  1.000 31.94203 ? 59  ILE A CG1 1 
ATOM   258 C CG2 . ILE A 1 59  ? -0.73411  8.38113   -1.76716  1.000 32.50472 ? 59  ILE A CG2 1 
ATOM   259 C CD1 . ILE A 1 59  ? 0.71233   5.98048   -0.41485  1.000 35.70768 ? 59  ILE A CD1 1 
ATOM   260 N N   . GLU A 1 60  ? -4.02701  6.15962   -0.55787  1.000 22.86056 ? 60  GLU A N   1 
ATOM   261 C CA  . GLU A 1 60  ? -4.85837  6.43242   0.60008   1.000 17.33065 ? 60  GLU A CA  1 
ATOM   262 C C   . GLU A 1 60  ? -4.13187  5.91041   1.83095   1.000 23.46450 ? 60  GLU A C   1 
ATOM   263 O O   . GLU A 1 60  ? -3.74648  4.73812   1.86780   1.000 22.42629 ? 60  GLU A O   1 
ATOM   264 C CB  . GLU A 1 60  ? -6.22368  5.77664   0.45621   1.000 21.45108 ? 60  GLU A CB  1 
ATOM   265 C CG  . GLU A 1 60  ? -7.11840  6.07915   1.63720   1.000 25.32538 ? 60  GLU A CG  1 
ATOM   266 C CD  . GLU A 1 60  ? -8.51467  5.50728   1.49211   1.000 32.44822 ? 60  GLU A CD  1 
ATOM   267 O OE1 . GLU A 1 60  ? -8.78358  4.80448   0.48947   1.000 24.42593 ? 60  GLU A OE1 1 
ATOM   268 O OE2 . GLU A 1 60  ? -9.33935  5.75954   2.40548   1.000 29.67587 ? 60  GLU A OE2 1 
ATOM   269 N N   . VAL A 1 61  ? -3.91195  6.77924   2.81089   1.000 20.18837 ? 61  VAL A N   1 
ATOM   270 C CA  . VAL A 1 61  ? -3.24861  6.38932   4.05370   1.000 16.94259 ? 61  VAL A CA  1 
ATOM   271 C C   . VAL A 1 61  ? -4.34122  6.13902   5.08197   1.000 24.38415 ? 61  VAL A C   1 
ATOM   272 O O   . VAL A 1 61  ? -5.18503  7.01084   5.33021   1.000 23.85583 ? 61  VAL A O   1 
ATOM   273 C CB  . VAL A 1 61  ? -2.25055  7.45713   4.52548   1.000 19.70835 ? 61  VAL A CB  1 
ATOM   274 C CG1 . VAL A 1 61  ? -1.53472  6.98549   5.79014   1.000 24.84956 ? 61  VAL A CG1 1 
ATOM   275 C CG2 . VAL A 1 61  ? -1.23354  7.73686   3.43336   1.000 21.98346 ? 61  VAL A CG2 1 
ATOM   276 N N   . ILE A 1 62  ? -4.36825  4.93281   5.63955   1.000 18.04739 ? 62  ILE A N   1 
ATOM   277 C CA  . ILE A 1 62  ? -5.48409  4.46237   6.44790   1.000 20.02706 ? 62  ILE A CA  1 
ATOM   278 C C   . ILE A 1 62  ? -4.93975  4.13128   7.82699   1.000 25.48921 ? 62  ILE A C   1 
ATOM   279 O O   . ILE A 1 62  ? -4.01837  3.31569   7.95231   1.000 24.03607 ? 62  ILE A O   1 
ATOM   280 C CB  . ILE A 1 62  ? -6.16055  3.23764   5.81456   1.000 24.42228 ? 62  ILE A CB  1 
ATOM   281 C CG1 . ILE A 1 62  ? -6.68748  3.60512   4.42758   1.000 23.03994 ? 62  ILE A CG1 1 
ATOM   282 C CG2 . ILE A 1 62  ? -7.27652  2.69668   6.72014   1.000 27.53769 ? 62  ILE A CG2 1 
ATOM   283 C CD1 . ILE A 1 62  ? -7.06171  2.42446   3.57692   1.000 26.28631 ? 62  ILE A CD1 1 
ATOM   284 N N   . ASP A 1 63  ? -5.49579  4.77281   8.85472   1.000 24.27884 ? 63  ASP A N   1 
ATOM   285 C CA  . ASP A 1 63  ? -5.07963  4.52308   10.22840  1.000 28.09191 ? 63  ASP A CA  1 
ATOM   286 C C   . ASP A 1 63  ? -5.99149  3.45257   10.81338  1.000 26.13049 ? 63  ASP A C   1 
ATOM   287 O O   . ASP A 1 63  ? -7.18748  3.68986   11.02119  1.000 26.63087 ? 63  ASP A O   1 
ATOM   288 C CB  . ASP A 1 63  ? -5.11610  5.79983   11.06256  1.000 28.17359 ? 63  ASP A CB  1 
ATOM   289 C CG  . ASP A 1 63  ? -4.39204  5.62503   12.38551  1.000 28.99113 ? 63  ASP A CG  1 
ATOM   290 O OD1 . ASP A 1 63  ? -4.92896  4.89740   13.24208  1.000 24.93074 ? 63  ASP A OD1 1 
ATOM   291 O OD2 . ASP A 1 63  ? -3.29007  6.19129   12.54790  1.000 32.49934 ? 63  ASP A OD2 1 
ATOM   292 N N   . VAL A 1 64  ? -5.41848  2.28055   11.10851  1.000 25.30969 ? 64  VAL A N   1 
ATOM   293 C CA  . VAL A 1 64  ? -6.23029  1.13086   11.50067  1.000 23.82486 ? 64  VAL A CA  1 
ATOM   294 C C   . VAL A 1 64  ? -6.79779  1.29156   12.90204  1.000 27.04586 ? 64  VAL A C   1 
ATOM   295 O O   . VAL A 1 64  ? -7.74843  0.58938   13.26281  1.000 26.37103 ? 64  VAL A O   1 
ATOM   296 C CB  . VAL A 1 64  ? -5.42116  -0.17459  11.37629  1.000 26.79441 ? 64  VAL A CB  1 
ATOM   297 C CG1 . VAL A 1 64  ? -4.91710  -0.32002  9.94937   1.000 24.26795 ? 64  VAL A CG1 1 
ATOM   298 C CG2 . VAL A 1 64  ? -4.25969  -0.22748  12.39313  1.000 26.40522 ? 64  VAL A CG2 1 
ATOM   299 N N   . ILE A 1 65  ? -6.24569  2.20286   13.69455  1.000 25.93457 ? 65  ILE A N   1 
ATOM   300 C CA  . ILE A 1 65  ? -6.75370  2.44589   15.03774  1.000 22.75074 ? 65  ILE A CA  1 
ATOM   301 C C   . ILE A 1 65  ? -7.84667  3.49611   15.00783  1.000 27.20125 ? 65  ILE A C   1 
ATOM   302 O O   . ILE A 1 65  ? -8.88969  3.33040   15.64559  1.000 28.42152 ? 65  ILE A O   1 
ATOM   303 C CB  . ILE A 1 65  ? -5.61221  2.84968   15.99646  1.000 26.48311 ? 65  ILE A CB  1 
ATOM   304 C CG1 . ILE A 1 65  ? -4.69461  1.65805   16.27017  1.000 26.57621 ? 65  ILE A CG1 1 
ATOM   305 C CG2 . ILE A 1 65  ? -6.18531  3.36411   17.31851  1.000 29.77328 ? 65  ILE A CG2 1 
ATOM   306 C CD1 . ILE A 1 65  ? -3.50838  1.99249   17.16505  1.000 35.13861 ? 65  ILE A CD1 1 
ATOM   307 N N   . GLU A 1 66  ? -7.63606  4.57188   14.24892  0.808 25.04453 ? 66  GLU A N   1 
ATOM   308 C CA  . GLU A 1 66  ? -8.63071  5.63888   14.21309  0.808 24.64259 ? 66  GLU A CA  1 
ATOM   309 C C   . GLU A 1 66  ? -9.85540  5.22368   13.41214  0.808 27.30099 ? 66  GLU A C   1 
ATOM   310 O O   . GLU A 1 66  ? -10.98323 5.55141   13.78643  0.808 25.71615 ? 66  GLU A O   1 
ATOM   311 C CB  . GLU A 1 66  ? -8.01475  6.91775   13.64112  0.808 24.43544 ? 66  GLU A CB  1 
ATOM   312 C CG  . GLU A 1 66  ? -6.89821  7.51605   14.49480  0.808 35.71954 ? 66  GLU A CG  1 
ATOM   313 C CD  . GLU A 1 66  ? -7.25061  7.59559   15.98240  0.808 49.12713 ? 66  GLU A CD  1 
ATOM   314 O OE1 . GLU A 1 66  ? -8.41981  7.89628   16.32261  0.808 48.51653 ? 66  GLU A OE1 1 
ATOM   315 O OE2 . GLU A 1 66  ? -6.35178  7.34803   16.82064  0.808 59.44073 ? 66  GLU A OE2 1 
ATOM   316 N N   . ASN A 1 67  ? -9.65791  4.49388   12.31402  1.000 24.38850 ? 67  ASN A N   1 
ATOM   317 C CA  . ASN A 1 67  ? -10.73103 4.13888   11.38320  1.000 22.20753 ? 67  ASN A CA  1 
ATOM   318 C C   . ASN A 1 67  ? -10.67691 2.64603   11.08539  1.000 27.97759 ? 67  ASN A C   1 
ATOM   319 O O   . ASN A 1 67  ? -10.38320 2.23403   9.95828   1.000 22.78907 ? 67  ASN A O   1 
ATOM   320 C CB  . ASN A 1 67  ? -10.61554 4.95551   10.09583  1.000 26.31708 ? 67  ASN A CB  1 
ATOM   321 C CG  . ASN A 1 67  ? -10.57348 6.44600   10.35636  1.000 32.60453 ? 67  ASN A CG  1 
ATOM   322 O OD1 . ASN A 1 67  ? -9.56550  7.10510   10.09510  1.000 27.19364 ? 67  ASN A OD1 1 
ATOM   323 N ND2 . ASN A 1 67  ? -11.67199 6.98756   10.88306  1.000 31.49240 ? 67  ASN A ND2 1 
ATOM   324 N N   . PRO A 1 68  ? -10.99672 1.80249   12.07004  1.000 26.08285 ? 68  PRO A N   1 
ATOM   325 C CA  . PRO A 1 68  ? -10.73775 0.35899   11.92478  1.000 24.94175 ? 68  PRO A CA  1 
ATOM   326 C C   . PRO A 1 68  ? -11.73808 -0.39906  11.05609  1.000 26.80653 ? 68  PRO A C   1 
ATOM   327 O O   . PRO A 1 68  ? -11.47888 -1.57180  10.74461  1.000 23.46275 ? 68  PRO A O   1 
ATOM   328 C CB  . PRO A 1 68  ? -10.80112 -0.14221  13.37487  1.000 28.22777 ? 68  PRO A CB  1 
ATOM   329 C CG  . PRO A 1 68  ? -11.79694 0.77708   14.01075  1.000 40.45266 ? 68  PRO A CG  1 
ATOM   330 C CD  . PRO A 1 68  ? -11.58448 2.13469   13.37918  1.000 29.15638 ? 68  PRO A CD  1 
ATOM   331 N N   . SER A 1 69  ? -12.85116 0.22115   10.65117  1.000 26.96977 ? 69  SER A N   1 
ATOM   332 C CA  A SER A 1 69  ? -13.90636 -0.49162  9.92858   0.585 27.65372 ? 69  SER A CA  1 
ATOM   333 C CA  B SER A 1 69  ? -13.89965 -0.50413  9.93879   0.415 27.64859 ? 69  SER A CA  1 
ATOM   334 C C   . SER A 1 69  ? -13.39245 -1.08050  8.61234   1.000 27.52133 ? 69  SER A C   1 
ATOM   335 O O   . SER A 1 69  ? -13.45003 -2.29460  8.39519   1.000 28.12230 ? 69  SER A O   1 
ATOM   336 C CB  A SER A 1 69  ? -15.08800 0.44699   9.65253   0.585 29.83442 ? 69  SER A CB  1 
ATOM   337 C CB  B SER A 1 69  ? -15.10260 0.40840   9.69945   0.415 29.85994 ? 69  SER A CB  1 
ATOM   338 O OG  A SER A 1 69  ? -15.77833 0.77461   10.84231  0.585 36.63887 ? 69  SER A OG  1 
ATOM   339 O OG  B SER A 1 69  ? -16.22145 -0.36445  9.31840   0.415 29.58061 ? 69  SER A OG  1 
ATOM   340 N N   . TYR A 1 70  ? -12.92542 -0.21966  7.71016   1.000 22.18495 ? 70  TYR A N   1 
ATOM   341 C CA  . TYR A 1 70  ? -12.47122 -0.71942  6.40957   1.000 22.14702 ? 70  TYR A CA  1 
ATOM   342 C C   . TYR A 1 70  ? -11.28742 -1.68271  6.53563   1.000 22.41546 ? 70  TYR A C   1 
ATOM   343 O O   . TYR A 1 70  ? -11.33158 -2.74836  5.89511   1.000 25.31642 ? 70  TYR A O   1 
ATOM   344 C CB  . TYR A 1 70  ? -12.15617 0.45542   5.46547   1.000 24.12282 ? 70  TYR A CB  1 
ATOM   345 C CG  . TYR A 1 70  ? -11.55525 0.01155   4.14428   1.000 25.13997 ? 70  TYR A CG  1 
ATOM   346 C CD1 . TYR A 1 70  ? -12.32934 -0.63396  3.18205   1.000 23.58273 ? 70  TYR A CD1 1 
ATOM   347 C CD2 . TYR A 1 70  ? -10.20946 0.22839   3.86204   1.000 27.19933 ? 70  TYR A CD2 1 
ATOM   348 C CE1 . TYR A 1 70  ? -11.77177 -1.05177  1.96941   1.000 28.75648 ? 70  TYR A CE1 1 
ATOM   349 C CE2 . TYR A 1 70  ? -9.64273  -0.18676  2.65470   1.000 24.73035 ? 70  TYR A CE2 1 
ATOM   350 C CZ  . TYR A 1 70  ? -10.42634 -0.82517  1.71368   1.000 29.58036 ? 70  TYR A CZ  1 
ATOM   351 O OH  . TYR A 1 70  ? -9.85690  -1.24105  0.51763   1.000 31.52090 ? 70  TYR A OH  1 
ATOM   352 N N   . PRO A 1 71  ? -10.25149 -1.41345  7.34130   1.000 25.68380 ? 71  PRO A N   1 
ATOM   353 C CA  . PRO A 1 71  ? -9.19954  -2.43562  7.52270   1.000 24.13752 ? 71  PRO A CA  1 
ATOM   354 C C   . PRO A 1 71  ? -9.74324  -3.77178  7.99030   1.000 23.52060 ? 71  PRO A C   1 
ATOM   355 O O   . PRO A 1 71  ? -9.27566  -4.82437  7.53685   1.000 25.83841 ? 71  PRO A O   1 
ATOM   356 C CB  . PRO A 1 71  ? -8.27345  -1.80156  8.57027   1.000 27.12933 ? 71  PRO A CB  1 
ATOM   357 C CG  . PRO A 1 71  ? -8.47691  -0.34359  8.41262   1.000 24.95015 ? 71  PRO A CG  1 
ATOM   358 C CD  . PRO A 1 71  ? -9.91773  -0.16304  8.04333   1.000 26.08527 ? 71  PRO A CD  1 
ATOM   359 N N   . ALA A 1 72  ? -10.74324 -3.76257  8.87640   1.000 25.57963 ? 72  ALA A N   1 
ATOM   360 C CA  . ALA A 1 72  ? -11.28654 -5.02406  9.36663   1.000 30.12594 ? 72  ALA A CA  1 
ATOM   361 C C   . ALA A 1 72  ? -12.02741 -5.76121  8.25750   1.000 30.57393 ? 72  ALA A C   1 
ATOM   362 O O   . ALA A 1 72  ? -11.93214 -6.98952  8.14635   1.000 32.91341 ? 72  ALA A O   1 
ATOM   363 C CB  . ALA A 1 72  ? -12.19922 -4.76422  10.56639  1.000 28.47110 ? 72  ALA A CB  1 
ATOM   364 N N   . GLN A 1 73  ? -12.74854 -5.02278  7.41274   0.730 20.52390 ? 73  GLN A N   1 
ATOM   365 C CA  . GLN A 1 73  ? -13.40168 -5.61870  6.25180   0.730 27.89843 ? 73  GLN A CA  1 
ATOM   366 C C   . GLN A 1 73  ? -12.38671 -6.21498  5.28190   0.730 24.47290 ? 73  GLN A C   1 
ATOM   367 O O   . GLN A 1 73  ? -12.61193 -7.29898  4.73178   0.730 27.11040 ? 73  GLN A O   1 
ATOM   368 C CB  . GLN A 1 73  ? -14.25732 -4.57104  5.53888   0.730 29.27368 ? 73  GLN A CB  1 
ATOM   369 C CG  . GLN A 1 73  ? -14.82922 -5.01809  4.19384   0.730 39.51323 ? 73  GLN A CG  1 
ATOM   370 C CD  . GLN A 1 73  ? -15.38276 -3.85193  3.37757   0.730 51.93719 ? 73  GLN A CD  1 
ATOM   371 O OE1 . GLN A 1 73  ? -16.14698 -3.03108  3.88990   0.730 42.44398 ? 73  GLN A OE1 1 
ATOM   372 N NE2 . GLN A 1 73  ? -14.99349 -3.77612  2.09997   0.730 41.73943 ? 73  GLN A NE2 1 
ATOM   373 N N   . LYS A 1 74  ? -11.26533 -5.52375  5.06175   1.000 21.45260 ? 74  LYS A N   1 
ATOM   374 C CA  . LYS A 1 74  ? -10.21922 -6.02295  4.17008   1.000 25.59684 ? 74  LYS A CA  1 
ATOM   375 C C   . LYS A 1 74  ? -9.33304  -7.08549  4.80431   1.000 26.67518 ? 74  LYS A C   1 
ATOM   376 O O   . LYS A 1 74  ? -8.41057  -7.57429  4.13219   1.000 28.52098 ? 74  LYS A O   1 
ATOM   377 C CB  . LYS A 1 74  ? -9.33055  -4.87501  3.69329   1.000 29.92634 ? 74  LYS A CB  1 
ATOM   378 C CG  . LYS A 1 74  ? -9.99367  -3.93960  2.72024   1.000 31.11185 ? 74  LYS A CG  1 
ATOM   379 C CD  . LYS A 1 74  ? -10.24486 -4.56770  1.35465   1.000 31.58488 ? 74  LYS A CD  1 
ATOM   380 C CE  . LYS A 1 74  ? -8.94183  -4.74958  0.58872   1.000 37.31427 ? 74  LYS A CE  1 
ATOM   381 N NZ  . LYS A 1 74  ? -9.18435  -5.18117  -0.82191  1.000 40.12287 ? 74  LYS A NZ  1 
ATOM   382 N N   . LEU A 1 75  ? -9.56550  -7.44252  6.06960   1.000 24.80540 ? 75  LEU A N   1 
ATOM   383 C CA  . LEU A 1 75  ? -8.77210  -8.46263  6.76441   1.000 26.70378 ? 75  LEU A CA  1 
ATOM   384 C C   . LEU A 1 75  ? -7.31169  -8.02885  6.90330   1.000 29.52885 ? 75  LEU A C   1 
ATOM   385 O O   . LEU A 1 75  ? -6.37843  -8.81795  6.73098   1.000 24.98807 ? 75  LEU A O   1 
ATOM   386 C CB  . LEU A 1 75  ? -8.89091  -9.82451  6.07149   1.000 24.39339 ? 75  LEU A CB  1 
ATOM   387 C CG  . LEU A 1 75  ? -10.34482 -10.25444 5.83480   1.000 31.07110 ? 75  LEU A CG  1 
ATOM   388 C CD1 . LEU A 1 75  ? -10.42954 -11.59281 5.11515   1.000 31.13753 ? 75  LEU A CD1 1 
ATOM   389 C CD2 . LEU A 1 75  ? -11.09747 -10.32225 7.15832   1.000 29.25525 ? 75  LEU A CD2 1 
ATOM   390 N N   . VAL A 1 76  ? -7.11656  -6.75766  7.23219   1.000 26.11746 ? 76  VAL A N   1 
ATOM   391 C CA  . VAL A 1 76  ? -5.80651  -6.19176  7.52388   1.000 21.75910 ? 76  VAL A CA  1 
ATOM   392 C C   . VAL A 1 76  ? -5.63335  -6.19233  9.03224   1.000 29.45155 ? 76  VAL A C   1 
ATOM   393 O O   . VAL A 1 76  ? -6.42919  -5.57228  9.74879   1.000 29.22451 ? 76  VAL A O   1 
ATOM   394 C CB  . VAL A 1 76  ? -5.67757  -4.76731  6.97072   1.000 24.35773 ? 76  VAL A CB  1 
ATOM   395 C CG1 . VAL A 1 76  ? -4.37399  -4.12246  7.46977   1.000 20.38997 ? 76  VAL A CG1 1 
ATOM   396 C CG2 . VAL A 1 76  ? -5.77240  -4.78301  5.45835   1.000 21.37757 ? 76  VAL A CG2 1 
ATOM   397 N N   . PHE A 1 77  ? -4.59253  -6.87013  9.51328   0.729 25.47025 ? 77  PHE A N   1 
ATOM   398 C CA  . PHE A 1 77  ? -4.36509  -7.02771  10.94234  0.729 29.71577 ? 77  PHE A CA  1 
ATOM   399 C C   . PHE A 1 77  ? -3.01309  -6.54268  11.41646  0.729 27.85118 ? 77  PHE A C   1 
ATOM   400 O O   . PHE A 1 77  ? -2.86917  -6.25382  12.60723  0.729 49.04296 ? 77  PHE A O   1 
ATOM   401 C CB  . PHE A 1 77  ? -4.52079  -8.49816  11.34387  0.729 32.27379 ? 77  PHE A CB  1 
ATOM   402 C CG  . PHE A 1 77  ? -5.74257  -9.11793  10.79293  0.729 28.88116 ? 77  PHE A CG  1 
ATOM   403 C CD1 . PHE A 1 77  ? -6.98772  -8.65752  11.17914  0.729 36.49969 ? 77  PHE A CD1 1 
ATOM   404 C CD2 . PHE A 1 77  ? -5.65875  -10.13844 9.86994   0.729 29.95056 ? 77  PHE A CD2 1 
ATOM   405 C CE1 . PHE A 1 77  ? -8.13174  -9.20866  10.65813  0.729 35.62029 ? 77  PHE A CE1 1 
ATOM   406 C CE2 . PHE A 1 77  ? -6.79824  -10.70153 9.34888   0.729 37.99311 ? 77  PHE A CE2 1 
ATOM   407 C CZ  . PHE A 1 77  ? -8.03878  -10.23461 9.74002   0.729 35.32470 ? 77  PHE A CZ  1 
ATOM   408 N N   . THR A 1 78  ? -2.02131  -6.47732  10.54959  1.000 28.02109 ? 78  THR A N   1 
ATOM   409 C CA  . THR A 1 78  ? -0.70388  -5.98351  10.90463  1.000 29.23287 ? 78  THR A CA  1 
ATOM   410 C C   . THR A 1 78  ? -0.40131  -4.71682  10.11953  1.000 30.28546 ? 78  THR A C   1 
ATOM   411 O O   . THR A 1 78  ? -0.90652  -4.51499  9.01320   1.000 34.75739 ? 78  THR A O   1 
ATOM   412 C CB  . THR A 1 78  ? 0.38735   -7.03474  10.63009  1.000 31.20678 ? 78  THR A CB  1 
ATOM   413 O OG1 . THR A 1 78  ? 1.66697   -6.47394  10.94616  1.000 50.29232 ? 78  THR A OG1 1 
ATOM   414 C CG2 . THR A 1 78  ? 0.35461   -7.50546  9.18207   1.000 36.87540 ? 78  THR A CG2 1 
ATOM   415 N N   . VAL A 1 79  ? 0.42413   -3.85647  10.70165  1.000 25.31396 ? 79  VAL A N   1 
ATOM   416 C CA  . VAL A 1 79  ? 0.92235   -2.69238  9.97390   1.000 22.37763 ? 79  VAL A CA  1 
ATOM   417 C C   . VAL A 1 79  ? 2.44830   -2.70708  10.00665  1.000 21.06151 ? 79  VAL A C   1 
ATOM   418 O O   . VAL A 1 79  ? 3.04727   -3.20411  10.97204  1.000 25.31476 ? 79  VAL A O   1 
ATOM   419 C CB  . VAL A 1 79  ? 0.33223   -1.38291  10.53672  1.000 23.21085 ? 79  VAL A CB  1 
ATOM   420 C CG1 . VAL A 1 79  ? -1.14953  -1.37266  10.30933  1.000 21.53965 ? 79  VAL A CG1 1 
ATOM   421 C CG2 . VAL A 1 79  ? 0.57891   -1.27675  12.03317  1.000 24.63873 ? 79  VAL A CG2 1 
ATOM   422 N N   . PRO A 1 80  ? 3.12825   -2.20029  8.97446   1.000 21.39742 ? 80  PRO A N   1 
ATOM   423 C CA  . PRO A 1 80  ? 2.45281   -1.66416  7.78227   1.000 22.62360 ? 80  PRO A CA  1 
ATOM   424 C C   . PRO A 1 80  ? 1.86874   -2.76908  6.90405   1.000 24.72851 ? 80  PRO A C   1 
ATOM   425 O O   . PRO A 1 80  ? 2.40101   -3.88421  6.88147   1.000 23.75746 ? 80  PRO A O   1 
ATOM   426 C CB  . PRO A 1 80  ? 3.57060   -0.90814  7.06823   1.000 26.67796 ? 80  PRO A CB  1 
ATOM   427 C CG  . PRO A 1 80  ? 4.82251   -1.64421  7.45952   1.000 24.50686 ? 80  PRO A CG  1 
ATOM   428 C CD  . PRO A 1 80  ? 4.59590   -2.06109  8.90193   1.000 23.07656 ? 80  PRO A CD  1 
ATOM   429 N N   . THR A 1 81  ? 0.75466   -2.48752  6.22430   1.000 23.61450 ? 81  THR A N   1 
ATOM   430 C CA  . THR A 1 81  ? 0.28175   -3.33724  5.14330   1.000 17.51666 ? 81  THR A CA  1 
ATOM   431 C C   . THR A 1 81  ? 0.11838   -2.45101  3.91917   1.000 19.81591 ? 81  THR A C   1 
ATOM   432 O O   . THR A 1 81  ? -0.35734  -1.31986  4.03280   1.000 20.09489 ? 81  THR A O   1 
ATOM   433 C CB  . THR A 1 81  ? -1.04559  -4.05821  5.47936   1.000 18.91560 ? 81  THR A CB  1 
ATOM   434 O OG1 . THR A 1 81  ? -0.84488  -5.04961  6.50238   1.000 23.45698 ? 81  THR A OG1 1 
ATOM   435 C CG2 . THR A 1 81  ? -1.64140  -4.72990  4.24274   1.000 25.37993 ? 81  THR A CG2 1 
ATOM   436 N N   . VAL A 1 82  ? 0.56146   -2.94222  2.76710   1.000 22.40515 ? 82  VAL A N   1 
ATOM   437 C CA  . VAL A 1 82  ? 0.45716   -2.21482  1.50740   1.000 20.05699 ? 82  VAL A CA  1 
ATOM   438 C C   . VAL A 1 82  ? -0.39098  -3.04557  0.56026   1.000 23.70586 ? 82  VAL A C   1 
ATOM   439 O O   . VAL A 1 82  ? -0.12136  -4.23232  0.35968   1.000 24.82650 ? 82  VAL A O   1 
ATOM   440 C CB  . VAL A 1 82  ? 1.83791   -1.92275  0.88902   1.000 25.11072 ? 82  VAL A CB  1 
ATOM   441 C CG1 . VAL A 1 82  ? 1.66734   -1.25069  -0.46030  1.000 24.44046 ? 82  VAL A CG1 1 
ATOM   442 C CG2 . VAL A 1 82  ? 2.64666   -1.02692  1.80303   1.000 23.26188 ? 82  VAL A CG2 1 
ATOM   443 N N   . ILE A 1 83  ? -1.42766  -2.43311  -0.01446  1.000 22.26225 ? 83  ILE A N   1 
ATOM   444 C CA  . ILE A 1 83  ? -2.25243  -3.11089  -1.00368  1.000 19.25662 ? 83  ILE A CA  1 
ATOM   445 C C   . ILE A 1 83  ? -2.19452  -2.28051  -2.27478  1.000 22.63661 ? 83  ILE A C   1 
ATOM   446 O O   . ILE A 1 83  ? -2.44130  -1.07311  -2.23737  1.000 20.03986 ? 83  ILE A O   1 
ATOM   447 C CB  . ILE A 1 83  ? -3.70323  -3.29372  -0.52147  1.000 21.27778 ? 83  ILE A CB  1 
ATOM   448 C CG1 . ILE A 1 83  ? -3.74466  -4.10939  0.77782   1.000 24.92585 ? 83  ILE A CG1 1 
ATOM   449 C CG2 . ILE A 1 83  ? -4.53598  -4.01532  -1.57261  1.000 22.55306 ? 83  ILE A CG2 1 
ATOM   450 C CD1 . ILE A 1 83  ? -5.14956  -4.45556  1.22082   1.000 24.64173 ? 83  ILE A CD1 1 
ATOM   451 N N   . ILE A 1 84  ? -1.80487  -2.90607  -3.38356  1.000 22.77412 ? 84  ILE A N   1 
ATOM   452 C CA  . ILE A 1 84  ? -1.85369  -2.26740  -4.69384  1.000 22.37535 ? 84  ILE A CA  1 
ATOM   453 C C   . ILE A 1 84  ? -3.13208  -2.71808  -5.38841  1.000 23.79109 ? 84  ILE A C   1 
ATOM   454 O O   . ILE A 1 84  ? -3.44617  -3.91591  -5.41299  1.000 24.65500 ? 84  ILE A O   1 
ATOM   455 C CB  . ILE A 1 84  ? -0.60316  -2.60842  -5.52360  1.000 31.19336 ? 84  ILE A CB  1 
ATOM   456 C CG1 . ILE A 1 84  ? 0.66088   -2.25411  -4.72618  1.000 25.55014 ? 84  ILE A CG1 1 
ATOM   457 C CG2 . ILE A 1 84  ? -0.63158  -1.85900  -6.84095  1.000 28.97658 ? 84  ILE A CG2 1 
ATOM   458 C CD1 . ILE A 1 84  ? 1.95381   -2.70210  -5.37958  1.000 36.60659 ? 84  ILE A CD1 1 
ATOM   459 N N   . LEU A 1 85  ? -3.89272  -1.76831  -5.92380  1.000 26.63091 ? 85  LEU A N   1 
ATOM   460 C CA  . LEU A 1 85  ? -5.15950  -2.09484  -6.55769  1.000 26.98002 ? 85  LEU A CA  1 
ATOM   461 C C   . LEU A 1 85  ? -5.24549  -1.45133  -7.93088  1.000 27.35142 ? 85  LEU A C   1 
ATOM   462 O O   . LEU A 1 85  ? -4.58815  -0.44507  -8.21445  1.000 26.98029 ? 85  LEU A O   1 
ATOM   463 C CB  . LEU A 1 85  ? -6.36593  -1.64396  -5.71679  1.000 26.45843 ? 85  LEU A CB  1 
ATOM   464 C CG  . LEU A 1 85  ? -6.47928  -2.20602  -4.29932  1.000 24.84971 ? 85  LEU A CG  1 
ATOM   465 C CD1 . LEU A 1 85  ? -5.93221  -1.20625  -3.29211  1.000 29.17930 ? 85  LEU A CD1 1 
ATOM   466 C CD2 . LEU A 1 85  ? -7.90544  -2.59214  -3.96580  1.000 39.44435 ? 85  LEU A CD2 1 
ATOM   467 N N   . ASP A 1 86  ? -6.09138  -2.04500  -8.76941  0.789 27.28423 ? 86  ASP A N   1 
ATOM   468 C CA  . ASP A 1 86  ? -6.44005  -1.49651  -10.07281 0.789 34.28434 ? 86  ASP A CA  1 
ATOM   469 C C   . ASP A 1 86  ? -7.91891  -1.76432  -10.29873 0.789 37.41051 ? 86  ASP A C   1 
ATOM   470 O O   . ASP A 1 86  ? -8.33492  -2.92521  -10.33040 0.789 41.30939 ? 86  ASP A O   1 
ATOM   471 C CB  . ASP A 1 86  ? -5.59849  -2.12952  -11.17955 0.789 35.20295 ? 86  ASP A CB  1 
ATOM   472 C CG  . ASP A 1 86  ? -5.85873  -1.51432  -12.53784 0.789 47.71489 ? 86  ASP A CG  1 
ATOM   473 O OD1 . ASP A 1 86  ? -6.47399  -0.42720  -12.59626 0.789 52.34989 ? 86  ASP A OD1 1 
ATOM   474 O OD2 . ASP A 1 86  ? -5.44020  -2.11859  -13.54632 0.789 46.60647 ? 86  ASP A OD2 1 
ATOM   475 N N   . LYS A 1 87  ? -8.70740  -0.70099  -10.45489 0.828 50.09298 ? 87  LYS A N   1 
ATOM   476 C CA  . LYS A 1 87  ? -10.16068 -0.82475  -10.60708 0.828 42.93125 ? 87  LYS A CA  1 
ATOM   477 C C   . LYS A 1 87  ? -10.76337 -1.56558  -9.41375  0.828 46.53302 ? 87  LYS A C   1 
ATOM   478 O O   . LYS A 1 87  ? -11.62136 -2.43803  -9.56470  0.828 53.12923 ? 87  LYS A O   1 
ATOM   479 C CB  . LYS A 1 87  ? -10.52546 -1.51609  -11.92635 0.828 49.90766 ? 87  LYS A CB  1 
ATOM   480 C CG  . LYS A 1 87  ? -11.98436 -1.34802  -12.35750 0.828 64.10692 ? 87  LYS A CG  1 
ATOM   481 C CD  . LYS A 1 87  ? -12.65744 -2.70173  -12.60183 0.828 61.96967 ? 87  LYS A CD  1 
ATOM   482 C CE  . LYS A 1 87  ? -14.10843 -2.53499  -13.05291 0.828 56.66168 ? 87  LYS A CE  1 
ATOM   483 N NZ  . LYS A 1 87  ? -14.22781 -1.67244  -14.26605 0.828 54.09040 ? 87  LYS A NZ  1 
ATOM   484 N N   . GLU A 1 88  ? -10.28504 -1.23027  -8.21630  0.838 42.62186 ? 88  GLU A N   1 
ATOM   485 C CA  . GLU A 1 88  ? -10.69082 -1.84578  -6.95485  0.838 51.14060 ? 88  GLU A CA  1 
ATOM   486 C C   . GLU A 1 88  ? -10.34208 -3.32925  -6.87543  0.838 48.17508 ? 88  GLU A C   1 
ATOM   487 O O   . GLU A 1 88  ? -10.77860 -4.01149  -5.93823  0.838 47.66796 ? 88  GLU A O   1 
ATOM   488 C CB  . GLU A 1 88  ? -12.19033 -1.65032  -6.68353  0.838 56.70590 ? 88  GLU A CB  1 
ATOM   489 C CG  . GLU A 1 88  ? -12.50622 -0.55170  -5.67984  0.838 51.62870 ? 88  GLU A CG  1 
ATOM   490 C CD  . GLU A 1 88  ? -13.97003 -0.52836  -5.29341  0.838 57.07125 ? 88  GLU A CD  1 
ATOM   491 O OE1 . GLU A 1 88  ? -14.79874 -0.10252  -6.12634  0.838 59.14634 ? 88  GLU A OE1 1 
ATOM   492 O OE2 . GLU A 1 88  ? -14.29098 -0.95587  -4.16189  0.838 58.37865 ? 88  GLU A OE2 1 
ATOM   493 N N   . PHE A 1 89  ? -9.56104  -3.84300  -7.82619  0.749 46.73620 ? 89  PHE A N   1 
ATOM   494 C CA  . PHE A 1 89  ? -9.11576  -5.23101  -7.83752  0.749 41.79124 ? 89  PHE A CA  1 
ATOM   495 C C   . PHE A 1 89  ? -7.73259  -5.32050  -7.20649  0.749 34.60224 ? 89  PHE A C   1 
ATOM   496 O O   . PHE A 1 89  ? -6.82831  -4.56734  -7.57669  0.749 35.25753 ? 89  PHE A O   1 
ATOM   497 C CB  . PHE A 1 89  ? -9.07455  -5.78244  -9.26351  0.749 34.32349 ? 89  PHE A CB  1 
ATOM   498 C CG  . PHE A 1 89  ? -8.94943  -7.27736  -9.33164  0.749 48.36883 ? 89  PHE A CG  1 
ATOM   499 C CD1 . PHE A 1 89  ? -7.76874  -7.91072  -8.97599  0.749 40.90004 ? 89  PHE A CD1 1 
ATOM   500 C CD2 . PHE A 1 89  ? -10.01832 -8.05267  -9.75320  0.749 53.84402 ? 89  PHE A CD2 1 
ATOM   501 C CE1 . PHE A 1 89  ? -7.66098  -9.28116  -9.02823  0.749 43.68073 ? 89  PHE A CE1 1 
ATOM   502 C CE2 . PHE A 1 89  ? -9.91232  -9.42633  -9.81533  0.749 51.96345 ? 89  PHE A CE2 1 
ATOM   503 C CZ  . PHE A 1 89  ? -8.73388  -10.04147 -9.45302  0.749 45.38442 ? 89  PHE A CZ  1 
ATOM   504 N N   . GLU A 1 90  ? -7.56227  -6.26100  -6.28121  1.000 37.96272 ? 90  GLU A N   1 
ATOM   505 C CA  . GLU A 1 90  ? -6.34097  -6.33825  -5.48550  1.000 32.92059 ? 90  GLU A CA  1 
ATOM   506 C C   . GLU A 1 90  ? -5.24434  -7.03747  -6.28435  1.000 37.19397 ? 90  GLU A C   1 
ATOM   507 O O   . GLU A 1 90  ? -5.30486  -8.25358  -6.50141  1.000 47.41030 ? 90  GLU A O   1 
ATOM   508 C CB  . GLU A 1 90  ? -6.61928  -7.05738  -4.17046  1.000 41.22019 ? 90  GLU A CB  1 
ATOM   509 C CG  . GLU A 1 90  ? -5.42900  -7.10451  -3.25990  1.000 35.14062 ? 90  GLU A CG  1 
ATOM   510 C CD  . GLU A 1 90  ? -5.78924  -7.48754  -1.83118  1.000 36.15737 ? 90  GLU A CD  1 
ATOM   511 O OE1 . GLU A 1 90  ? -6.86182  -7.07619  -1.33748  1.000 35.42570 ? 90  GLU A OE1 1 
ATOM   512 O OE2 . GLU A 1 90  ? -4.99078  -8.20024  -1.19947  1.000 36.26596 ? 90  GLU A OE2 1 
ATOM   513 N N   . ILE A 1 91  ? -4.23476  -6.26120  -6.70693  1.000 30.59010 ? 91  ILE A N   1 
ATOM   514 C CA  . ILE A 1 91  ? -3.10002  -6.76489  -7.48772  1.000 33.52394 ? 91  ILE A CA  1 
ATOM   515 C C   . ILE A 1 91  ? -2.09359  -7.48860  -6.60629  1.000 34.42894 ? 91  ILE A C   1 
ATOM   516 O O   . ILE A 1 91  ? -1.52435  -8.51631  -7.00347  1.000 34.08681 ? 91  ILE A O   1 
ATOM   517 C CB  . ILE A 1 91  ? -2.42519  -5.59799  -8.23120  1.000 31.09157 ? 91  ILE A CB  1 
ATOM   518 C CG1 . ILE A 1 91  ? -3.31195  -5.06839  -9.33521  1.000 35.81190 ? 91  ILE A CG1 1 
ATOM   519 C CG2 . ILE A 1 91  ? -1.06721  -6.00435  -8.79398  1.000 35.98967 ? 91  ILE A CG2 1 
ATOM   520 C CD1 . ILE A 1 91  ? -2.84812  -3.71593  -9.80856  1.000 44.94777 ? 91  ILE A CD1 1 
ATOM   521 N N   . LYS A 1 92  ? -1.83069  -6.95507  -5.41514  1.000 28.22888 ? 92  LYS A N   1 
ATOM   522 C CA  . LYS A 1 92  ? -0.81057  -7.52946  -4.54929  1.000 28.39547 ? 92  LYS A CA  1 
ATOM   523 C C   . LYS A 1 92  ? -0.93103  -6.91630  -3.16395  1.000 27.93665 ? 92  LYS A C   1 
ATOM   524 O O   . LYS A 1 92  ? -1.15722  -5.71044  -3.03504  1.000 28.01867 ? 92  LYS A O   1 
ATOM   525 C CB  . LYS A 1 92  ? 0.59443   -7.28079  -5.11778  1.000 29.57255 ? 92  LYS A CB  1 
ATOM   526 C CG  . LYS A 1 92  ? 1.69006   -8.11979  -4.47564  1.000 35.61149 ? 92  LYS A CG  1 
ATOM   527 C CD  . LYS A 1 92  ? 1.70657   -9.52627  -5.05306  1.000 41.51737 ? 92  LYS A CD  1 
ATOM   528 C CE  . LYS A 1 92  ? 3.07171   -10.16572 -4.86950  1.000 45.32923 ? 92  LYS A CE  1 
ATOM   529 N NZ  . LYS A 1 92  ? 3.52392   -10.08965 -3.44707  1.000 57.48757 ? 92  LYS A NZ  1 
ATOM   530 N N   . ARG A 1 93  ? -0.79064  -7.75137  -2.13783  1.000 26.22724 ? 93  ARG A N   1 
ATOM   531 C CA  . ARG A 1 93  ? -0.79060  -7.30417  -0.75658  1.000 22.59487 ? 93  ARG A CA  1 
ATOM   532 C C   . ARG A 1 93  ? 0.58424   -7.57094  -0.15654  1.000 30.29781 ? 93  ARG A C   1 
ATOM   533 O O   . ARG A 1 93  ? 1.19645   -8.61757  -0.41805  1.000 27.27506 ? 93  ARG A O   1 
ATOM   534 C CB  . ARG A 1 93  ? -1.89830  -8.00953  0.04099   1.000 34.39101 ? 93  ARG A CB  1 
ATOM   535 C CG  . ARG A 1 93  ? -2.00623  -7.59438  1.49460   1.000 32.77506 ? 93  ARG A CG  1 
ATOM   536 C CD  . ARG A 1 93  ? -3.12752  -8.34089  2.20292   1.000 29.47470 ? 93  ARG A CD  1 
ATOM   537 N NE  . ARG A 1 93  ? -4.43525  -8.04986  1.63132   1.000 30.94031 ? 93  ARG A NE  1 
ATOM   538 C CZ  . ARG A 1 93  ? -5.56103  -8.01246  2.34202   1.000 31.10868 ? 93  ARG A CZ  1 
ATOM   539 N NH1 . ARG A 1 93  ? -5.52089  -8.24561  3.64773   1.000 31.96332 ? 93  ARG A NH1 1 
ATOM   540 N NH2 . ARG A 1 93  ? -6.71501  -7.72543  1.75395   1.000 28.93544 ? 93  ARG A NH2 1 
ATOM   541 N N   . PHE A 1 94  ? 1.08869   -6.60511  0.60930   1.000 24.38331 ? 94  PHE A N   1 
ATOM   542 C CA  . PHE A 1 94  ? 2.35268   -6.74482  1.32901   1.000 26.09170 ? 94  PHE A CA  1 
ATOM   543 C C   . PHE A 1 94  ? 2.07847   -6.59045  2.81775   1.000 27.32355 ? 94  PHE A C   1 
ATOM   544 O O   . PHE A 1 94  ? 1.59733   -5.54596  3.25454   1.000 23.16062 ? 94  PHE A O   1 
ATOM   545 C CB  . PHE A 1 94  ? 3.37219   -5.69507  0.88410   1.000 23.85633 ? 94  PHE A CB  1 
ATOM   546 C CG  . PHE A 1 94  ? 3.64514   -5.68249  -0.59004  1.000 24.27468 ? 94  PHE A CG  1 
ATOM   547 C CD1 . PHE A 1 94  ? 2.82549   -4.97512  -1.45772  1.000 30.17633 ? 94  PHE A CD1 1 
ATOM   548 C CD2 . PHE A 1 94  ? 4.73883   -6.35541  -1.11233  1.000 33.67800 ? 94  PHE A CD2 1 
ATOM   549 C CE1 . PHE A 1 94  ? 3.08397   -4.95209  -2.82369  1.000 29.51470 ? 94  PHE A CE1 1 
ATOM   550 C CE2 . PHE A 1 94  ? 5.00325   -6.33007  -2.48238  1.000 34.55215 ? 94  PHE A CE2 1 
ATOM   551 C CZ  . PHE A 1 94  ? 4.17621   -5.63295  -3.33243  1.000 33.45642 ? 94  PHE A CZ  1 
ATOM   552 N N   . ALA A 1 95  ? 2.39133   -7.61596  3.60253   1.000 30.48343 ? 95  ALA A N   1 
ATOM   553 C CA  . ALA A 1 95  ? 2.25509   -7.49624  5.04767   1.000 21.81523 ? 95  ALA A CA  1 
ATOM   554 C C   . ALA A 1 95  ? 3.30168   -8.39021  5.69579   1.000 30.17632 ? 95  ALA A C   1 
ATOM   555 O O   . ALA A 1 95  ? 3.85479   -9.28583  5.05160   1.000 37.20001 ? 95  ALA A O   1 
ATOM   556 C CB  . ALA A 1 95  ? 0.85660   -7.88416  5.52373   1.000 26.14021 ? 95  ALA A CB  1 
ATOM   557 N N   . ARG A 1 96  ? 3.57980   -8.11561  6.96630   0.677 23.60500 ? 96  ARG A N   1 
ATOM   558 C CA  . ARG A 1 96  ? 4.45134   -8.94269  7.80753   0.677 26.31011 ? 96  ARG A CA  1 
ATOM   559 C C   . ARG A 1 96  ? 5.92537   -8.83105  7.43994   0.677 36.59198 ? 96  ARG A C   1 
ATOM   560 O O   . ARG A 1 96  ? 6.72316   -8.32987  8.23895   0.677 43.72961 ? 96  ARG A O   1 
ATOM   561 C CB  . ARG A 1 96  ? 4.01781   -10.41274 7.76508   0.677 29.66976 ? 96  ARG A CB  1 
ATOM   562 C CG  . ARG A 1 96  ? 2.79382   -10.71886 8.60994   0.677 34.70929 ? 96  ARG A CG  1 
ATOM   563 C CD  . ARG A 1 96  ? 2.32673   -12.15563 8.43657   0.677 33.46663 ? 96  ARG A CD  1 
ATOM   564 N NE  . ARG A 1 96  ? 1.10973   -12.42726 9.20158   0.677 54.57493 ? 96  ARG A NE  1 
ATOM   565 C CZ  . ARG A 1 96  ? -0.12097  -12.12496 8.79046   0.677 57.60829 ? 96  ARG A CZ  1 
ATOM   566 N NH1 . ARG A 1 96  ? -0.30737  -11.53133 7.61438   0.677 51.28516 ? 96  ARG A NH1 1 
ATOM   567 N NH2 . ARG A 1 96  ? -1.16873  -12.41230 9.55773   0.677 54.85866 ? 96  ARG A NH2 1 
ATOM   568 N N   . ASN A 1 97  ? 6.31604   -9.30996  6.25835   0.699 32.84449 ? 97  ASN A N   1 
ATOM   569 C CA  . ASN A 1 97  ? 7.73307   -9.30618  5.87854   0.699 37.30176 ? 97  ASN A CA  1 
ATOM   570 C C   . ASN A 1 97  ? 7.85556   -8.89282  4.41588   0.699 39.22274 ? 97  ASN A C   1 
ATOM   571 O O   . ASN A 1 97  ? 7.64240   -9.70753  3.51047   0.699 41.21333 ? 97  ASN A O   1 
ATOM   572 C CB  . ASN A 1 97  ? 8.38786   -10.66028 6.12326   0.699 39.76653 ? 97  ASN A CB  1 
ATOM   573 C CG  . ASN A 1 97  ? 9.85329   -10.53314 6.51886   0.699 40.35805 ? 97  ASN A CG  1 
ATOM   574 O OD1 . ASN A 1 97  ? 10.31503  -9.45778  6.90932   0.699 37.06361 ? 97  ASN A OD1 1 
ATOM   575 N ND2 . ASN A 1 97  ? 10.59253  -11.63206 6.41513   0.699 45.07886 ? 97  ASN A ND2 1 
ATOM   576 N N   . PHE A 1 98  ? 8.21492   -7.62972  4.19586   1.000 36.58893 ? 98  PHE A N   1 
ATOM   577 C CA  . PHE A 1 98  ? 8.43494   -7.10798  2.85514   1.000 31.13481 ? 98  PHE A CA  1 
ATOM   578 C C   . PHE A 1 98  ? 9.28223   -5.84890  2.95430   1.000 32.85328 ? 98  PHE A C   1 
ATOM   579 O O   . PHE A 1 98  ? 9.27653   -5.15869  3.98049   1.000 28.74489 ? 98  PHE A O   1 
ATOM   580 C CB  . PHE A 1 98  ? 7.11091   -6.80547  2.14696   1.000 29.05133 ? 98  PHE A CB  1 
ATOM   581 C CG  . PHE A 1 98  ? 6.35968   -5.65123  2.73603   1.000 28.47117 ? 98  PHE A CG  1 
ATOM   582 C CD1 . PHE A 1 98  ? 5.52972   -5.82868  3.83954   1.000 24.93777 ? 98  PHE A CD1 1 
ATOM   583 C CD2 . PHE A 1 98  ? 6.45856   -4.38683  2.17394   1.000 25.80231 ? 98  PHE A CD2 1 
ATOM   584 C CE1 . PHE A 1 98  ? 4.82666   -4.76377  4.36681   1.000 28.26382 ? 98  PHE A CE1 1 
ATOM   585 C CE2 . PHE A 1 98  ? 5.75928   -3.31122  2.71063   1.000 21.43377 ? 98  PHE A CE2 1 
ATOM   586 C CZ  . PHE A 1 98  ? 4.94152   -3.50417  3.80336   1.000 24.83065 ? 98  PHE A CZ  1 
ATOM   587 N N   . SER A 1 99  ? 10.02039  -5.56822  1.88406   1.000 29.26426 ? 99  SER A N   1 
ATOM   588 C CA  . SER A 1 99  ? 10.80538  -4.35166  1.76088   1.000 25.34936 ? 99  SER A CA  1 
ATOM   589 C C   . SER A 1 99  ? 10.11726  -3.39420  0.80215   1.000 26.46651 ? 99  SER A C   1 
ATOM   590 O O   . SER A 1 99  ? 9.29255   -3.79730  -0.02272  1.000 31.08653 ? 99  SER A O   1 
ATOM   591 C CB  . SER A 1 99  ? 12.21898  -4.65119  1.25109   1.000 29.26013 ? 99  SER A CB  1 
ATOM   592 O OG  . SER A 1 99  ? 12.16417  -5.17400  -0.06609  1.000 36.72591 ? 99  SER A OG  1 
ATOM   593 N N   . ILE A 1 100 ? 10.48743  -2.11532  0.89290   1.000 22.34010 ? 100 ILE A N   1 
ATOM   594 C CA  . ILE A 1 100 ? 9.85935   -1.13273  0.01549   1.000 23.26375 ? 100 ILE A CA  1 
ATOM   595 C C   . ILE A 1 100 ? 10.24371  -1.37971  -1.43769  1.000 29.28976 ? 100 ILE A C   1 
ATOM   596 O O   . ILE A 1 100 ? 9.48206   -1.02824  -2.34197  1.000 32.72655 ? 100 ILE A O   1 
ATOM   597 C CB  . ILE A 1 100 ? 10.20659  0.29553   0.48091   1.000 28.62328 ? 100 ILE A CB  1 
ATOM   598 C CG1 . ILE A 1 100 ? 9.24857   1.30798   -0.12417  1.000 34.80016 ? 100 ILE A CG1 1 
ATOM   599 C CG2 . ILE A 1 100 ? 11.63077  0.66709   0.12510   1.000 29.00956 ? 100 ILE A CG2 1 
ATOM   600 C CD1 . ILE A 1 100 ? 7.86063   1.25008   0.48147   1.000 44.62815 ? 100 ILE A CD1 1 
ATOM   601 N N   . SER A 1 101 ? 11.38620  -2.03369  -1.68947  1.000 33.74866 ? 101 SER A N   1 
ATOM   602 C CA  . SER A 1 101 ? 11.76777  -2.33037  -3.06999  1.000 32.57328 ? 101 SER A CA  1 
ATOM   603 C C   . SER A 1 101 ? 10.80778  -3.31897  -3.73115  1.000 32.97379 ? 101 SER A C   1 
ATOM   604 O O   . SER A 1 101 ? 10.56015  -3.22039  -4.94127  1.000 33.33070 ? 101 SER A O   1 
ATOM   605 C CB  . SER A 1 101 ? 13.19776  -2.86587  -3.11604  1.000 36.32310 ? 101 SER A CB  1 
ATOM   606 O OG  . SER A 1 101 ? 13.32614  -4.02480  -2.32097  1.000 39.34316 ? 101 SER A OG  1 
ATOM   607 N N   . GLU A 1 102 ? 10.25839  -4.26823  -2.96345  0.792 26.20753 ? 102 GLU A N   1 
ATOM   608 C CA  . GLU A 1 102 ? 9.27425   -5.19671  -3.51833  0.792 28.59871 ? 102 GLU A CA  1 
ATOM   609 C C   . GLU A 1 102 ? 8.04849   -4.45733  -4.02720  0.792 27.85265 ? 102 GLU A C   1 
ATOM   610 O O   . GLU A 1 102 ? 7.48420   -4.82426  -5.06209  0.792 22.54911 ? 102 GLU A O   1 
ATOM   611 C CB  . GLU A 1 102 ? 8.84026   -6.22473  -2.47838  0.792 27.57187 ? 102 GLU A CB  1 
ATOM   612 C CG  . GLU A 1 102 ? 9.95687   -7.01343  -1.84004  0.792 30.15363 ? 102 GLU A CG  1 
ATOM   613 C CD  . GLU A 1 102 ? 9.42776   -7.94909  -0.78117  0.792 41.01094 ? 102 GLU A CD  1 
ATOM   614 O OE1 . GLU A 1 102 ? 8.30575   -8.47259  -0.95744  0.792 49.53578 ? 102 GLU A OE1 1 
ATOM   615 O OE2 . GLU A 1 102 ? 10.11525  -8.14813  0.23736   0.792 41.76347 ? 102 GLU A OE2 1 
ATOM   616 N N   . VAL A 1 103 ? 7.61297   -3.42311  -3.30165  1.000 29.17623 ? 103 VAL A N   1 
ATOM   617 C CA  . VAL A 1 103 ? 6.45294   -2.64545  -3.72590  1.000 24.38202 ? 103 VAL A CA  1 
ATOM   618 C C   . VAL A 1 103 ? 6.73458   -1.94654  -5.04815  1.000 26.07379 ? 103 VAL A C   1 
ATOM   619 O O   . VAL A 1 103 ? 5.92267   -1.98932  -5.98005  1.000 27.66788 ? 103 VAL A O   1 
ATOM   620 C CB  . VAL A 1 103 ? 6.05476   -1.63672  -2.63497  1.000 29.15704 ? 103 VAL A CB  1 
ATOM   621 C CG1 . VAL A 1 103 ? 4.84030   -0.81708  -3.08458  1.000 24.27320 ? 103 VAL A CG1 1 
ATOM   622 C CG2 . VAL A 1 103 ? 5.76490   -2.37672  -1.33670  1.000 28.54346 ? 103 VAL A CG2 1 
ATOM   623 N N   . ILE A 1 104 ? 7.89020   -1.28605  -5.14961  1.000 29.72266 ? 104 ILE A N   1 
ATOM   624 C CA  . ILE A 1 104 ? 8.24220   -0.61886  -6.40015  1.000 30.06693 ? 104 ILE A CA  1 
ATOM   625 C C   . ILE A 1 104 ? 8.30524   -1.62809  -7.53511  1.000 27.84158 ? 104 ILE A C   1 
ATOM   626 O O   . ILE A 1 104 ? 7.81054   -1.37402  -8.64478  1.000 30.20522 ? 104 ILE A O   1 
ATOM   627 C CB  . ILE A 1 104 ? 9.57051   0.14446   -6.25199  1.000 35.15439 ? 104 ILE A CB  1 
ATOM   628 C CG1 . ILE A 1 104 ? 9.41682   1.27927   -5.24003  1.000 32.42482 ? 104 ILE A CG1 1 
ATOM   629 C CG2 . ILE A 1 104 ? 10.00938  0.70173   -7.60793  1.000 34.97286 ? 104 ILE A CG2 1 
ATOM   630 C CD1 . ILE A 1 104 ? 10.72990  1.90324   -4.81393  1.000 35.81405 ? 104 ILE A CD1 1 
ATOM   631 N N   . ASN A 1 105 ? 8.90981   -2.79130  -7.27502  1.000 29.77836 ? 105 ASN A N   1 
ATOM   632 C CA  . ASN A 1 105 ? 9.06186   -3.79114  -8.32349  1.000 32.80848 ? 105 ASN A CA  1 
ATOM   633 C C   . ASN A 1 105 ? 7.70806   -4.27709  -8.82714  1.000 37.53171 ? 105 ASN A C   1 
ATOM   634 O O   . ASN A 1 105 ? 7.52450   -4.47586  -10.03335 1.000 30.18542 ? 105 ASN A O   1 
ATOM   635 C CB  . ASN A 1 105 ? 9.89813   -4.95693  -7.80900  1.000 42.94127 ? 105 ASN A CB  1 
ATOM   636 C CG  . ASN A 1 105 ? 10.64373  -5.65255  -8.91112  1.000 57.86421 ? 105 ASN A CG  1 
ATOM   637 O OD1 . ASN A 1 105 ? 10.34670  -6.80205  -9.24591  1.000 56.86547 ? 105 ASN A OD1 1 
ATOM   638 N ND2 . ASN A 1 105 ? 11.61444  -4.95478  -9.50171  1.000 58.75553 ? 105 ASN A ND2 1 
ATOM   639 N N   . THR A 1 106 ? 6.74297   -4.46621  -7.92076  1.000 28.17036 ? 106 THR A N   1 
ATOM   640 C CA  . THR A 1 106 ? 5.42119   -4.92416  -8.33855  1.000 29.46572 ? 106 THR A CA  1 
ATOM   641 C C   . THR A 1 106 ? 4.71165   -3.85836  -9.15971  1.000 27.17213 ? 106 THR A C   1 
ATOM   642 O O   . THR A 1 106 ? 4.07191   -4.17062  -10.17417 1.000 28.60767 ? 106 THR A O   1 
ATOM   643 C CB  . THR A 1 106 ? 4.57931   -5.31277  -7.11753  1.000 31.97120 ? 106 THR A CB  1 
ATOM   644 O OG1 . THR A 1 106 ? 5.17910   -6.43423  -6.45575  1.000 35.21174 ? 106 THR A OG1 1 
ATOM   645 C CG2 . THR A 1 106 ? 3.16152   -5.67901  -7.52508  1.000 32.22971 ? 106 THR A CG2 1 
ATOM   646 N N   . ILE A 1 107 ? 4.82155   -2.59319  -8.74170  1.000 27.21051 ? 107 ILE A N   1 
ATOM   647 C CA  . ILE A 1 107 ? 4.19623   -1.51239  -9.49502  1.000 28.03351 ? 107 ILE A CA  1 
ATOM   648 C C   . ILE A 1 107 ? 4.79323   -1.43217  -10.89328 1.000 32.94660 ? 107 ILE A C   1 
ATOM   649 O O   . ILE A 1 107 ? 4.06924   -1.29220  -11.88615 1.000 31.45077 ? 107 ILE A O   1 
ATOM   650 C CB  . ILE A 1 107 ? 4.33208   -0.17943  -8.73259  1.000 29.19733 ? 107 ILE A CB  1 
ATOM   651 C CG1 . ILE A 1 107 ? 3.59493   -0.25797  -7.40098  1.000 28.43588 ? 107 ILE A CG1 1 
ATOM   652 C CG2 . ILE A 1 107 ? 3.80377   0.97374   -9.56033  1.000 35.37678 ? 107 ILE A CG2 1 
ATOM   653 C CD1 . ILE A 1 107 ? 3.58621   1.05057   -6.60785  1.000 33.02171 ? 107 ILE A CD1 1 
ATOM   654 N N   . GLU A 1 108 ? 6.11811   -1.56640  -11.00037 1.000 29.62862 ? 108 GLU A N   1 
ATOM   655 C CA  . GLU A 1 108 ? 6.75213   -1.48006  -12.31368 1.000 28.95665 ? 108 GLU A CA  1 
ATOM   656 C C   . GLU A 1 108 ? 6.36863   -2.65847  -13.19804 1.000 25.77145 ? 108 GLU A C   1 
ATOM   657 O O   . GLU A 1 108 ? 6.01703   -2.46715  -14.37293 1.000 33.69656 ? 108 GLU A O   1 
ATOM   658 C CB  . GLU A 1 108 ? 8.26898   -1.38059  -12.15987 1.000 32.41424 ? 108 GLU A CB  1 
ATOM   659 C CG  . GLU A 1 108 ? 8.71060   0.03286   -11.84044 1.000 38.54031 ? 108 GLU A CG  1 
ATOM   660 C CD  . GLU A 1 108 ? 10.21278  0.21767   -11.87180 1.000 49.44297 ? 108 GLU A CD  1 
ATOM   661 O OE1 . GLU A 1 108 ? 10.94252  -0.77823  -11.68066 1.000 56.46266 ? 108 GLU A OE1 1 
ATOM   662 O OE2 . GLU A 1 108 ? 10.65979  1.36712   -12.08825 1.000 57.67156 ? 108 GLU A OE2 1 
ATOM   663 N N   . ARG A 1 109 ? 6.40219   -3.87579  -12.65577 1.000 26.05970 ? 109 ARG A N   1 
ATOM   664 C CA  . ARG A 1 109 ? 6.02248   -5.04243  -13.44797 1.000 31.32189 ? 109 ARG A CA  1 
ATOM   665 C C   . ARG A 1 109 ? 4.57501   -4.95195  -13.90503 1.000 28.42542 ? 109 ARG A C   1 
ATOM   666 O O   . ARG A 1 109 ? 4.25936   -5.27279  -15.05937 1.000 30.43317 ? 109 ARG A O   1 
ATOM   667 C CB  . ARG A 1 109 ? 6.24347   -6.32813  -12.64977 1.000 35.40211 ? 109 ARG A CB  1 
ATOM   668 C CG  . ARG A 1 109 ? 7.69822   -6.65881  -12.34539 1.000 39.94516 ? 109 ARG A CG  1 
ATOM   669 C CD  . ARG A 1 109 ? 7.90362   -8.16142  -12.19599 1.000 41.73275 ? 109 ARG A CD  1 
ATOM   670 N NE  . ARG A 1 109 ? 6.77745   -8.80777  -11.52659 1.000 54.16842 ? 109 ARG A NE  1 
ATOM   671 C CZ  . ARG A 1 109 ? 6.63290   -8.88426  -10.20684 1.000 50.10587 ? 109 ARG A CZ  1 
ATOM   672 N NH1 . ARG A 1 109 ? 7.54327   -8.34390  -9.40676  1.000 50.91534 ? 109 ARG A NH1 1 
ATOM   673 N NH2 . ARG A 1 109 ? 5.57105   -9.49338  -9.68778  1.000 53.12994 ? 109 ARG A NH2 1 
ATOM   674 N N   . TYR A 1 110 ? 3.67120   -4.51870  -13.01447 1.000 25.40262 ? 110 TYR A N   1 
ATOM   675 C CA  . TYR A 1 110 ? 2.26952   -4.40514  -13.40289 1.000 27.34101 ? 110 TYR A CA  1 
ATOM   676 C C   . TYR A 1 110 ? 2.08321   -3.37493  -14.50787 1.000 27.05345 ? 110 TYR A C   1 
ATOM   677 O O   . TYR A 1 110 ? 1.32596   -3.60347  -15.46173 1.000 30.09275 ? 110 TYR A O   1 
ATOM   678 C CB  . TYR A 1 110 ? 1.39872   -4.04873  -12.19605 1.000 25.86813 ? 110 TYR A CB  1 
ATOM   679 C CG  . TYR A 1 110 ? -0.07630  -4.04498  -12.54288 1.000 34.26154 ? 110 TYR A CG  1 
ATOM   680 C CD1 . TYR A 1 110 ? -0.77232  -5.23963  -12.70098 1.000 39.88403 ? 110 TYR A CD1 1 
ATOM   681 C CD2 . TYR A 1 110 ? -0.76125  -2.85641  -12.73623 1.000 38.89487 ? 110 TYR A CD2 1 
ATOM   682 C CE1 . TYR A 1 110 ? -2.10606  -5.24724  -13.02281 1.000 34.66948 ? 110 TYR A CE1 1 
ATOM   683 C CE2 . TYR A 1 110 ? -2.10682  -2.85183  -13.05992 1.000 33.87171 ? 110 TYR A CE2 1 
ATOM   684 C CZ  . TYR A 1 110 ? -2.77058  -4.05117  -13.19729 1.000 36.38837 ? 110 TYR A CZ  1 
ATOM   685 O OH  . TYR A 1 110 ? -4.10579  -4.04530  -13.51424 1.000 50.67383 ? 110 TYR A OH  1 
ATOM   686 N N   . LEU A 1 111 ? 2.76922   -2.23504  -14.40787 1.000 27.91572 ? 111 LEU A N   1 
ATOM   687 C CA  . LEU A 1 111 ? 2.63154   -1.22438  -15.45467 1.000 30.34027 ? 111 LEU A CA  1 
ATOM   688 C C   . LEU A 1 111 ? 3.25402   -1.69979  -16.76062 1.000 31.05382 ? 111 LEU A C   1 
ATOM   689 O O   . LEU A 1 111 ? 2.73095   -1.40743  -17.84672 1.000 35.94753 ? 111 LEU A O   1 
ATOM   690 C CB  . LEU A 1 111 ? 3.25381   0.09466   -15.00068 1.000 31.66746 ? 111 LEU A CB  1 
ATOM   691 C CG  . LEU A 1 111 ? 2.41344   0.81801   -13.94041 1.000 31.82832 ? 111 LEU A CG  1 
ATOM   692 C CD1 . LEU A 1 111 ? 3.12825   2.04877   -13.41872 1.000 29.26506 ? 111 LEU A CD1 1 
ATOM   693 C CD2 . LEU A 1 111 ? 1.05121   1.19052   -14.50511 1.000 31.13387 ? 111 LEU A CD2 1 
ATOM   694 N N   . GLU A 1 112 ? 4.35795   -2.44489  -16.67539 0.872 26.73861 ? 112 GLU A N   1 
ATOM   695 C CA  . GLU A 1 112 ? 4.97501   -3.00496  -17.87491 0.872 32.15328 ? 112 GLU A CA  1 
ATOM   696 C C   . GLU A 1 112 ? 4.01767   -3.95140  -18.58767 0.872 29.71357 ? 112 GLU A C   1 
ATOM   697 O O   . GLU A 1 112 ? 3.83377   -3.87222  -19.80814 0.872 32.13784 ? 112 GLU A O   1 
ATOM   698 C CB  . GLU A 1 112 ? 6.26861   -3.73174  -17.51047 0.872 34.17638 ? 112 GLU A CB  1 
ATOM   699 C CG  . GLU A 1 112 ? 6.83202   -4.55909  -18.65911 0.872 45.01401 ? 112 GLU A CG  1 
ATOM   700 C CD  . GLU A 1 112 ? 7.90719   -5.54520  -18.23114 0.872 55.69918 ? 112 GLU A CD  1 
ATOM   701 O OE1 . GLU A 1 112 ? 7.98916   -5.88114  -17.02461 0.872 54.77794 ? 112 GLU A OE1 1 
ATOM   702 O OE2 . GLU A 1 112 ? 8.67346   -5.99223  -19.11444 0.872 58.70579 ? 112 GLU A OE2 1 
ATOM   703 N N   . ILE A 1 113 ? 3.39754   -4.86024  -17.83568 1.000 27.67123 ? 113 ILE A N   1 
ATOM   704 C CA  . ILE A 1 113 ? 2.42770   -5.78585  -18.42004 1.000 28.26002 ? 113 ILE A CA  1 
ATOM   705 C C   . ILE A 1 113 ? 1.25641   -5.01384  -18.99915 1.000 34.51301 ? 113 ILE A C   1 
ATOM   706 O O   . ILE A 1 113 ? 0.82996   -5.24650  -20.14059 1.000 35.05553 ? 113 ILE A O   1 
ATOM   707 C CB  . ILE A 1 113 ? 1.95587   -6.80031  -17.36007 1.000 29.74751 ? 113 ILE A CB  1 
ATOM   708 C CG1 . ILE A 1 113 ? 3.11094   -7.69000  -16.89765 1.000 32.51571 ? 113 ILE A CG1 1 
ATOM   709 C CG2 . ILE A 1 113 ? 0.79984   -7.62457  -17.88299 1.000 36.33698 ? 113 ILE A CG2 1 
ATOM   710 C CD1 . ILE A 1 113 ? 2.82462   -8.40710  -15.59585 1.000 33.76335 ? 113 ILE A CD1 1 
ATOM   711 N N   . SER A 1 114 ? 0.73904   -4.05848  -18.22620 1.000 30.56032 ? 114 SER A N   1 
ATOM   712 C CA  A SER A 1 114 ? -0.44245  -3.32171  -18.65309 0.467 29.23377 ? 114 SER A CA  1 
ATOM   713 C CA  B SER A 1 114 ? -0.44065  -3.31280  -18.64769 0.533 29.23453 ? 114 SER A CA  1 
ATOM   714 C C   . SER A 1 114 ? -0.16361  -2.49565  -19.90368 1.000 35.51117 ? 114 SER A C   1 
ATOM   715 O O   . SER A 1 114 ? -1.00815  -2.41973  -20.80489 1.000 35.62697 ? 114 SER A O   1 
ATOM   716 C CB  A SER A 1 114 ? -0.93714  -2.42539  -17.51839 0.467 31.31525 ? 114 SER A CB  1 
ATOM   717 C CB  B SER A 1 114 ? -0.91204  -2.40133  -17.51336 0.533 31.30455 ? 114 SER A CB  1 
ATOM   718 O OG  A SER A 1 114 ? -2.13338  -1.76825  -17.89289 0.467 30.14550 ? 114 SER A OG  1 
ATOM   719 O OG  B SER A 1 114 ? -1.25198  -3.15332  -16.36429 0.533 33.50428 ? 114 SER A OG  1 
ATOM   720 N N   . ASN A 1 115 ? 1.01206   -1.87163  -19.98019 1.000 31.28645 ? 115 ASN A N   1 
ATOM   721 C CA  . ASN A 1 115 ? 1.31063   -0.99467  -21.10362 1.000 30.53967 ? 115 ASN A CA  1 
ATOM   722 C C   . ASN A 1 115 ? 1.65775   -1.75188  -22.37874 1.000 39.47327 ? 115 ASN A C   1 
ATOM   723 O O   . ASN A 1 115 ? 1.75210   -1.12167  -23.43821 1.000 36.33443 ? 115 ASN A O   1 
ATOM   724 C CB  . ASN A 1 115 ? 2.46962   -0.05244  -20.76215 1.000 34.85211 ? 115 ASN A CB  1 
ATOM   725 C CG  . ASN A 1 115 ? 2.09914   1.01017   -19.73399 1.000 32.73395 ? 115 ASN A CG  1 
ATOM   726 O OD1 . ASN A 1 115 ? 0.93316   1.37367   -19.56912 1.000 35.18831 ? 115 ASN A OD1 1 
ATOM   727 N ND2 . ASN A 1 115 ? 3.11475   1.53075   -19.04789 1.000 39.77739 ? 115 ASN A ND2 1 
ATOM   728 N N   . LYS A 1 116 ? 1.88026   -3.06272  -22.30435 1.000 38.05355 ? 116 LYS A N   1 
ATOM   729 C CA  . LYS A 1 116 ? 2.21757   -3.85657  -23.48518 1.000 38.46296 ? 116 LYS A CA  1 
ATOM   730 C C   . LYS A 1 116 ? 0.97110   -4.27234  -24.25607 1.000 42.73843 ? 116 LYS A C   1 
ATOM   731 O O   . LYS A 1 116 ? -0.15265  -4.08174  -23.78794 1.000 46.55289 ? 116 LYS A O   1 
ATOM   732 C CB  . LYS A 1 116 ? 3.02317   -5.09743  -23.09204 1.000 37.90974 ? 116 LYS A CB  1 
ATOM   733 C CG  . LYS A 1 116 ? 4.50539   -4.83742  -22.91744 1.000 43.02232 ? 116 LYS A CG  1 
ATOM   734 C CD  . LYS A 1 116 ? 5.23577   -6.11541  -22.56164 1.000 42.24353 ? 116 LYS A CD  1 
ATOM   735 C CE  . LYS A 1 116 ? 6.71203   -5.86607  -22.37498 1.000 41.21108 ? 116 LYS A CE  1 
ATOM   736 N NZ  . LYS A 1 116 ? 7.35569   -7.03460  -21.71545 1.000 43.70054 ? 116 LYS A NZ  1 
HETATM 737 C C   . TAM B 2 .   ? -6.86657  10.84953  0.24764   1.000 39.77147 ? 201 TAM A C   1 
HETATM 738 C C1  . TAM B 2 .   ? -6.92606  10.52456  1.75047   1.000 30.82635 ? 201 TAM A C1  1 
HETATM 739 C C2  . TAM B 2 .   ? -5.54724  10.43728  -0.38166  1.000 29.63277 ? 201 TAM A C2  1 
HETATM 740 C C3  . TAM B 2 .   ? -8.07339  10.15516  -0.41580  1.000 31.42235 ? 201 TAM A C3  1 
HETATM 741 C C4  . TAM B 2 .   ? -5.58161  10.53433  2.46670   1.000 45.67236 ? 201 TAM A C4  1 
HETATM 742 C C5  . TAM B 2 .   ? -4.72617  11.64556  -0.83930  1.000 38.58619 ? 201 TAM A C5  1 
HETATM 743 C C6  . TAM B 2 .   ? -7.79816  9.35729   -1.69002  1.000 26.13382 ? 201 TAM A C6  1 
HETATM 744 N N   . TAM B 2 .   ? -7.00433  12.29255  0.08288   1.000 37.37982 ? 201 TAM A N   1 
HETATM 745 O O4  . TAM B 2 .   ? -5.26991  9.20890   2.78183   1.000 25.82070 ? 201 TAM A O4  1 
HETATM 746 O O5  . TAM B 2 .   ? -3.43950  11.24626  -1.23866  1.000 45.21616 ? 201 TAM A O5  1 
HETATM 747 O O6  . TAM B 2 .   ? -7.81339  10.16733  -2.85341  1.000 36.31618 ? 201 TAM A O6  1 
HETATM 748 O O   . HOH C 3 .   ? -3.64733  10.60453  -3.58131  1.000 36.23700 ? 301 HOH A O   1 
HETATM 749 O O   . HOH C 3 .   ? 3.27405   -5.62501  8.48475   1.000 33.74475 ? 302 HOH A O   1 
HETATM 750 O O   . HOH C 3 .   ? 0.72892   -7.53734  -21.25436 1.000 37.29997 ? 303 HOH A O   1 
HETATM 751 O O   . HOH C 3 .   ? -2.46971  -1.52618  14.88370  1.000 37.04585 ? 304 HOH A O   1 
HETATM 752 O O   . HOH C 3 .   ? -4.59581  6.56632   -9.48253  1.000 37.31843 ? 305 HOH A O   1 
HETATM 753 O O   . HOH C 3 .   ? -7.60763  6.62414   8.31555   1.000 26.55982 ? 306 HOH A O   1 
HETATM 754 O O   . HOH C 3 .   ? -12.39296 2.46521   8.03110   1.000 24.48709 ? 307 HOH A O   1 
HETATM 755 O O   . HOH C 3 .   ? -2.84191  5.43511   15.23968  1.000 34.97839 ? 308 HOH A O   1 
HETATM 756 O O   . HOH C 3 .   ? -13.96094 2.97134   11.15986  1.000 31.51136 ? 309 HOH A O   1 
HETATM 757 O O   . HOH C 3 .   ? -2.33341  -7.39040  7.26567   1.000 30.69640 ? 310 HOH A O   1 
HETATM 758 O O   . HOH C 3 .   ? 7.16366   -0.13022  -15.67462 1.000 43.02875 ? 311 HOH A O   1 
HETATM 759 O O   . HOH C 3 .   ? -1.09829  -10.63115 -2.65052  1.000 35.96651 ? 312 HOH A O   1 
HETATM 760 O O   . HOH C 3 .   ? 13.91881  -1.74204  -0.21332  1.000 31.62579 ? 313 HOH A O   1 
HETATM 761 O O   . HOH C 3 .   ? -3.26393  -8.88393  5.44139   1.000 36.55299 ? 314 HOH A O   1 
HETATM 762 O O   . HOH C 3 .   ? -9.32734  -2.98495  12.21907  1.000 28.53894 ? 315 HOH A O   1 
HETATM 763 O O   . HOH C 3 .   ? 11.94057  -1.16470  3.32908   1.000 28.31622 ? 316 HOH A O   1 
HETATM 764 O O   . HOH C 3 .   ? 10.51816  1.28381   7.56494   1.000 29.57211 ? 317 HOH A O   1 
HETATM 765 O O   . HOH C 3 .   ? 5.98466   -3.04086  11.84857  1.000 31.31562 ? 318 HOH A O   1 
HETATM 766 O O   . HOH C 3 .   ? -14.02911 4.43671   14.73482  1.000 31.31483 ? 319 HOH A O   1 
HETATM 767 O O   . HOH C 3 .   ? -3.62734  12.89826  -6.04085  1.000 47.10820 ? 320 HOH A O   1 
HETATM 768 O O   . HOH C 3 .   ? 10.93855  1.52807   4.45910   1.000 23.37944 ? 321 HOH A O   1 
# 
